data_3M93
# 
_entry.id   3M93 
# 
_audit_conform.dict_name       mmcif_pdbx.dic 
_audit_conform.dict_version    5.387 
_audit_conform.dict_location   http://mmcif.pdb.org/dictionaries/ascii/mmcif_pdbx.dic 
# 
loop_
_database_2.database_id 
_database_2.database_code 
_database_2.pdbx_database_accession 
_database_2.pdbx_DOI 
PDB   3M93         pdb_00003m93 10.2210/pdb3m93/pdb 
RCSB  RCSB058262   ?            ?                   
WWPDB D_1000058262 ?            ?                   
# 
loop_
_pdbx_audit_revision_history.ordinal 
_pdbx_audit_revision_history.data_content_type 
_pdbx_audit_revision_history.major_revision 
_pdbx_audit_revision_history.minor_revision 
_pdbx_audit_revision_history.revision_date 
1 'Structure model' 1 0 2011-07-20 
2 'Structure model' 1 1 2011-10-12 
3 'Structure model' 1 2 2011-12-14 
4 'Structure model' 1 3 2023-09-06 
5 'Structure model' 2 0 2024-03-06 
# 
_pdbx_audit_revision_details.ordinal             1 
_pdbx_audit_revision_details.revision_ordinal    1 
_pdbx_audit_revision_details.data_content_type   'Structure model' 
_pdbx_audit_revision_details.provider            repository 
_pdbx_audit_revision_details.type                'Initial release' 
_pdbx_audit_revision_details.description         ? 
_pdbx_audit_revision_details.details             ? 
# 
loop_
_pdbx_audit_revision_group.ordinal 
_pdbx_audit_revision_group.revision_ordinal 
_pdbx_audit_revision_group.data_content_type 
_pdbx_audit_revision_group.group 
1 2 'Structure model' 'Database references'     
2 3 'Structure model' 'Database references'     
3 4 'Structure model' 'Data collection'         
4 4 'Structure model' 'Database references'     
5 4 'Structure model' 'Derived calculations'    
6 4 'Structure model' 'Refinement description'  
7 5 'Structure model' 'Data collection'         
8 5 'Structure model' 'Non-polymer description' 
9 5 'Structure model' 'Structure summary'       
# 
loop_
_pdbx_audit_revision_category.ordinal 
_pdbx_audit_revision_category.revision_ordinal 
_pdbx_audit_revision_category.data_content_type 
_pdbx_audit_revision_category.category 
1  4 'Structure model' chem_comp_atom                
2  4 'Structure model' chem_comp_bond                
3  4 'Structure model' database_2                    
4  4 'Structure model' pdbx_initial_refinement_model 
5  4 'Structure model' struct_ref_seq_dif            
6  4 'Structure model' struct_site                   
7  5 'Structure model' chem_comp                     
8  5 'Structure model' chem_comp_atom                
9  5 'Structure model' chem_comp_bond                
10 5 'Structure model' entity                        
# 
loop_
_pdbx_audit_revision_item.ordinal 
_pdbx_audit_revision_item.revision_ordinal 
_pdbx_audit_revision_item.data_content_type 
_pdbx_audit_revision_item.item 
1 4 'Structure model' '_database_2.pdbx_DOI'                
2 4 'Structure model' '_database_2.pdbx_database_accession' 
3 4 'Structure model' '_struct_ref_seq_dif.details'         
4 4 'Structure model' '_struct_site.pdbx_auth_asym_id'      
5 4 'Structure model' '_struct_site.pdbx_auth_comp_id'      
6 4 'Structure model' '_struct_site.pdbx_auth_seq_id'       
7 5 'Structure model' '_chem_comp.formula'                  
8 5 'Structure model' '_chem_comp.formula_weight'           
9 5 'Structure model' '_entity.formula_weight'              
# 
_pdbx_database_status.status_code                     REL 
_pdbx_database_status.entry_id                        3M93 
_pdbx_database_status.recvd_initial_deposition_date   2010-03-19 
_pdbx_database_status.deposit_site                    RCSB 
_pdbx_database_status.process_site                    RCSB 
_pdbx_database_status.status_code_sf                  REL 
_pdbx_database_status.status_code_mr                  ? 
_pdbx_database_status.SG_entry                        Y 
_pdbx_database_status.status_code_cs                  ? 
_pdbx_database_status.pdb_format_compatible           Y 
_pdbx_database_status.status_code_nmr_data            ? 
_pdbx_database_status.methods_development_category    ? 
# 
_pdbx_database_related.db_name        PDB 
_pdbx_database_related.db_id          3M94 
_pdbx_database_related.details        . 
_pdbx_database_related.content_type   unspecified 
# 
loop_
_audit_author.name 
_audit_author.pdbx_ordinal 
'Liu, W.'                                    1 
'Berkeley Structural Genomics Center (BSGC)' 2 
# 
_citation.id                        primary 
_citation.title                     
'Structural basis for nematode eIF4E binding an m2,2,7G-Cap and its implications for translation initiation.' 
_citation.journal_abbrev            'Nucleic Acids Res.' 
_citation.journal_volume            39 
_citation.page_first                8820 
_citation.page_last                 8832 
_citation.year                      2011 
_citation.journal_id_ASTM           NARHAD 
_citation.country                   UK 
_citation.journal_id_ISSN           0305-1048 
_citation.journal_id_CSD            0389 
_citation.book_publisher            ? 
_citation.pdbx_database_id_PubMed   21965542 
_citation.pdbx_database_id_DOI      10.1093/nar/gkr650 
# 
loop_
_citation_author.citation_id 
_citation_author.name 
_citation_author.ordinal 
_citation_author.identifier_ORCID 
primary 'Liu, W.'               1  ? 
primary 'Jankowska-Anyszka, M.' 2  ? 
primary 'Piecyk, K.'            3  ? 
primary 'Dickson, L.'           4  ? 
primary 'Wallace, A.'           5  ? 
primary 'Niedzwiecka, A.'       6  ? 
primary 'Stepinski, J.'         7  ? 
primary 'Stolarski, R.'         8  ? 
primary 'Darzynkiewicz, E.'     9  ? 
primary 'Kieft, J.'             10 ? 
primary 'Zhao, R.'              11 ? 
primary 'Jones, D.N.'           12 ? 
primary 'Davis, R.E.'           13 ? 
# 
loop_
_entity.id 
_entity.type 
_entity.src_method 
_entity.pdbx_description 
_entity.formula_weight 
_entity.pdbx_number_of_molecules 
_entity.pdbx_ec 
_entity.pdbx_mutation 
_entity.pdbx_fragment 
_entity.details 
1 polymer     man 'Translation initiation factor 4E'                              22169.328 1 ? ? 'UNP residues 49-236' ? 
2 polymer     syn 'Eukaryotic translation initiation factor 4E-binding protein 1' 2144.564  1 ? ? 'UNP residues 51-67'  ? 
3 non-polymer syn "7N-METHYL-8-HYDROGUANOSINE-5'-DIPHOSPHATE"                     458.235   1 ? ? ?                     ? 
4 water       nat water                                                           18.015    2 ? ? ?                     ? 
# 
_entity_name_com.entity_id   2 
_entity_name_com.name        
'eIF4E-binding protein 1, 4E-BP1, Phosphorylated heat- and acid-stable protein regulated by insulin 1, PHAS-I' 
# 
loop_
_entity_poly.entity_id 
_entity_poly.type 
_entity_poly.nstd_linkage 
_entity_poly.nstd_monomer 
_entity_poly.pdbx_seq_one_letter_code 
_entity_poly.pdbx_seq_one_letter_code_can 
_entity_poly.pdbx_strand_id 
_entity_poly.pdbx_target_identifier 
1 'polypeptide(L)' no no 
;MRHPLQCHWALWYLKADRSKDWEDCLKQVAVFDTVEDFWSLYNHIQAASGLTWGSDYYLFKEGIKPMWEDENNVKGGRWL
VVVDKQKRAQLLDHYWLELLMAIIGEQFEDNGEYICGAVVNVRQKGDKVSLWTRDSLKDDVNLRIGQILKAKLEIPDTEP
IRYEVHKDSSVRTGSMVKPRIVIPSKDNR
;
;MRHPLQCHWALWYLKADRSKDWEDCLKQVAVFDTVEDFWSLYNHIQAASGLTWGSDYYLFKEGIKPMWEDENNVKGGRWL
VVVDKQKRAQLLDHYWLELLMAIIGEQFEDNGEYICGAVVNVRQKGDKVSLWTRDSLKDDVNLRIGQILKAKLEIPDTEP
IRYEVHKDSSVRTGSMVKPRIVIPSKDNR
;
A ? 
2 'polypeptide(L)' no no RIIYDRKFLMECRNSPV RIIYDRKFLMECRNSPV C ? 
# 
loop_
_pdbx_entity_nonpoly.entity_id 
_pdbx_entity_nonpoly.name 
_pdbx_entity_nonpoly.comp_id 
3 "7N-METHYL-8-HYDROGUANOSINE-5'-DIPHOSPHATE" M7G 
4 water                                       HOH 
# 
loop_
_entity_poly_seq.entity_id 
_entity_poly_seq.num 
_entity_poly_seq.mon_id 
_entity_poly_seq.hetero 
1 1   MET n 
1 2   ARG n 
1 3   HIS n 
1 4   PRO n 
1 5   LEU n 
1 6   GLN n 
1 7   CYS n 
1 8   HIS n 
1 9   TRP n 
1 10  ALA n 
1 11  LEU n 
1 12  TRP n 
1 13  TYR n 
1 14  LEU n 
1 15  LYS n 
1 16  ALA n 
1 17  ASP n 
1 18  ARG n 
1 19  SER n 
1 20  LYS n 
1 21  ASP n 
1 22  TRP n 
1 23  GLU n 
1 24  ASP n 
1 25  CYS n 
1 26  LEU n 
1 27  LYS n 
1 28  GLN n 
1 29  VAL n 
1 30  ALA n 
1 31  VAL n 
1 32  PHE n 
1 33  ASP n 
1 34  THR n 
1 35  VAL n 
1 36  GLU n 
1 37  ASP n 
1 38  PHE n 
1 39  TRP n 
1 40  SER n 
1 41  LEU n 
1 42  TYR n 
1 43  ASN n 
1 44  HIS n 
1 45  ILE n 
1 46  GLN n 
1 47  ALA n 
1 48  ALA n 
1 49  SER n 
1 50  GLY n 
1 51  LEU n 
1 52  THR n 
1 53  TRP n 
1 54  GLY n 
1 55  SER n 
1 56  ASP n 
1 57  TYR n 
1 58  TYR n 
1 59  LEU n 
1 60  PHE n 
1 61  LYS n 
1 62  GLU n 
1 63  GLY n 
1 64  ILE n 
1 65  LYS n 
1 66  PRO n 
1 67  MET n 
1 68  TRP n 
1 69  GLU n 
1 70  ASP n 
1 71  GLU n 
1 72  ASN n 
1 73  ASN n 
1 74  VAL n 
1 75  LYS n 
1 76  GLY n 
1 77  GLY n 
1 78  ARG n 
1 79  TRP n 
1 80  LEU n 
1 81  VAL n 
1 82  VAL n 
1 83  VAL n 
1 84  ASP n 
1 85  LYS n 
1 86  GLN n 
1 87  LYS n 
1 88  ARG n 
1 89  ALA n 
1 90  GLN n 
1 91  LEU n 
1 92  LEU n 
1 93  ASP n 
1 94  HIS n 
1 95  TYR n 
1 96  TRP n 
1 97  LEU n 
1 98  GLU n 
1 99  LEU n 
1 100 LEU n 
1 101 MET n 
1 102 ALA n 
1 103 ILE n 
1 104 ILE n 
1 105 GLY n 
1 106 GLU n 
1 107 GLN n 
1 108 PHE n 
1 109 GLU n 
1 110 ASP n 
1 111 ASN n 
1 112 GLY n 
1 113 GLU n 
1 114 TYR n 
1 115 ILE n 
1 116 CYS n 
1 117 GLY n 
1 118 ALA n 
1 119 VAL n 
1 120 VAL n 
1 121 ASN n 
1 122 VAL n 
1 123 ARG n 
1 124 GLN n 
1 125 LYS n 
1 126 GLY n 
1 127 ASP n 
1 128 LYS n 
1 129 VAL n 
1 130 SER n 
1 131 LEU n 
1 132 TRP n 
1 133 THR n 
1 134 ARG n 
1 135 ASP n 
1 136 SER n 
1 137 LEU n 
1 138 LYS n 
1 139 ASP n 
1 140 ASP n 
1 141 VAL n 
1 142 ASN n 
1 143 LEU n 
1 144 ARG n 
1 145 ILE n 
1 146 GLY n 
1 147 GLN n 
1 148 ILE n 
1 149 LEU n 
1 150 LYS n 
1 151 ALA n 
1 152 LYS n 
1 153 LEU n 
1 154 GLU n 
1 155 ILE n 
1 156 PRO n 
1 157 ASP n 
1 158 THR n 
1 159 GLU n 
1 160 PRO n 
1 161 ILE n 
1 162 ARG n 
1 163 TYR n 
1 164 GLU n 
1 165 VAL n 
1 166 HIS n 
1 167 LYS n 
1 168 ASP n 
1 169 SER n 
1 170 SER n 
1 171 VAL n 
1 172 ARG n 
1 173 THR n 
1 174 GLY n 
1 175 SER n 
1 176 MET n 
1 177 VAL n 
1 178 LYS n 
1 179 PRO n 
1 180 ARG n 
1 181 ILE n 
1 182 VAL n 
1 183 ILE n 
1 184 PRO n 
1 185 SER n 
1 186 LYS n 
1 187 ASP n 
1 188 ASN n 
1 189 ARG n 
2 1   ARG n 
2 2   ILE n 
2 3   ILE n 
2 4   TYR n 
2 5   ASP n 
2 6   ARG n 
2 7   LYS n 
2 8   PHE n 
2 9   LEU n 
2 10  MET n 
2 11  GLU n 
2 12  CYS n 
2 13  ARG n 
2 14  ASN n 
2 15  SER n 
2 16  PRO n 
2 17  VAL n 
# 
_entity_src_gen.entity_id                          1 
_entity_src_gen.pdbx_src_id                        1 
_entity_src_gen.pdbx_alt_source_flag               sample 
_entity_src_gen.pdbx_seq_type                      ? 
_entity_src_gen.pdbx_beg_seq_num                   ? 
_entity_src_gen.pdbx_end_seq_num                   ? 
_entity_src_gen.gene_src_common_name               'Pig roundworm' 
_entity_src_gen.gene_src_genus                     ? 
_entity_src_gen.pdbx_gene_src_gene                 'Ascaris suum' 
_entity_src_gen.gene_src_species                   ? 
_entity_src_gen.gene_src_strain                    'pig roundworm' 
_entity_src_gen.gene_src_tissue                    ? 
_entity_src_gen.gene_src_tissue_fraction           ? 
_entity_src_gen.gene_src_details                   ? 
_entity_src_gen.pdbx_gene_src_fragment             ? 
_entity_src_gen.pdbx_gene_src_scientific_name      'Ascaris suum' 
_entity_src_gen.pdbx_gene_src_ncbi_taxonomy_id     6253 
_entity_src_gen.pdbx_gene_src_variant              ? 
_entity_src_gen.pdbx_gene_src_cell_line            ? 
_entity_src_gen.pdbx_gene_src_atcc                 ? 
_entity_src_gen.pdbx_gene_src_organ                ? 
_entity_src_gen.pdbx_gene_src_organelle            ? 
_entity_src_gen.pdbx_gene_src_cell                 ? 
_entity_src_gen.pdbx_gene_src_cellular_location    ? 
_entity_src_gen.host_org_common_name               ? 
_entity_src_gen.pdbx_host_org_scientific_name      'Escherichia coli' 
_entity_src_gen.pdbx_host_org_ncbi_taxonomy_id     562 
_entity_src_gen.host_org_genus                     ? 
_entity_src_gen.pdbx_host_org_gene                 ? 
_entity_src_gen.pdbx_host_org_organ                ? 
_entity_src_gen.host_org_species                   ? 
_entity_src_gen.pdbx_host_org_tissue               ? 
_entity_src_gen.pdbx_host_org_tissue_fraction      ? 
_entity_src_gen.pdbx_host_org_strain               Rosetta 
_entity_src_gen.pdbx_host_org_variant              ? 
_entity_src_gen.pdbx_host_org_cell_line            ? 
_entity_src_gen.pdbx_host_org_atcc                 ? 
_entity_src_gen.pdbx_host_org_culture_collection   ? 
_entity_src_gen.pdbx_host_org_cell                 ? 
_entity_src_gen.pdbx_host_org_organelle            ? 
_entity_src_gen.pdbx_host_org_cellular_location    ? 
_entity_src_gen.pdbx_host_org_vector_type          Plasmid 
_entity_src_gen.pdbx_host_org_vector               ? 
_entity_src_gen.host_org_details                   ? 
_entity_src_gen.expression_system_id               ? 
_entity_src_gen.plasmid_name                       pET30a 
_entity_src_gen.plasmid_details                    ? 
_entity_src_gen.pdbx_description                   ? 
# 
_pdbx_entity_src_syn.entity_id              2 
_pdbx_entity_src_syn.pdbx_src_id            1 
_pdbx_entity_src_syn.pdbx_alt_source_flag   sample 
_pdbx_entity_src_syn.pdbx_beg_seq_num       ? 
_pdbx_entity_src_syn.pdbx_end_seq_num       ? 
_pdbx_entity_src_syn.organism_scientific    'Homo sapiens' 
_pdbx_entity_src_syn.organism_common_name   human 
_pdbx_entity_src_syn.ncbi_taxonomy_id       9606 
_pdbx_entity_src_syn.details                ? 
# 
loop_
_chem_comp.id 
_chem_comp.type 
_chem_comp.mon_nstd_flag 
_chem_comp.name 
_chem_comp.pdbx_synonyms 
_chem_comp.formula 
_chem_comp.formula_weight 
ALA 'L-peptide linking' y ALANINE                                     ? 'C3 H7 N O2'          89.093  
ARG 'L-peptide linking' y ARGININE                                    ? 'C6 H15 N4 O2 1'      175.209 
ASN 'L-peptide linking' y ASPARAGINE                                  ? 'C4 H8 N2 O3'         132.118 
ASP 'L-peptide linking' y 'ASPARTIC ACID'                             ? 'C4 H7 N O4'          133.103 
CYS 'L-peptide linking' y CYSTEINE                                    ? 'C3 H7 N O2 S'        121.158 
GLN 'L-peptide linking' y GLUTAMINE                                   ? 'C5 H10 N2 O3'        146.144 
GLU 'L-peptide linking' y 'GLUTAMIC ACID'                             ? 'C5 H9 N O4'          147.129 
GLY 'peptide linking'   y GLYCINE                                     ? 'C2 H5 N O2'          75.067  
HIS 'L-peptide linking' y HISTIDINE                                   ? 'C6 H10 N3 O2 1'      156.162 
HOH non-polymer         . WATER                                       ? 'H2 O'                18.015  
ILE 'L-peptide linking' y ISOLEUCINE                                  ? 'C6 H13 N O2'         131.173 
LEU 'L-peptide linking' y LEUCINE                                     ? 'C6 H13 N O2'         131.173 
LYS 'L-peptide linking' y LYSINE                                      ? 'C6 H15 N2 O2 1'      147.195 
M7G non-polymer         . "7N-METHYL-8-HYDROGUANOSINE-5'-DIPHOSPHATE" ? 'C11 H18 N5 O11 P2 1' 458.235 
MET 'L-peptide linking' y METHIONINE                                  ? 'C5 H11 N O2 S'       149.211 
PHE 'L-peptide linking' y PHENYLALANINE                               ? 'C9 H11 N O2'         165.189 
PRO 'L-peptide linking' y PROLINE                                     ? 'C5 H9 N O2'          115.130 
SER 'L-peptide linking' y SERINE                                      ? 'C3 H7 N O3'          105.093 
THR 'L-peptide linking' y THREONINE                                   ? 'C4 H9 N O3'          119.119 
TRP 'L-peptide linking' y TRYPTOPHAN                                  ? 'C11 H12 N2 O2'       204.225 
TYR 'L-peptide linking' y TYROSINE                                    ? 'C9 H11 N O3'         181.189 
VAL 'L-peptide linking' y VALINE                                      ? 'C5 H11 N O2'         117.146 
# 
loop_
_pdbx_poly_seq_scheme.asym_id 
_pdbx_poly_seq_scheme.entity_id 
_pdbx_poly_seq_scheme.seq_id 
_pdbx_poly_seq_scheme.mon_id 
_pdbx_poly_seq_scheme.ndb_seq_num 
_pdbx_poly_seq_scheme.pdb_seq_num 
_pdbx_poly_seq_scheme.auth_seq_num 
_pdbx_poly_seq_scheme.pdb_mon_id 
_pdbx_poly_seq_scheme.auth_mon_id 
_pdbx_poly_seq_scheme.pdb_strand_id 
_pdbx_poly_seq_scheme.pdb_ins_code 
_pdbx_poly_seq_scheme.hetero 
A 1 1   MET 1   48  48  MET MET A . n 
A 1 2   ARG 2   49  49  ARG ARG A . n 
A 1 3   HIS 3   50  50  HIS HIS A . n 
A 1 4   PRO 4   51  51  PRO PRO A . n 
A 1 5   LEU 5   52  52  LEU LEU A . n 
A 1 6   GLN 6   53  53  GLN GLN A . n 
A 1 7   CYS 7   54  54  CYS CYS A . n 
A 1 8   HIS 8   55  55  HIS HIS A . n 
A 1 9   TRP 9   56  56  TRP TRP A . n 
A 1 10  ALA 10  57  57  ALA ALA A . n 
A 1 11  LEU 11  58  58  LEU LEU A . n 
A 1 12  TRP 12  59  59  TRP TRP A . n 
A 1 13  TYR 13  60  60  TYR TYR A . n 
A 1 14  LEU 14  61  61  LEU LEU A . n 
A 1 15  LYS 15  62  62  LYS LYS A . n 
A 1 16  ALA 16  63  63  ALA ALA A . n 
A 1 17  ASP 17  64  64  ASP ASP A . n 
A 1 18  ARG 18  65  65  ARG ARG A . n 
A 1 19  SER 19  66  66  SER SER A . n 
A 1 20  LYS 20  67  67  LYS LYS A . n 
A 1 21  ASP 21  68  68  ASP ASP A . n 
A 1 22  TRP 22  69  69  TRP TRP A . n 
A 1 23  GLU 23  70  70  GLU GLU A . n 
A 1 24  ASP 24  71  71  ASP ASP A . n 
A 1 25  CYS 25  72  72  CYS CYS A . n 
A 1 26  LEU 26  73  73  LEU LEU A . n 
A 1 27  LYS 27  74  74  LYS LYS A . n 
A 1 28  GLN 28  75  75  GLN GLN A . n 
A 1 29  VAL 29  76  76  VAL VAL A . n 
A 1 30  ALA 30  77  77  ALA ALA A . n 
A 1 31  VAL 31  78  78  VAL VAL A . n 
A 1 32  PHE 32  79  79  PHE PHE A . n 
A 1 33  ASP 33  80  80  ASP ASP A . n 
A 1 34  THR 34  81  81  THR THR A . n 
A 1 35  VAL 35  82  82  VAL VAL A . n 
A 1 36  GLU 36  83  83  GLU GLU A . n 
A 1 37  ASP 37  84  84  ASP ASP A . n 
A 1 38  PHE 38  85  85  PHE PHE A . n 
A 1 39  TRP 39  86  86  TRP TRP A . n 
A 1 40  SER 40  87  87  SER SER A . n 
A 1 41  LEU 41  88  88  LEU LEU A . n 
A 1 42  TYR 42  89  89  TYR TYR A . n 
A 1 43  ASN 43  90  90  ASN ASN A . n 
A 1 44  HIS 44  91  91  HIS HIS A . n 
A 1 45  ILE 45  92  92  ILE ILE A . n 
A 1 46  GLN 46  93  93  GLN GLN A . n 
A 1 47  ALA 47  94  94  ALA ALA A . n 
A 1 48  ALA 48  95  95  ALA ALA A . n 
A 1 49  SER 49  96  96  SER SER A . n 
A 1 50  GLY 50  97  97  GLY GLY A . n 
A 1 51  LEU 51  98  98  LEU LEU A . n 
A 1 52  THR 52  99  99  THR THR A . n 
A 1 53  TRP 53  100 100 TRP TRP A . n 
A 1 54  GLY 54  101 101 GLY GLY A . n 
A 1 55  SER 55  102 102 SER SER A . n 
A 1 56  ASP 56  103 103 ASP ASP A . n 
A 1 57  TYR 57  104 104 TYR TYR A . n 
A 1 58  TYR 58  105 105 TYR TYR A . n 
A 1 59  LEU 59  106 106 LEU LEU A . n 
A 1 60  PHE 60  107 107 PHE PHE A . n 
A 1 61  LYS 61  108 108 LYS LYS A . n 
A 1 62  GLU 62  109 109 GLU GLU A . n 
A 1 63  GLY 63  110 110 GLY GLY A . n 
A 1 64  ILE 64  111 111 ILE ILE A . n 
A 1 65  LYS 65  112 112 LYS LYS A . n 
A 1 66  PRO 66  113 113 PRO PRO A . n 
A 1 67  MET 67  114 114 MET MET A . n 
A 1 68  TRP 68  115 115 TRP TRP A . n 
A 1 69  GLU 69  116 116 GLU GLU A . n 
A 1 70  ASP 70  117 117 ASP ASP A . n 
A 1 71  GLU 71  118 118 GLU GLU A . n 
A 1 72  ASN 72  119 119 ASN ASN A . n 
A 1 73  ASN 73  120 120 ASN ASN A . n 
A 1 74  VAL 74  121 121 VAL VAL A . n 
A 1 75  LYS 75  122 122 LYS LYS A . n 
A 1 76  GLY 76  123 123 GLY GLY A . n 
A 1 77  GLY 77  124 124 GLY GLY A . n 
A 1 78  ARG 78  125 125 ARG ARG A . n 
A 1 79  TRP 79  126 126 TRP TRP A . n 
A 1 80  LEU 80  127 127 LEU LEU A . n 
A 1 81  VAL 81  128 128 VAL VAL A . n 
A 1 82  VAL 82  129 129 VAL VAL A . n 
A 1 83  VAL 83  130 130 VAL VAL A . n 
A 1 84  ASP 84  131 131 ASP ASP A . n 
A 1 85  LYS 85  132 132 LYS LYS A . n 
A 1 86  GLN 86  133 133 GLN GLN A . n 
A 1 87  LYS 87  134 134 LYS LYS A . n 
A 1 88  ARG 88  135 135 ARG ARG A . n 
A 1 89  ALA 89  136 136 ALA ALA A . n 
A 1 90  GLN 90  137 137 GLN GLN A . n 
A 1 91  LEU 91  138 138 LEU LEU A . n 
A 1 92  LEU 92  139 139 LEU LEU A . n 
A 1 93  ASP 93  140 140 ASP ASP A . n 
A 1 94  HIS 94  141 141 HIS HIS A . n 
A 1 95  TYR 95  142 142 TYR TYR A . n 
A 1 96  TRP 96  143 143 TRP TRP A . n 
A 1 97  LEU 97  144 144 LEU LEU A . n 
A 1 98  GLU 98  145 145 GLU GLU A . n 
A 1 99  LEU 99  146 146 LEU LEU A . n 
A 1 100 LEU 100 147 147 LEU LEU A . n 
A 1 101 MET 101 148 148 MET MET A . n 
A 1 102 ALA 102 149 149 ALA ALA A . n 
A 1 103 ILE 103 150 150 ILE ILE A . n 
A 1 104 ILE 104 151 151 ILE ILE A . n 
A 1 105 GLY 105 152 152 GLY GLY A . n 
A 1 106 GLU 106 153 153 GLU GLU A . n 
A 1 107 GLN 107 154 154 GLN GLN A . n 
A 1 108 PHE 108 155 155 PHE PHE A . n 
A 1 109 GLU 109 156 156 GLU GLU A . n 
A 1 110 ASP 110 157 157 ASP ASP A . n 
A 1 111 ASN 111 158 158 ASN ASN A . n 
A 1 112 GLY 112 159 159 GLY GLY A . n 
A 1 113 GLU 113 160 160 GLU GLU A . n 
A 1 114 TYR 114 161 161 TYR TYR A . n 
A 1 115 ILE 115 162 162 ILE ILE A . n 
A 1 116 CYS 116 163 163 CYS CYS A . n 
A 1 117 GLY 117 164 164 GLY GLY A . n 
A 1 118 ALA 118 165 165 ALA ALA A . n 
A 1 119 VAL 119 166 166 VAL VAL A . n 
A 1 120 VAL 120 167 167 VAL VAL A . n 
A 1 121 ASN 121 168 168 ASN ASN A . n 
A 1 122 VAL 122 169 169 VAL VAL A . n 
A 1 123 ARG 123 170 170 ARG ARG A . n 
A 1 124 GLN 124 171 171 GLN GLN A . n 
A 1 125 LYS 125 172 172 LYS LYS A . n 
A 1 126 GLY 126 173 173 GLY GLY A . n 
A 1 127 ASP 127 174 174 ASP ASP A . n 
A 1 128 LYS 128 175 175 LYS LYS A . n 
A 1 129 VAL 129 176 176 VAL VAL A . n 
A 1 130 SER 130 177 177 SER SER A . n 
A 1 131 LEU 131 178 178 LEU LEU A . n 
A 1 132 TRP 132 179 179 TRP TRP A . n 
A 1 133 THR 133 180 180 THR THR A . n 
A 1 134 ARG 134 181 181 ARG ARG A . n 
A 1 135 ASP 135 182 182 ASP ASP A . n 
A 1 136 SER 136 183 183 SER SER A . n 
A 1 137 LEU 137 184 184 LEU LEU A . n 
A 1 138 LYS 138 185 185 LYS LYS A . n 
A 1 139 ASP 139 186 186 ASP ASP A . n 
A 1 140 ASP 140 187 187 ASP ASP A . n 
A 1 141 VAL 141 188 188 VAL VAL A . n 
A 1 142 ASN 142 189 189 ASN ASN A . n 
A 1 143 LEU 143 190 190 LEU LEU A . n 
A 1 144 ARG 144 191 191 ARG ARG A . n 
A 1 145 ILE 145 192 192 ILE ILE A . n 
A 1 146 GLY 146 193 193 GLY GLY A . n 
A 1 147 GLN 147 194 194 GLN GLN A . n 
A 1 148 ILE 148 195 195 ILE ILE A . n 
A 1 149 LEU 149 196 196 LEU LEU A . n 
A 1 150 LYS 150 197 197 LYS LYS A . n 
A 1 151 ALA 151 198 198 ALA ALA A . n 
A 1 152 LYS 152 199 199 LYS LYS A . n 
A 1 153 LEU 153 200 200 LEU LEU A . n 
A 1 154 GLU 154 201 201 GLU GLU A . n 
A 1 155 ILE 155 202 202 ILE ILE A . n 
A 1 156 PRO 156 203 203 PRO PRO A . n 
A 1 157 ASP 157 204 204 ASP ASP A . n 
A 1 158 THR 158 205 205 THR THR A . n 
A 1 159 GLU 159 206 206 GLU GLU A . n 
A 1 160 PRO 160 207 207 PRO PRO A . n 
A 1 161 ILE 161 208 208 ILE ILE A . n 
A 1 162 ARG 162 209 209 ARG ARG A . n 
A 1 163 TYR 163 210 210 TYR TYR A . n 
A 1 164 GLU 164 211 211 GLU GLU A . n 
A 1 165 VAL 165 212 212 VAL VAL A . n 
A 1 166 HIS 166 213 213 HIS HIS A . n 
A 1 167 LYS 167 214 ?   ?   ?   A . n 
A 1 168 ASP 168 215 ?   ?   ?   A . n 
A 1 169 SER 169 216 ?   ?   ?   A . n 
A 1 170 SER 170 217 ?   ?   ?   A . n 
A 1 171 VAL 171 218 ?   ?   ?   A . n 
A 1 172 ARG 172 219 ?   ?   ?   A . n 
A 1 173 THR 173 220 220 THR ALA A . n 
A 1 174 GLY 174 221 221 GLY GLY A . n 
A 1 175 SER 175 222 222 SER SER A . n 
A 1 176 MET 176 223 223 MET MET A . n 
A 1 177 VAL 177 224 224 VAL VAL A . n 
A 1 178 LYS 178 225 225 LYS LYS A . n 
A 1 179 PRO 179 226 226 PRO PRO A . n 
A 1 180 ARG 180 227 227 ARG ARG A . n 
A 1 181 ILE 181 228 228 ILE ILE A . n 
A 1 182 VAL 182 229 229 VAL VAL A . n 
A 1 183 ILE 183 230 230 ILE ILE A . n 
A 1 184 PRO 184 231 231 PRO PRO A . n 
A 1 185 SER 185 232 232 SER SER A . n 
A 1 186 LYS 186 233 233 LYS LYS A . n 
A 1 187 ASP 187 234 ?   ?   ?   A . n 
A 1 188 ASN 188 235 ?   ?   ?   A . n 
A 1 189 ARG 189 236 ?   ?   ?   A . n 
B 2 1   ARG 1   1   1   ARG ARG C . n 
B 2 2   ILE 2   2   2   ILE ILE C . n 
B 2 3   ILE 3   3   3   ILE ILE C . n 
B 2 4   TYR 4   4   4   TYR TYR C . n 
B 2 5   ASP 5   5   5   ASP ASP C . n 
B 2 6   ARG 6   6   6   ARG ARG C . n 
B 2 7   LYS 7   7   7   LYS LYS C . n 
B 2 8   PHE 8   8   8   PHE PHE C . n 
B 2 9   LEU 9   9   9   LEU LEU C . n 
B 2 10  MET 10  10  10  MET MET C . n 
B 2 11  GLU 11  11  11  GLU GLU C . n 
B 2 12  CYS 12  12  12  CYS CYS C . n 
B 2 13  ARG 13  13  13  ARG ARG C . n 
B 2 14  ASN 14  14  ?   ?   ?   C . n 
B 2 15  SER 15  15  ?   ?   ?   C . n 
B 2 16  PRO 16  16  ?   ?   ?   C . n 
B 2 17  VAL 17  17  ?   ?   ?   C . n 
# 
loop_
_pdbx_nonpoly_scheme.asym_id 
_pdbx_nonpoly_scheme.entity_id 
_pdbx_nonpoly_scheme.mon_id 
_pdbx_nonpoly_scheme.ndb_seq_num 
_pdbx_nonpoly_scheme.pdb_seq_num 
_pdbx_nonpoly_scheme.auth_seq_num 
_pdbx_nonpoly_scheme.pdb_mon_id 
_pdbx_nonpoly_scheme.auth_mon_id 
_pdbx_nonpoly_scheme.pdb_strand_id 
_pdbx_nonpoly_scheme.pdb_ins_code 
C 3 M7G 1 1   1 M7G M7G A . 
D 4 HOH 1 2   2 HOH HOH A . 
D 4 HOH 2 237 1 HOH HOH A . 
# 
loop_
_pdbx_unobs_or_zero_occ_atoms.id 
_pdbx_unobs_or_zero_occ_atoms.PDB_model_num 
_pdbx_unobs_or_zero_occ_atoms.polymer_flag 
_pdbx_unobs_or_zero_occ_atoms.occupancy_flag 
_pdbx_unobs_or_zero_occ_atoms.auth_asym_id 
_pdbx_unobs_or_zero_occ_atoms.auth_comp_id 
_pdbx_unobs_or_zero_occ_atoms.auth_seq_id 
_pdbx_unobs_or_zero_occ_atoms.PDB_ins_code 
_pdbx_unobs_or_zero_occ_atoms.auth_atom_id 
_pdbx_unobs_or_zero_occ_atoms.label_alt_id 
_pdbx_unobs_or_zero_occ_atoms.label_asym_id 
_pdbx_unobs_or_zero_occ_atoms.label_comp_id 
_pdbx_unobs_or_zero_occ_atoms.label_seq_id 
_pdbx_unobs_or_zero_occ_atoms.label_atom_id 
1  1 Y 1 A LYS 62  ? CG  ? A LYS 15  CG  
2  1 Y 1 A LYS 62  ? CD  ? A LYS 15  CD  
3  1 Y 1 A LYS 62  ? CE  ? A LYS 15  CE  
4  1 Y 1 A LYS 62  ? NZ  ? A LYS 15  NZ  
5  1 Y 1 A ARG 65  ? CG  ? A ARG 18  CG  
6  1 Y 1 A ARG 65  ? CD  ? A ARG 18  CD  
7  1 Y 1 A ARG 65  ? NE  ? A ARG 18  NE  
8  1 Y 1 A ARG 65  ? CZ  ? A ARG 18  CZ  
9  1 Y 1 A ARG 65  ? NH1 ? A ARG 18  NH1 
10 1 Y 1 A ARG 65  ? NH2 ? A ARG 18  NH2 
11 1 Y 1 A LYS 67  ? CG  ? A LYS 20  CG  
12 1 Y 1 A LYS 67  ? CD  ? A LYS 20  CD  
13 1 Y 1 A LYS 67  ? CE  ? A LYS 20  CE  
14 1 Y 1 A LYS 67  ? NZ  ? A LYS 20  NZ  
15 1 Y 1 A LYS 112 ? CG  ? A LYS 65  CG  
16 1 Y 1 A LYS 112 ? CD  ? A LYS 65  CD  
17 1 Y 1 A LYS 112 ? CE  ? A LYS 65  CE  
18 1 Y 1 A LYS 112 ? NZ  ? A LYS 65  NZ  
19 1 Y 1 A LYS 122 ? CG  ? A LYS 75  CG  
20 1 Y 1 A LYS 122 ? CD  ? A LYS 75  CD  
21 1 Y 1 A LYS 122 ? CE  ? A LYS 75  CE  
22 1 Y 1 A LYS 122 ? NZ  ? A LYS 75  NZ  
23 1 Y 1 A LYS 132 ? CG  ? A LYS 85  CG  
24 1 Y 1 A LYS 132 ? CD  ? A LYS 85  CD  
25 1 Y 1 A LYS 132 ? CE  ? A LYS 85  CE  
26 1 Y 1 A LYS 132 ? NZ  ? A LYS 85  NZ  
27 1 Y 1 A LYS 134 ? CG  ? A LYS 87  CG  
28 1 Y 1 A LYS 134 ? CD  ? A LYS 87  CD  
29 1 Y 1 A LYS 134 ? CE  ? A LYS 87  CE  
30 1 Y 1 A LYS 134 ? NZ  ? A LYS 87  NZ  
31 1 Y 1 A GLN 171 ? CG  ? A GLN 124 CG  
32 1 Y 1 A GLN 171 ? CD  ? A GLN 124 CD  
33 1 Y 1 A GLN 171 ? OE1 ? A GLN 124 OE1 
34 1 Y 1 A GLN 171 ? NE2 ? A GLN 124 NE2 
35 1 Y 1 A LYS 172 ? CG  ? A LYS 125 CG  
36 1 Y 1 A LYS 172 ? CD  ? A LYS 125 CD  
37 1 Y 1 A LYS 172 ? CE  ? A LYS 125 CE  
38 1 Y 1 A LYS 172 ? NZ  ? A LYS 125 NZ  
39 1 Y 1 A LYS 185 ? CG  ? A LYS 138 CG  
40 1 Y 1 A LYS 185 ? CD  ? A LYS 138 CD  
41 1 Y 1 A LYS 185 ? CE  ? A LYS 138 CE  
42 1 Y 1 A LYS 185 ? NZ  ? A LYS 138 NZ  
43 1 Y 1 A GLU 206 ? CG  ? A GLU 159 CG  
44 1 Y 1 A GLU 206 ? CD  ? A GLU 159 CD  
45 1 Y 1 A GLU 206 ? OE1 ? A GLU 159 OE1 
46 1 Y 1 A GLU 206 ? OE2 ? A GLU 159 OE2 
47 1 Y 1 A THR 220 ? OG1 ? A THR 173 OG1 
48 1 Y 1 A THR 220 ? CG2 ? A THR 173 CG2 
49 1 Y 1 A VAL 224 ? CG1 ? A VAL 177 CG1 
50 1 Y 1 A VAL 224 ? CG2 ? A VAL 177 CG2 
51 1 Y 1 A LYS 225 ? CG  ? A LYS 178 CG  
52 1 Y 1 A LYS 225 ? CD  ? A LYS 178 CD  
53 1 Y 1 A LYS 225 ? CE  ? A LYS 178 CE  
54 1 Y 1 A LYS 225 ? NZ  ? A LYS 178 NZ  
55 1 Y 1 A LYS 233 ? CG  ? A LYS 186 CG  
56 1 Y 1 A LYS 233 ? CD  ? A LYS 186 CD  
57 1 Y 1 A LYS 233 ? CE  ? A LYS 186 CE  
58 1 Y 1 A LYS 233 ? NZ  ? A LYS 186 NZ  
59 1 Y 1 C LYS 7   ? CG  ? B LYS 7   CG  
60 1 Y 1 C LYS 7   ? CD  ? B LYS 7   CD  
61 1 Y 1 C LYS 7   ? CE  ? B LYS 7   CE  
62 1 Y 1 C LYS 7   ? NZ  ? B LYS 7   NZ  
63 1 Y 1 C GLU 11  ? CG  ? B GLU 11  CG  
64 1 Y 1 C GLU 11  ? CD  ? B GLU 11  CD  
65 1 Y 1 C GLU 11  ? OE1 ? B GLU 11  OE1 
66 1 Y 1 C GLU 11  ? OE2 ? B GLU 11  OE2 
# 
loop_
_software.name 
_software.classification 
_software.version 
_software.citation_id 
_software.pdbx_ordinal 
d*TREK 'data scaling'   .        ? 1 
PHASES phasing          .        ? 2 
REFMAC refinement       5.5.0072 ? 3 
d*TREK 'data reduction' .        ? 4 
# 
_cell.entry_id           3M93 
_cell.length_a           104.620 
_cell.length_b           104.620 
_cell.length_c           47.220 
_cell.angle_alpha        90.00 
_cell.angle_beta         90.00 
_cell.angle_gamma        90.00 
_cell.Z_PDB              8 
_cell.pdbx_unique_axis   ? 
_cell.length_a_esd       ? 
_cell.length_b_esd       ? 
_cell.length_c_esd       ? 
_cell.angle_alpha_esd    ? 
_cell.angle_beta_esd     ? 
_cell.angle_gamma_esd    ? 
# 
_symmetry.entry_id                         3M93 
_symmetry.space_group_name_H-M             'I 41' 
_symmetry.pdbx_full_space_group_name_H-M   ? 
_symmetry.cell_setting                     ? 
_symmetry.Int_Tables_number                80 
_symmetry.space_group_name_Hall            ? 
# 
_exptl.entry_id          3M93 
_exptl.method            'X-RAY DIFFRACTION' 
_exptl.crystals_number   1 
# 
_exptl_crystal.id                    1 
_exptl_crystal.density_meas          ? 
_exptl_crystal.density_Matthews      2.66 
_exptl_crystal.density_percent_sol   53.71 
_exptl_crystal.description           ? 
_exptl_crystal.F_000                 ? 
_exptl_crystal.preparation           ? 
# 
_exptl_crystal_grow.crystal_id      1 
_exptl_crystal_grow.method          'VAPOR DIFFUSION' 
_exptl_crystal_grow.temp            277 
_exptl_crystal_grow.temp_details    ? 
_exptl_crystal_grow.pH              5.6 
_exptl_crystal_grow.pdbx_details    
'20% MMG PEG 2000, 0.2 M (NH4)2SO4, and 100 mM Na-Critate, pH 5.6, VAPOR DIFFUSION, temperature 277K' 
_exptl_crystal_grow.pdbx_pH_range   ? 
# 
_diffrn.id                     1 
_diffrn.ambient_temp           100 
_diffrn.ambient_temp_details   ? 
_diffrn.crystal_id             1 
# 
_diffrn_detector.diffrn_id              1 
_diffrn_detector.detector               CCD 
_diffrn_detector.type                   NOIR-1 
_diffrn_detector.pdbx_collection_date   2009-02-10 
_diffrn_detector.details                ? 
# 
_diffrn_radiation.diffrn_id                        1 
_diffrn_radiation.wavelength_id                    1 
_diffrn_radiation.pdbx_monochromatic_or_laue_m_l   M 
_diffrn_radiation.monochromator                    'double crystal' 
_diffrn_radiation.pdbx_diffrn_protocol             'SINGLE WAVELENGTH' 
_diffrn_radiation.pdbx_scattering_type             x-ray 
# 
_diffrn_radiation_wavelength.id           1 
_diffrn_radiation_wavelength.wavelength   1 
_diffrn_radiation_wavelength.wt           1.0 
# 
_diffrn_source.diffrn_id                   1 
_diffrn_source.source                      SYNCHROTRON 
_diffrn_source.type                        'ALS BEAMLINE 4.2.2' 
_diffrn_source.pdbx_synchrotron_site       ALS 
_diffrn_source.pdbx_synchrotron_beamline   4.2.2 
_diffrn_source.pdbx_wavelength             ? 
_diffrn_source.pdbx_wavelength_list        1 
# 
_reflns.entry_id                     3M93 
_reflns.observed_criterion_sigma_I   0 
_reflns.observed_criterion_sigma_F   2.90 
_reflns.d_resolution_low             36.99 
_reflns.d_resolution_high            2.9 
_reflns.number_obs                   5719 
_reflns.number_all                   ? 
_reflns.percent_possible_obs         98.5 
_reflns.pdbx_Rmerge_I_obs            0.113 
_reflns.pdbx_Rsym_value              0.113 
_reflns.pdbx_netI_over_sigmaI        ? 
_reflns.B_iso_Wilson_estimate        ? 
_reflns.pdbx_redundancy              3.4 
_reflns.R_free_details               ? 
_reflns.limit_h_max                  ? 
_reflns.limit_h_min                  ? 
_reflns.limit_k_max                  ? 
_reflns.limit_k_min                  ? 
_reflns.limit_l_max                  ? 
_reflns.limit_l_min                  ? 
_reflns.observed_criterion_F_max     ? 
_reflns.observed_criterion_F_min     ? 
_reflns.pdbx_chi_squared             ? 
_reflns.pdbx_scaling_rejects         ? 
_reflns.pdbx_ordinal                 1 
_reflns.pdbx_diffrn_id               1 
# 
_reflns_shell.d_res_high             2.90 
_reflns_shell.d_res_low              2.974 
_reflns_shell.percent_possible_all   ? 
_reflns_shell.Rmerge_I_obs           ? 
_reflns_shell.pdbx_Rsym_value        ? 
_reflns_shell.meanI_over_sigI_obs    ? 
_reflns_shell.pdbx_redundancy        ? 
_reflns_shell.percent_possible_obs   ? 
_reflns_shell.number_unique_all      ? 
_reflns_shell.number_measured_all    ? 
_reflns_shell.number_measured_obs    ? 
_reflns_shell.number_unique_obs      ? 
_reflns_shell.pdbx_chi_squared       ? 
_reflns_shell.pdbx_ordinal           1 
_reflns_shell.pdbx_diffrn_id         1 
# 
_refine.entry_id                                 3M93 
_refine.ls_number_reflns_obs                     5122 
_refine.ls_number_reflns_all                     5719 
_refine.pdbx_ls_sigma_I                          2.9 
_refine.pdbx_ls_sigma_F                          1.8 
_refine.pdbx_data_cutoff_high_absF               ? 
_refine.pdbx_data_cutoff_low_absF                ? 
_refine.pdbx_data_cutoff_high_rms_absF           ? 
_refine.ls_d_res_low                             14.92 
_refine.ls_d_res_high                            2.90 
_refine.ls_percent_reflns_obs                    98.56 
_refine.ls_R_factor_obs                          0.24469 
_refine.ls_R_factor_all                          0.298 
_refine.ls_R_factor_R_work                       0.23934 
_refine.ls_R_factor_R_free                       0.29372 
_refine.ls_R_factor_R_free_error                 ? 
_refine.ls_R_factor_R_free_error_details         ? 
_refine.ls_percent_reflns_R_free                 9.7 
_refine.ls_number_reflns_R_free                  550 
_refine.ls_number_parameters                     ? 
_refine.ls_number_restraints                     ? 
_refine.occupancy_min                            ? 
_refine.occupancy_max                            ? 
_refine.correlation_coeff_Fo_to_Fc               0.906 
_refine.correlation_coeff_Fo_to_Fc_free          0.861 
_refine.B_iso_mean                               43.926 
_refine.aniso_B[1][1]                            -2.00 
_refine.aniso_B[2][2]                            -2.00 
_refine.aniso_B[3][3]                            4.00 
_refine.aniso_B[1][2]                            0.00 
_refine.aniso_B[1][3]                            0.00 
_refine.aniso_B[2][3]                            0.00 
_refine.solvent_model_details                    MASK 
_refine.solvent_model_param_ksol                 ? 
_refine.solvent_model_param_bsol                 ? 
_refine.pdbx_solvent_vdw_probe_radii             1.20 
_refine.pdbx_solvent_ion_probe_radii             0.80 
_refine.pdbx_solvent_shrinkage_radii             0.80 
_refine.pdbx_ls_cross_valid_method               THROUGHOUT 
_refine.details                                  ? 
_refine.pdbx_starting_model                      2V8W 
_refine.pdbx_method_to_determine_struct          'MOLECULAR REPLACEMENT' 
_refine.pdbx_isotropic_thermal_model             ? 
_refine.pdbx_stereochemistry_target_values       'MAXIMUM LIKELIHOOD' 
_refine.pdbx_stereochem_target_val_spec_case     ? 
_refine.pdbx_R_Free_selection_details            RANDOM 
_refine.pdbx_overall_ESU_R_Free                  0.491 
_refine.overall_SU_ML                            0.392 
_refine.overall_SU_B                             21.211 
_refine.ls_redundancy_reflns_obs                 ? 
_refine.B_iso_min                                ? 
_refine.B_iso_max                                ? 
_refine.overall_SU_R_Cruickshank_DPI             ? 
_refine.overall_SU_R_free                        ? 
_refine.ls_wR_factor_R_free                      ? 
_refine.ls_wR_factor_R_work                      ? 
_refine.overall_FOM_free_R_set                   ? 
_refine.overall_FOM_work_R_set                   ? 
_refine.pdbx_overall_phase_error                 ? 
_refine.pdbx_refine_id                           'X-RAY DIFFRACTION' 
_refine.pdbx_overall_ESU_R                       ? 
_refine.pdbx_diffrn_id                           1 
_refine.pdbx_TLS_residual_ADP_flag               ? 
_refine.pdbx_overall_SU_R_free_Cruickshank_DPI   ? 
_refine.pdbx_overall_SU_R_Blow_DPI               ? 
_refine.pdbx_overall_SU_R_free_Blow_DPI          ? 
# 
_refine_hist.pdbx_refine_id                   'X-RAY DIFFRACTION' 
_refine_hist.cycle_id                         LAST 
_refine_hist.pdbx_number_atoms_protein        1541 
_refine_hist.pdbx_number_atoms_nucleic_acid   0 
_refine_hist.pdbx_number_atoms_ligand         29 
_refine_hist.number_atoms_solvent             2 
_refine_hist.number_atoms_total               1572 
_refine_hist.d_res_high                       2.90 
_refine_hist.d_res_low                        14.92 
# 
loop_
_refine_ls_restr.type 
_refine_ls_restr.dev_ideal 
_refine_ls_restr.dev_ideal_target 
_refine_ls_restr.weight 
_refine_ls_restr.number 
_refine_ls_restr.pdbx_refine_id 
_refine_ls_restr.pdbx_restraint_function 
r_bond_refined_d             0.011  0.021  ? 1612 'X-RAY DIFFRACTION' ? 
r_bond_other_d               ?      ?      ? ?    'X-RAY DIFFRACTION' ? 
r_angle_refined_deg          1.353  1.954  ? 2202 'X-RAY DIFFRACTION' ? 
r_angle_other_deg            ?      ?      ? ?    'X-RAY DIFFRACTION' ? 
r_dihedral_angle_1_deg       5.940  5.000  ? 190  'X-RAY DIFFRACTION' ? 
r_dihedral_angle_2_deg       36.062 23.718 ? 78   'X-RAY DIFFRACTION' ? 
r_dihedral_angle_3_deg       18.155 15.000 ? 247  'X-RAY DIFFRACTION' ? 
r_dihedral_angle_4_deg       21.467 15.000 ? 11   'X-RAY DIFFRACTION' ? 
r_chiral_restr               0.093  0.200  ? 236  'X-RAY DIFFRACTION' ? 
r_gen_planes_refined         0.004  0.021  ? 1235 'X-RAY DIFFRACTION' ? 
r_gen_planes_other           ?      ?      ? ?    'X-RAY DIFFRACTION' ? 
r_nbd_refined                ?      ?      ? ?    'X-RAY DIFFRACTION' ? 
r_nbd_other                  ?      ?      ? ?    'X-RAY DIFFRACTION' ? 
r_nbtor_refined              ?      ?      ? ?    'X-RAY DIFFRACTION' ? 
r_nbtor_other                ?      ?      ? ?    'X-RAY DIFFRACTION' ? 
r_xyhbond_nbd_refined        ?      ?      ? ?    'X-RAY DIFFRACTION' ? 
r_xyhbond_nbd_other          ?      ?      ? ?    'X-RAY DIFFRACTION' ? 
r_metal_ion_refined          ?      ?      ? ?    'X-RAY DIFFRACTION' ? 
r_metal_ion_other            ?      ?      ? ?    'X-RAY DIFFRACTION' ? 
r_symmetry_vdw_refined       ?      ?      ? ?    'X-RAY DIFFRACTION' ? 
r_symmetry_vdw_other         ?      ?      ? ?    'X-RAY DIFFRACTION' ? 
r_symmetry_hbond_refined     ?      ?      ? ?    'X-RAY DIFFRACTION' ? 
r_symmetry_hbond_other       ?      ?      ? ?    'X-RAY DIFFRACTION' ? 
r_symmetry_metal_ion_refined ?      ?      ? ?    'X-RAY DIFFRACTION' ? 
r_symmetry_metal_ion_other   ?      ?      ? ?    'X-RAY DIFFRACTION' ? 
r_mcbond_it                  0.551  1.500  ? 958  'X-RAY DIFFRACTION' ? 
r_mcbond_other               ?      ?      ? ?    'X-RAY DIFFRACTION' ? 
r_mcangle_it                 1.035  2.000  ? 1527 'X-RAY DIFFRACTION' ? 
r_scbond_it                  1.045  3.000  ? 654  'X-RAY DIFFRACTION' ? 
r_scangle_it                 1.770  4.500  ? 675  'X-RAY DIFFRACTION' ? 
r_rigid_bond_restr           ?      ?      ? ?    'X-RAY DIFFRACTION' ? 
r_sphericity_free            ?      ?      ? ?    'X-RAY DIFFRACTION' ? 
r_sphericity_bonded          ?      ?      ? ?    'X-RAY DIFFRACTION' ? 
# 
_refine_ls_shell.pdbx_total_number_of_bins_used   20 
_refine_ls_shell.d_res_high                       2.90 
_refine_ls_shell.d_res_low                        2.974 
_refine_ls_shell.number_reflns_R_work             374 
_refine_ls_shell.R_factor_R_work                  0.357 
_refine_ls_shell.percent_reflns_obs               98.30 
_refine_ls_shell.R_factor_R_free                  0.311 
_refine_ls_shell.R_factor_R_free_error            ? 
_refine_ls_shell.percent_reflns_R_free            ? 
_refine_ls_shell.number_reflns_R_free             30 
_refine_ls_shell.number_reflns_all                ? 
_refine_ls_shell.R_factor_all                     ? 
_refine_ls_shell.number_reflns_obs                ? 
_refine_ls_shell.redundancy_reflns_obs            ? 
_refine_ls_shell.pdbx_refine_id                   'X-RAY DIFFRACTION' 
# 
_struct.entry_id                  3M93 
_struct.title                     'Complex crystal structure of Ascaris suum eIF4E-3 with m7G cap' 
_struct.pdbx_model_details        ? 
_struct.pdbx_CASP_flag            ? 
_struct.pdbx_model_type_details   ? 
# 
_struct_keywords.entry_id        3M93 
_struct_keywords.pdbx_keywords   TRANSLATION 
_struct_keywords.text            'eIF4E, Berkeley Structural Genomics Center, BSGC, TRANSLATION' 
# 
loop_
_struct_asym.id 
_struct_asym.pdbx_blank_PDB_chainid_flag 
_struct_asym.pdbx_modified 
_struct_asym.entity_id 
_struct_asym.details 
A N N 1 ? 
B N N 2 ? 
C N N 3 ? 
D N N 4 ? 
# 
loop_
_struct_ref.id 
_struct_ref.db_name 
_struct_ref.db_code 
_struct_ref.pdbx_db_accession 
_struct_ref.entity_id 
_struct_ref.pdbx_seq_one_letter_code 
_struct_ref.pdbx_align_begin 
_struct_ref.pdbx_db_isoform 
1 UNP Q6PKX2_ASCSU Q6PKX2 1 
;RHPLQCHWALWYLKADRSKDWEDCLKQVAVFDTVEDFWSLYNHIQAASGLTWGSDYYLFKEGIKPMWEDENNVKGGRWLV
VVDKQKRAQLLDHYWLELLMAIIGEQFEDNGEYICGAVVNVRQKGDKVSLWTRDSLKDDVNLRIGQILKAKLEIPDTEPI
RYEVHKDSSVRTGSMVKPRIVIPSKDNR
;
49 ? 
2 UNP 4EBP1_HUMAN  Q13541 2 RIIYDRKFLMECRNSPV 51 ? 
# 
loop_
_struct_ref_seq.align_id 
_struct_ref_seq.ref_id 
_struct_ref_seq.pdbx_PDB_id_code 
_struct_ref_seq.pdbx_strand_id 
_struct_ref_seq.seq_align_beg 
_struct_ref_seq.pdbx_seq_align_beg_ins_code 
_struct_ref_seq.seq_align_end 
_struct_ref_seq.pdbx_seq_align_end_ins_code 
_struct_ref_seq.pdbx_db_accession 
_struct_ref_seq.db_align_beg 
_struct_ref_seq.pdbx_db_align_beg_ins_code 
_struct_ref_seq.db_align_end 
_struct_ref_seq.pdbx_db_align_end_ins_code 
_struct_ref_seq.pdbx_auth_seq_align_beg 
_struct_ref_seq.pdbx_auth_seq_align_end 
1 1 3M93 A 2 ? 189 ? Q6PKX2 49 ? 236 ? 49 236 
2 2 3M93 C 1 ? 17  ? Q13541 51 ? 67  ? 1  17  
# 
_struct_ref_seq_dif.align_id                     1 
_struct_ref_seq_dif.pdbx_pdb_id_code             3M93 
_struct_ref_seq_dif.mon_id                       MET 
_struct_ref_seq_dif.pdbx_pdb_strand_id           A 
_struct_ref_seq_dif.seq_num                      1 
_struct_ref_seq_dif.pdbx_pdb_ins_code            ? 
_struct_ref_seq_dif.pdbx_seq_db_name             UNP 
_struct_ref_seq_dif.pdbx_seq_db_accession_code   Q6PKX2 
_struct_ref_seq_dif.db_mon_id                    ? 
_struct_ref_seq_dif.pdbx_seq_db_seq_num          ? 
_struct_ref_seq_dif.details                      'initiating methionine' 
_struct_ref_seq_dif.pdbx_auth_seq_num            48 
_struct_ref_seq_dif.pdbx_ordinal                 1 
# 
_pdbx_struct_assembly.id                   1 
_pdbx_struct_assembly.details              author_and_software_defined_assembly 
_pdbx_struct_assembly.method_details       PISA 
_pdbx_struct_assembly.oligomeric_details   dimeric 
_pdbx_struct_assembly.oligomeric_count     2 
# 
loop_
_pdbx_struct_assembly_prop.biol_id 
_pdbx_struct_assembly_prop.type 
_pdbx_struct_assembly_prop.value 
_pdbx_struct_assembly_prop.details 
1 'ABSA (A^2)' 1940 ? 
1 MORE         -10  ? 
1 'SSA (A^2)'  9880 ? 
# 
_pdbx_struct_assembly_gen.assembly_id       1 
_pdbx_struct_assembly_gen.oper_expression   1 
_pdbx_struct_assembly_gen.asym_id_list      A,B,C,D 
# 
_pdbx_struct_oper_list.id                   1 
_pdbx_struct_oper_list.type                 'identity operation' 
_pdbx_struct_oper_list.name                 1_555 
_pdbx_struct_oper_list.symmetry_operation   x,y,z 
_pdbx_struct_oper_list.matrix[1][1]         1.0000000000 
_pdbx_struct_oper_list.matrix[1][2]         0.0000000000 
_pdbx_struct_oper_list.matrix[1][3]         0.0000000000 
_pdbx_struct_oper_list.vector[1]            0.0000000000 
_pdbx_struct_oper_list.matrix[2][1]         0.0000000000 
_pdbx_struct_oper_list.matrix[2][2]         1.0000000000 
_pdbx_struct_oper_list.matrix[2][3]         0.0000000000 
_pdbx_struct_oper_list.vector[2]            0.0000000000 
_pdbx_struct_oper_list.matrix[3][1]         0.0000000000 
_pdbx_struct_oper_list.matrix[3][2]         0.0000000000 
_pdbx_struct_oper_list.matrix[3][3]         1.0000000000 
_pdbx_struct_oper_list.vector[3]            0.0000000000 
# 
_struct_biol.id        1 
_struct_biol.details   1 
# 
loop_
_struct_conf.conf_type_id 
_struct_conf.id 
_struct_conf.pdbx_PDB_helix_id 
_struct_conf.beg_label_comp_id 
_struct_conf.beg_label_asym_id 
_struct_conf.beg_label_seq_id 
_struct_conf.pdbx_beg_PDB_ins_code 
_struct_conf.end_label_comp_id 
_struct_conf.end_label_asym_id 
_struct_conf.end_label_seq_id 
_struct_conf.pdbx_end_PDB_ins_code 
_struct_conf.beg_auth_comp_id 
_struct_conf.beg_auth_asym_id 
_struct_conf.beg_auth_seq_id 
_struct_conf.end_auth_comp_id 
_struct_conf.end_auth_asym_id 
_struct_conf.end_auth_seq_id 
_struct_conf.pdbx_PDB_helix_class 
_struct_conf.details 
_struct_conf.pdbx_PDB_helix_length 
HELX_P HELX_P1 1 TRP A 22  ? ASP A 24  ? TRP A 69  ASP A 71  5 ? 3  
HELX_P HELX_P2 2 VAL A 35  ? ILE A 45  ? VAL A 82  ILE A 92  1 ? 11 
HELX_P HELX_P3 3 LYS A 87  ? GLY A 105 ? LYS A 134 GLY A 152 1 ? 19 
HELX_P HELX_P4 4 PHE A 108 ? GLU A 113 ? PHE A 155 GLU A 160 5 ? 6  
HELX_P HELX_P5 5 LYS A 138 ? GLU A 154 ? LYS A 185 GLU A 201 1 ? 17 
HELX_P HELX_P6 6 ASP B 5   ? CYS B 12  ? ASP C 5   CYS C 12  1 ? 8  
# 
_struct_conf_type.id          HELX_P 
_struct_conf_type.criteria    ? 
_struct_conf_type.reference   ? 
# 
_struct_mon_prot_cis.pdbx_id                1 
_struct_mon_prot_cis.label_comp_id          ILE 
_struct_mon_prot_cis.label_seq_id           183 
_struct_mon_prot_cis.label_asym_id          A 
_struct_mon_prot_cis.label_alt_id           . 
_struct_mon_prot_cis.pdbx_PDB_ins_code      ? 
_struct_mon_prot_cis.auth_comp_id           ILE 
_struct_mon_prot_cis.auth_seq_id            230 
_struct_mon_prot_cis.auth_asym_id           A 
_struct_mon_prot_cis.pdbx_label_comp_id_2   PRO 
_struct_mon_prot_cis.pdbx_label_seq_id_2    184 
_struct_mon_prot_cis.pdbx_label_asym_id_2   A 
_struct_mon_prot_cis.pdbx_PDB_ins_code_2    ? 
_struct_mon_prot_cis.pdbx_auth_comp_id_2    PRO 
_struct_mon_prot_cis.pdbx_auth_seq_id_2     231 
_struct_mon_prot_cis.pdbx_auth_asym_id_2    A 
_struct_mon_prot_cis.pdbx_PDB_model_num     1 
_struct_mon_prot_cis.pdbx_omega_angle       -5.37 
# 
_struct_sheet.id               A 
_struct_sheet.type             ? 
_struct_sheet.number_strands   8 
_struct_sheet.details          ? 
# 
loop_
_struct_sheet_order.sheet_id 
_struct_sheet_order.range_id_1 
_struct_sheet_order.range_id_2 
_struct_sheet_order.offset 
_struct_sheet_order.sense 
A 1 2 ? anti-parallel 
A 2 3 ? anti-parallel 
A 3 4 ? anti-parallel 
A 4 5 ? anti-parallel 
A 5 6 ? anti-parallel 
A 6 7 ? anti-parallel 
A 7 8 ? anti-parallel 
# 
loop_
_struct_sheet_range.sheet_id 
_struct_sheet_range.id 
_struct_sheet_range.beg_label_comp_id 
_struct_sheet_range.beg_label_asym_id 
_struct_sheet_range.beg_label_seq_id 
_struct_sheet_range.pdbx_beg_PDB_ins_code 
_struct_sheet_range.end_label_comp_id 
_struct_sheet_range.end_label_asym_id 
_struct_sheet_range.end_label_seq_id 
_struct_sheet_range.pdbx_end_PDB_ins_code 
_struct_sheet_range.beg_auth_comp_id 
_struct_sheet_range.beg_auth_asym_id 
_struct_sheet_range.beg_auth_seq_id 
_struct_sheet_range.end_auth_comp_id 
_struct_sheet_range.end_auth_asym_id 
_struct_sheet_range.end_auth_seq_id 
A 1 LEU A 26  ? THR A 34  ? LEU A 73  THR A 81  
A 2 PRO A 4   ? LEU A 14  ? PRO A 51  LEU A 61  
A 3 ASP A 56  ? LYS A 61  ? ASP A 103 LYS A 108 
A 4 ILE A 115 ? ASN A 121 ? ILE A 162 ASN A 168 
A 5 ASP A 127 ? THR A 133 ? ASP A 174 THR A 180 
A 6 GLY A 77  ? VAL A 83  ? GLY A 124 VAL A 130 
A 7 ILE A 161 ? VAL A 165 ? ILE A 208 VAL A 212 
A 8 ILE A 181 ? ILE A 183 ? ILE A 228 ILE A 230 
# 
loop_
_pdbx_struct_sheet_hbond.sheet_id 
_pdbx_struct_sheet_hbond.range_id_1 
_pdbx_struct_sheet_hbond.range_id_2 
_pdbx_struct_sheet_hbond.range_1_label_atom_id 
_pdbx_struct_sheet_hbond.range_1_label_comp_id 
_pdbx_struct_sheet_hbond.range_1_label_asym_id 
_pdbx_struct_sheet_hbond.range_1_label_seq_id 
_pdbx_struct_sheet_hbond.range_1_PDB_ins_code 
_pdbx_struct_sheet_hbond.range_1_auth_atom_id 
_pdbx_struct_sheet_hbond.range_1_auth_comp_id 
_pdbx_struct_sheet_hbond.range_1_auth_asym_id 
_pdbx_struct_sheet_hbond.range_1_auth_seq_id 
_pdbx_struct_sheet_hbond.range_2_label_atom_id 
_pdbx_struct_sheet_hbond.range_2_label_comp_id 
_pdbx_struct_sheet_hbond.range_2_label_asym_id 
_pdbx_struct_sheet_hbond.range_2_label_seq_id 
_pdbx_struct_sheet_hbond.range_2_PDB_ins_code 
_pdbx_struct_sheet_hbond.range_2_auth_atom_id 
_pdbx_struct_sheet_hbond.range_2_auth_comp_id 
_pdbx_struct_sheet_hbond.range_2_auth_asym_id 
_pdbx_struct_sheet_hbond.range_2_auth_seq_id 
A 1 2 O ASP A 33  ? O ASP A 80  N LEU A 5   ? N LEU A 52  
A 2 3 N TRP A 12  ? N TRP A 59  O TYR A 58  ? O TYR A 105 
A 3 4 N TYR A 57  ? N TYR A 104 O VAL A 120 ? O VAL A 167 
A 4 5 N CYS A 116 ? N CYS A 163 O TRP A 132 ? O TRP A 179 
A 5 6 O ASP A 127 ? O ASP A 174 N VAL A 83  ? N VAL A 130 
A 6 7 N LEU A 80  ? N LEU A 127 O ARG A 162 ? O ARG A 209 
A 7 8 N ILE A 161 ? N ILE A 208 O ILE A 183 ? O ILE A 230 
# 
_struct_site.id                   AC1 
_struct_site.pdbx_evidence_code   Software 
_struct_site.pdbx_auth_asym_id    A 
_struct_site.pdbx_auth_comp_id    M7G 
_struct_site.pdbx_auth_seq_id     1 
_struct_site.pdbx_auth_ins_code   ? 
_struct_site.pdbx_num_residues    5 
_struct_site.details              'BINDING SITE FOR RESIDUE M7G A 1' 
# 
loop_
_struct_site_gen.id 
_struct_site_gen.site_id 
_struct_site_gen.pdbx_num_res 
_struct_site_gen.label_comp_id 
_struct_site_gen.label_asym_id 
_struct_site_gen.label_seq_id 
_struct_site_gen.pdbx_auth_ins_code 
_struct_site_gen.auth_comp_id 
_struct_site_gen.auth_asym_id 
_struct_site_gen.auth_seq_id 
_struct_site_gen.label_atom_id 
_struct_site_gen.label_alt_id 
_struct_site_gen.symmetry 
_struct_site_gen.details 
1 AC1 5 TRP A 22  ? TRP A 69  . ? 1_555 ? 
2 AC1 5 MET A 67  ? MET A 114 . ? 1_555 ? 
3 AC1 5 TRP A 68  ? TRP A 115 . ? 1_555 ? 
4 AC1 5 GLU A 69  ? GLU A 116 . ? 1_555 ? 
5 AC1 5 ARG A 123 ? ARG A 170 . ? 1_555 ? 
# 
_pdbx_validate_rmsd_angle.id                         1 
_pdbx_validate_rmsd_angle.PDB_model_num              1 
_pdbx_validate_rmsd_angle.auth_atom_id_1             N 
_pdbx_validate_rmsd_angle.auth_asym_id_1             A 
_pdbx_validate_rmsd_angle.auth_comp_id_1             ASP 
_pdbx_validate_rmsd_angle.auth_seq_id_1              186 
_pdbx_validate_rmsd_angle.PDB_ins_code_1             ? 
_pdbx_validate_rmsd_angle.label_alt_id_1             ? 
_pdbx_validate_rmsd_angle.auth_atom_id_2             CA 
_pdbx_validate_rmsd_angle.auth_asym_id_2             A 
_pdbx_validate_rmsd_angle.auth_comp_id_2             ASP 
_pdbx_validate_rmsd_angle.auth_seq_id_2              186 
_pdbx_validate_rmsd_angle.PDB_ins_code_2             ? 
_pdbx_validate_rmsd_angle.label_alt_id_2             ? 
_pdbx_validate_rmsd_angle.auth_atom_id_3             CB 
_pdbx_validate_rmsd_angle.auth_asym_id_3             A 
_pdbx_validate_rmsd_angle.auth_comp_id_3             ASP 
_pdbx_validate_rmsd_angle.auth_seq_id_3              186 
_pdbx_validate_rmsd_angle.PDB_ins_code_3             ? 
_pdbx_validate_rmsd_angle.label_alt_id_3             ? 
_pdbx_validate_rmsd_angle.angle_value                81.40 
_pdbx_validate_rmsd_angle.angle_target_value         110.60 
_pdbx_validate_rmsd_angle.angle_deviation            -29.20 
_pdbx_validate_rmsd_angle.angle_standard_deviation   1.80 
_pdbx_validate_rmsd_angle.linker_flag                N 
# 
loop_
_pdbx_validate_torsion.id 
_pdbx_validate_torsion.PDB_model_num 
_pdbx_validate_torsion.auth_comp_id 
_pdbx_validate_torsion.auth_asym_id 
_pdbx_validate_torsion.auth_seq_id 
_pdbx_validate_torsion.PDB_ins_code 
_pdbx_validate_torsion.label_alt_id 
_pdbx_validate_torsion.phi 
_pdbx_validate_torsion.psi 
1 1 ASP A 80  ? ? -150.23 20.45   
2 1 PHE A 155 ? ? -97.98  31.86   
3 1 GLU A 156 ? ? 58.39   -141.82 
# 
_pdbx_SG_project.id                    1 
_pdbx_SG_project.project_name          'NPPSFA, National Project on Protein Structural and Functional Analyses' 
_pdbx_SG_project.full_name_of_center   'Berkeley Structural Genomics Center' 
_pdbx_SG_project.initial_of_center     BSGC 
# 
loop_
_pdbx_unobs_or_zero_occ_residues.id 
_pdbx_unobs_or_zero_occ_residues.PDB_model_num 
_pdbx_unobs_or_zero_occ_residues.polymer_flag 
_pdbx_unobs_or_zero_occ_residues.occupancy_flag 
_pdbx_unobs_or_zero_occ_residues.auth_asym_id 
_pdbx_unobs_or_zero_occ_residues.auth_comp_id 
_pdbx_unobs_or_zero_occ_residues.auth_seq_id 
_pdbx_unobs_or_zero_occ_residues.PDB_ins_code 
_pdbx_unobs_or_zero_occ_residues.label_asym_id 
_pdbx_unobs_or_zero_occ_residues.label_comp_id 
_pdbx_unobs_or_zero_occ_residues.label_seq_id 
1  1 Y 1 A LYS 214 ? A LYS 167 
2  1 Y 1 A ASP 215 ? A ASP 168 
3  1 Y 1 A SER 216 ? A SER 169 
4  1 Y 1 A SER 217 ? A SER 170 
5  1 Y 1 A VAL 218 ? A VAL 171 
6  1 Y 1 A ARG 219 ? A ARG 172 
7  1 Y 1 A ASP 234 ? A ASP 187 
8  1 Y 1 A ASN 235 ? A ASN 188 
9  1 Y 1 A ARG 236 ? A ARG 189 
10 1 Y 1 C ASN 14  ? B ASN 14  
11 1 Y 1 C SER 15  ? B SER 15  
12 1 Y 1 C PRO 16  ? B PRO 16  
13 1 Y 1 C VAL 17  ? B VAL 17  
# 
loop_
_chem_comp_atom.comp_id 
_chem_comp_atom.atom_id 
_chem_comp_atom.type_symbol 
_chem_comp_atom.pdbx_aromatic_flag 
_chem_comp_atom.pdbx_stereo_config 
_chem_comp_atom.pdbx_ordinal 
ALA N      N N N 1   
ALA CA     C N S 2   
ALA C      C N N 3   
ALA O      O N N 4   
ALA CB     C N N 5   
ALA OXT    O N N 6   
ALA H      H N N 7   
ALA H2     H N N 8   
ALA HA     H N N 9   
ALA HB1    H N N 10  
ALA HB2    H N N 11  
ALA HB3    H N N 12  
ALA HXT    H N N 13  
ARG N      N N N 14  
ARG CA     C N S 15  
ARG C      C N N 16  
ARG O      O N N 17  
ARG CB     C N N 18  
ARG CG     C N N 19  
ARG CD     C N N 20  
ARG NE     N N N 21  
ARG CZ     C N N 22  
ARG NH1    N N N 23  
ARG NH2    N N N 24  
ARG OXT    O N N 25  
ARG H      H N N 26  
ARG H2     H N N 27  
ARG HA     H N N 28  
ARG HB2    H N N 29  
ARG HB3    H N N 30  
ARG HG2    H N N 31  
ARG HG3    H N N 32  
ARG HD2    H N N 33  
ARG HD3    H N N 34  
ARG HE     H N N 35  
ARG HH11   H N N 36  
ARG HH12   H N N 37  
ARG HH21   H N N 38  
ARG HH22   H N N 39  
ARG HXT    H N N 40  
ASN N      N N N 41  
ASN CA     C N S 42  
ASN C      C N N 43  
ASN O      O N N 44  
ASN CB     C N N 45  
ASN CG     C N N 46  
ASN OD1    O N N 47  
ASN ND2    N N N 48  
ASN OXT    O N N 49  
ASN H      H N N 50  
ASN H2     H N N 51  
ASN HA     H N N 52  
ASN HB2    H N N 53  
ASN HB3    H N N 54  
ASN HD21   H N N 55  
ASN HD22   H N N 56  
ASN HXT    H N N 57  
ASP N      N N N 58  
ASP CA     C N S 59  
ASP C      C N N 60  
ASP O      O N N 61  
ASP CB     C N N 62  
ASP CG     C N N 63  
ASP OD1    O N N 64  
ASP OD2    O N N 65  
ASP OXT    O N N 66  
ASP H      H N N 67  
ASP H2     H N N 68  
ASP HA     H N N 69  
ASP HB2    H N N 70  
ASP HB3    H N N 71  
ASP HD2    H N N 72  
ASP HXT    H N N 73  
CYS N      N N N 74  
CYS CA     C N R 75  
CYS C      C N N 76  
CYS O      O N N 77  
CYS CB     C N N 78  
CYS SG     S N N 79  
CYS OXT    O N N 80  
CYS H      H N N 81  
CYS H2     H N N 82  
CYS HA     H N N 83  
CYS HB2    H N N 84  
CYS HB3    H N N 85  
CYS HG     H N N 86  
CYS HXT    H N N 87  
GLN N      N N N 88  
GLN CA     C N S 89  
GLN C      C N N 90  
GLN O      O N N 91  
GLN CB     C N N 92  
GLN CG     C N N 93  
GLN CD     C N N 94  
GLN OE1    O N N 95  
GLN NE2    N N N 96  
GLN OXT    O N N 97  
GLN H      H N N 98  
GLN H2     H N N 99  
GLN HA     H N N 100 
GLN HB2    H N N 101 
GLN HB3    H N N 102 
GLN HG2    H N N 103 
GLN HG3    H N N 104 
GLN HE21   H N N 105 
GLN HE22   H N N 106 
GLN HXT    H N N 107 
GLU N      N N N 108 
GLU CA     C N S 109 
GLU C      C N N 110 
GLU O      O N N 111 
GLU CB     C N N 112 
GLU CG     C N N 113 
GLU CD     C N N 114 
GLU OE1    O N N 115 
GLU OE2    O N N 116 
GLU OXT    O N N 117 
GLU H      H N N 118 
GLU H2     H N N 119 
GLU HA     H N N 120 
GLU HB2    H N N 121 
GLU HB3    H N N 122 
GLU HG2    H N N 123 
GLU HG3    H N N 124 
GLU HE2    H N N 125 
GLU HXT    H N N 126 
GLY N      N N N 127 
GLY CA     C N N 128 
GLY C      C N N 129 
GLY O      O N N 130 
GLY OXT    O N N 131 
GLY H      H N N 132 
GLY H2     H N N 133 
GLY HA2    H N N 134 
GLY HA3    H N N 135 
GLY HXT    H N N 136 
HIS N      N N N 137 
HIS CA     C N S 138 
HIS C      C N N 139 
HIS O      O N N 140 
HIS CB     C N N 141 
HIS CG     C Y N 142 
HIS ND1    N Y N 143 
HIS CD2    C Y N 144 
HIS CE1    C Y N 145 
HIS NE2    N Y N 146 
HIS OXT    O N N 147 
HIS H      H N N 148 
HIS H2     H N N 149 
HIS HA     H N N 150 
HIS HB2    H N N 151 
HIS HB3    H N N 152 
HIS HD1    H N N 153 
HIS HD2    H N N 154 
HIS HE1    H N N 155 
HIS HE2    H N N 156 
HIS HXT    H N N 157 
HOH O      O N N 158 
HOH H1     H N N 159 
HOH H2     H N N 160 
ILE N      N N N 161 
ILE CA     C N S 162 
ILE C      C N N 163 
ILE O      O N N 164 
ILE CB     C N S 165 
ILE CG1    C N N 166 
ILE CG2    C N N 167 
ILE CD1    C N N 168 
ILE OXT    O N N 169 
ILE H      H N N 170 
ILE H2     H N N 171 
ILE HA     H N N 172 
ILE HB     H N N 173 
ILE HG12   H N N 174 
ILE HG13   H N N 175 
ILE HG21   H N N 176 
ILE HG22   H N N 177 
ILE HG23   H N N 178 
ILE HD11   H N N 179 
ILE HD12   H N N 180 
ILE HD13   H N N 181 
ILE HXT    H N N 182 
LEU N      N N N 183 
LEU CA     C N S 184 
LEU C      C N N 185 
LEU O      O N N 186 
LEU CB     C N N 187 
LEU CG     C N N 188 
LEU CD1    C N N 189 
LEU CD2    C N N 190 
LEU OXT    O N N 191 
LEU H      H N N 192 
LEU H2     H N N 193 
LEU HA     H N N 194 
LEU HB2    H N N 195 
LEU HB3    H N N 196 
LEU HG     H N N 197 
LEU HD11   H N N 198 
LEU HD12   H N N 199 
LEU HD13   H N N 200 
LEU HD21   H N N 201 
LEU HD22   H N N 202 
LEU HD23   H N N 203 
LEU HXT    H N N 204 
LYS N      N N N 205 
LYS CA     C N S 206 
LYS C      C N N 207 
LYS O      O N N 208 
LYS CB     C N N 209 
LYS CG     C N N 210 
LYS CD     C N N 211 
LYS CE     C N N 212 
LYS NZ     N N N 213 
LYS OXT    O N N 214 
LYS H      H N N 215 
LYS H2     H N N 216 
LYS HA     H N N 217 
LYS HB2    H N N 218 
LYS HB3    H N N 219 
LYS HG2    H N N 220 
LYS HG3    H N N 221 
LYS HD2    H N N 222 
LYS HD3    H N N 223 
LYS HE2    H N N 224 
LYS HE3    H N N 225 
LYS HZ1    H N N 226 
LYS HZ2    H N N 227 
LYS HZ3    H N N 228 
LYS HXT    H N N 229 
M7G PA     P N N 230 
M7G O1A    O N N 231 
M7G O2A    O N N 232 
M7G O3A    O N N 233 
M7G "O5'"  O N N 234 
M7G PB     P N N 235 
M7G O1B    O N N 236 
M7G O2B    O N N 237 
M7G O3B    O N N 238 
M7G "C5'"  C N N 239 
M7G "C4'"  C N R 240 
M7G "O4'"  O N N 241 
M7G "C3'"  C N S 242 
M7G "O3'"  O N N 243 
M7G "C2'"  C N R 244 
M7G "O2'"  O N N 245 
M7G "C1'"  C N R 246 
M7G N9     N Y N 247 
M7G C8     C Y N 248 
M7G N7     N Y N 249 
M7G CM7    C N N 250 
M7G C5     C Y N 251 
M7G C6     C N N 252 
M7G O6     O N N 253 
M7G N1     N N N 254 
M7G C2     C N N 255 
M7G N2     N N N 256 
M7G N3     N N N 257 
M7G C4     C Y N 258 
M7G HOA2   H N N 259 
M7G HOB2   H N N 260 
M7G HOB3   H N N 261 
M7G "H5'1" H N N 262 
M7G "H5'2" H N N 263 
M7G "H4'"  H N N 264 
M7G "H3'"  H N N 265 
M7G "HO3'" H N N 266 
M7G "H2'"  H N N 267 
M7G "HO2'" H N N 268 
M7G "H1'"  H N N 269 
M7G H81    H N N 270 
M7G HM71   H N N 271 
M7G HM72   H N N 272 
M7G HM73   H N N 273 
M7G HN1    H N N 274 
M7G HN21   H N N 275 
M7G HN22   H N N 276 
MET N      N N N 277 
MET CA     C N S 278 
MET C      C N N 279 
MET O      O N N 280 
MET CB     C N N 281 
MET CG     C N N 282 
MET SD     S N N 283 
MET CE     C N N 284 
MET OXT    O N N 285 
MET H      H N N 286 
MET H2     H N N 287 
MET HA     H N N 288 
MET HB2    H N N 289 
MET HB3    H N N 290 
MET HG2    H N N 291 
MET HG3    H N N 292 
MET HE1    H N N 293 
MET HE2    H N N 294 
MET HE3    H N N 295 
MET HXT    H N N 296 
PHE N      N N N 297 
PHE CA     C N S 298 
PHE C      C N N 299 
PHE O      O N N 300 
PHE CB     C N N 301 
PHE CG     C Y N 302 
PHE CD1    C Y N 303 
PHE CD2    C Y N 304 
PHE CE1    C Y N 305 
PHE CE2    C Y N 306 
PHE CZ     C Y N 307 
PHE OXT    O N N 308 
PHE H      H N N 309 
PHE H2     H N N 310 
PHE HA     H N N 311 
PHE HB2    H N N 312 
PHE HB3    H N N 313 
PHE HD1    H N N 314 
PHE HD2    H N N 315 
PHE HE1    H N N 316 
PHE HE2    H N N 317 
PHE HZ     H N N 318 
PHE HXT    H N N 319 
PRO N      N N N 320 
PRO CA     C N S 321 
PRO C      C N N 322 
PRO O      O N N 323 
PRO CB     C N N 324 
PRO CG     C N N 325 
PRO CD     C N N 326 
PRO OXT    O N N 327 
PRO H      H N N 328 
PRO HA     H N N 329 
PRO HB2    H N N 330 
PRO HB3    H N N 331 
PRO HG2    H N N 332 
PRO HG3    H N N 333 
PRO HD2    H N N 334 
PRO HD3    H N N 335 
PRO HXT    H N N 336 
SER N      N N N 337 
SER CA     C N S 338 
SER C      C N N 339 
SER O      O N N 340 
SER CB     C N N 341 
SER OG     O N N 342 
SER OXT    O N N 343 
SER H      H N N 344 
SER H2     H N N 345 
SER HA     H N N 346 
SER HB2    H N N 347 
SER HB3    H N N 348 
SER HG     H N N 349 
SER HXT    H N N 350 
THR N      N N N 351 
THR CA     C N S 352 
THR C      C N N 353 
THR O      O N N 354 
THR CB     C N R 355 
THR OG1    O N N 356 
THR CG2    C N N 357 
THR OXT    O N N 358 
THR H      H N N 359 
THR H2     H N N 360 
THR HA     H N N 361 
THR HB     H N N 362 
THR HG1    H N N 363 
THR HG21   H N N 364 
THR HG22   H N N 365 
THR HG23   H N N 366 
THR HXT    H N N 367 
TRP N      N N N 368 
TRP CA     C N S 369 
TRP C      C N N 370 
TRP O      O N N 371 
TRP CB     C N N 372 
TRP CG     C Y N 373 
TRP CD1    C Y N 374 
TRP CD2    C Y N 375 
TRP NE1    N Y N 376 
TRP CE2    C Y N 377 
TRP CE3    C Y N 378 
TRP CZ2    C Y N 379 
TRP CZ3    C Y N 380 
TRP CH2    C Y N 381 
TRP OXT    O N N 382 
TRP H      H N N 383 
TRP H2     H N N 384 
TRP HA     H N N 385 
TRP HB2    H N N 386 
TRP HB3    H N N 387 
TRP HD1    H N N 388 
TRP HE1    H N N 389 
TRP HE3    H N N 390 
TRP HZ2    H N N 391 
TRP HZ3    H N N 392 
TRP HH2    H N N 393 
TRP HXT    H N N 394 
TYR N      N N N 395 
TYR CA     C N S 396 
TYR C      C N N 397 
TYR O      O N N 398 
TYR CB     C N N 399 
TYR CG     C Y N 400 
TYR CD1    C Y N 401 
TYR CD2    C Y N 402 
TYR CE1    C Y N 403 
TYR CE2    C Y N 404 
TYR CZ     C Y N 405 
TYR OH     O N N 406 
TYR OXT    O N N 407 
TYR H      H N N 408 
TYR H2     H N N 409 
TYR HA     H N N 410 
TYR HB2    H N N 411 
TYR HB3    H N N 412 
TYR HD1    H N N 413 
TYR HD2    H N N 414 
TYR HE1    H N N 415 
TYR HE2    H N N 416 
TYR HH     H N N 417 
TYR HXT    H N N 418 
VAL N      N N N 419 
VAL CA     C N S 420 
VAL C      C N N 421 
VAL O      O N N 422 
VAL CB     C N N 423 
VAL CG1    C N N 424 
VAL CG2    C N N 425 
VAL OXT    O N N 426 
VAL H      H N N 427 
VAL H2     H N N 428 
VAL HA     H N N 429 
VAL HB     H N N 430 
VAL HG11   H N N 431 
VAL HG12   H N N 432 
VAL HG13   H N N 433 
VAL HG21   H N N 434 
VAL HG22   H N N 435 
VAL HG23   H N N 436 
VAL HXT    H N N 437 
# 
loop_
_chem_comp_bond.comp_id 
_chem_comp_bond.atom_id_1 
_chem_comp_bond.atom_id_2 
_chem_comp_bond.value_order 
_chem_comp_bond.pdbx_aromatic_flag 
_chem_comp_bond.pdbx_stereo_config 
_chem_comp_bond.pdbx_ordinal 
ALA N     CA     sing N N 1   
ALA N     H      sing N N 2   
ALA N     H2     sing N N 3   
ALA CA    C      sing N N 4   
ALA CA    CB     sing N N 5   
ALA CA    HA     sing N N 6   
ALA C     O      doub N N 7   
ALA C     OXT    sing N N 8   
ALA CB    HB1    sing N N 9   
ALA CB    HB2    sing N N 10  
ALA CB    HB3    sing N N 11  
ALA OXT   HXT    sing N N 12  
ARG N     CA     sing N N 13  
ARG N     H      sing N N 14  
ARG N     H2     sing N N 15  
ARG CA    C      sing N N 16  
ARG CA    CB     sing N N 17  
ARG CA    HA     sing N N 18  
ARG C     O      doub N N 19  
ARG C     OXT    sing N N 20  
ARG CB    CG     sing N N 21  
ARG CB    HB2    sing N N 22  
ARG CB    HB3    sing N N 23  
ARG CG    CD     sing N N 24  
ARG CG    HG2    sing N N 25  
ARG CG    HG3    sing N N 26  
ARG CD    NE     sing N N 27  
ARG CD    HD2    sing N N 28  
ARG CD    HD3    sing N N 29  
ARG NE    CZ     sing N N 30  
ARG NE    HE     sing N N 31  
ARG CZ    NH1    sing N N 32  
ARG CZ    NH2    doub N N 33  
ARG NH1   HH11   sing N N 34  
ARG NH1   HH12   sing N N 35  
ARG NH2   HH21   sing N N 36  
ARG NH2   HH22   sing N N 37  
ARG OXT   HXT    sing N N 38  
ASN N     CA     sing N N 39  
ASN N     H      sing N N 40  
ASN N     H2     sing N N 41  
ASN CA    C      sing N N 42  
ASN CA    CB     sing N N 43  
ASN CA    HA     sing N N 44  
ASN C     O      doub N N 45  
ASN C     OXT    sing N N 46  
ASN CB    CG     sing N N 47  
ASN CB    HB2    sing N N 48  
ASN CB    HB3    sing N N 49  
ASN CG    OD1    doub N N 50  
ASN CG    ND2    sing N N 51  
ASN ND2   HD21   sing N N 52  
ASN ND2   HD22   sing N N 53  
ASN OXT   HXT    sing N N 54  
ASP N     CA     sing N N 55  
ASP N     H      sing N N 56  
ASP N     H2     sing N N 57  
ASP CA    C      sing N N 58  
ASP CA    CB     sing N N 59  
ASP CA    HA     sing N N 60  
ASP C     O      doub N N 61  
ASP C     OXT    sing N N 62  
ASP CB    CG     sing N N 63  
ASP CB    HB2    sing N N 64  
ASP CB    HB3    sing N N 65  
ASP CG    OD1    doub N N 66  
ASP CG    OD2    sing N N 67  
ASP OD2   HD2    sing N N 68  
ASP OXT   HXT    sing N N 69  
CYS N     CA     sing N N 70  
CYS N     H      sing N N 71  
CYS N     H2     sing N N 72  
CYS CA    C      sing N N 73  
CYS CA    CB     sing N N 74  
CYS CA    HA     sing N N 75  
CYS C     O      doub N N 76  
CYS C     OXT    sing N N 77  
CYS CB    SG     sing N N 78  
CYS CB    HB2    sing N N 79  
CYS CB    HB3    sing N N 80  
CYS SG    HG     sing N N 81  
CYS OXT   HXT    sing N N 82  
GLN N     CA     sing N N 83  
GLN N     H      sing N N 84  
GLN N     H2     sing N N 85  
GLN CA    C      sing N N 86  
GLN CA    CB     sing N N 87  
GLN CA    HA     sing N N 88  
GLN C     O      doub N N 89  
GLN C     OXT    sing N N 90  
GLN CB    CG     sing N N 91  
GLN CB    HB2    sing N N 92  
GLN CB    HB3    sing N N 93  
GLN CG    CD     sing N N 94  
GLN CG    HG2    sing N N 95  
GLN CG    HG3    sing N N 96  
GLN CD    OE1    doub N N 97  
GLN CD    NE2    sing N N 98  
GLN NE2   HE21   sing N N 99  
GLN NE2   HE22   sing N N 100 
GLN OXT   HXT    sing N N 101 
GLU N     CA     sing N N 102 
GLU N     H      sing N N 103 
GLU N     H2     sing N N 104 
GLU CA    C      sing N N 105 
GLU CA    CB     sing N N 106 
GLU CA    HA     sing N N 107 
GLU C     O      doub N N 108 
GLU C     OXT    sing N N 109 
GLU CB    CG     sing N N 110 
GLU CB    HB2    sing N N 111 
GLU CB    HB3    sing N N 112 
GLU CG    CD     sing N N 113 
GLU CG    HG2    sing N N 114 
GLU CG    HG3    sing N N 115 
GLU CD    OE1    doub N N 116 
GLU CD    OE2    sing N N 117 
GLU OE2   HE2    sing N N 118 
GLU OXT   HXT    sing N N 119 
GLY N     CA     sing N N 120 
GLY N     H      sing N N 121 
GLY N     H2     sing N N 122 
GLY CA    C      sing N N 123 
GLY CA    HA2    sing N N 124 
GLY CA    HA3    sing N N 125 
GLY C     O      doub N N 126 
GLY C     OXT    sing N N 127 
GLY OXT   HXT    sing N N 128 
HIS N     CA     sing N N 129 
HIS N     H      sing N N 130 
HIS N     H2     sing N N 131 
HIS CA    C      sing N N 132 
HIS CA    CB     sing N N 133 
HIS CA    HA     sing N N 134 
HIS C     O      doub N N 135 
HIS C     OXT    sing N N 136 
HIS CB    CG     sing N N 137 
HIS CB    HB2    sing N N 138 
HIS CB    HB3    sing N N 139 
HIS CG    ND1    sing Y N 140 
HIS CG    CD2    doub Y N 141 
HIS ND1   CE1    doub Y N 142 
HIS ND1   HD1    sing N N 143 
HIS CD2   NE2    sing Y N 144 
HIS CD2   HD2    sing N N 145 
HIS CE1   NE2    sing Y N 146 
HIS CE1   HE1    sing N N 147 
HIS NE2   HE2    sing N N 148 
HIS OXT   HXT    sing N N 149 
HOH O     H1     sing N N 150 
HOH O     H2     sing N N 151 
ILE N     CA     sing N N 152 
ILE N     H      sing N N 153 
ILE N     H2     sing N N 154 
ILE CA    C      sing N N 155 
ILE CA    CB     sing N N 156 
ILE CA    HA     sing N N 157 
ILE C     O      doub N N 158 
ILE C     OXT    sing N N 159 
ILE CB    CG1    sing N N 160 
ILE CB    CG2    sing N N 161 
ILE CB    HB     sing N N 162 
ILE CG1   CD1    sing N N 163 
ILE CG1   HG12   sing N N 164 
ILE CG1   HG13   sing N N 165 
ILE CG2   HG21   sing N N 166 
ILE CG2   HG22   sing N N 167 
ILE CG2   HG23   sing N N 168 
ILE CD1   HD11   sing N N 169 
ILE CD1   HD12   sing N N 170 
ILE CD1   HD13   sing N N 171 
ILE OXT   HXT    sing N N 172 
LEU N     CA     sing N N 173 
LEU N     H      sing N N 174 
LEU N     H2     sing N N 175 
LEU CA    C      sing N N 176 
LEU CA    CB     sing N N 177 
LEU CA    HA     sing N N 178 
LEU C     O      doub N N 179 
LEU C     OXT    sing N N 180 
LEU CB    CG     sing N N 181 
LEU CB    HB2    sing N N 182 
LEU CB    HB3    sing N N 183 
LEU CG    CD1    sing N N 184 
LEU CG    CD2    sing N N 185 
LEU CG    HG     sing N N 186 
LEU CD1   HD11   sing N N 187 
LEU CD1   HD12   sing N N 188 
LEU CD1   HD13   sing N N 189 
LEU CD2   HD21   sing N N 190 
LEU CD2   HD22   sing N N 191 
LEU CD2   HD23   sing N N 192 
LEU OXT   HXT    sing N N 193 
LYS N     CA     sing N N 194 
LYS N     H      sing N N 195 
LYS N     H2     sing N N 196 
LYS CA    C      sing N N 197 
LYS CA    CB     sing N N 198 
LYS CA    HA     sing N N 199 
LYS C     O      doub N N 200 
LYS C     OXT    sing N N 201 
LYS CB    CG     sing N N 202 
LYS CB    HB2    sing N N 203 
LYS CB    HB3    sing N N 204 
LYS CG    CD     sing N N 205 
LYS CG    HG2    sing N N 206 
LYS CG    HG3    sing N N 207 
LYS CD    CE     sing N N 208 
LYS CD    HD2    sing N N 209 
LYS CD    HD3    sing N N 210 
LYS CE    NZ     sing N N 211 
LYS CE    HE2    sing N N 212 
LYS CE    HE3    sing N N 213 
LYS NZ    HZ1    sing N N 214 
LYS NZ    HZ2    sing N N 215 
LYS NZ    HZ3    sing N N 216 
LYS OXT   HXT    sing N N 217 
M7G PA    O1A    doub N N 218 
M7G PA    O2A    sing N N 219 
M7G PA    O3A    sing N N 220 
M7G PA    "O5'"  sing N N 221 
M7G O2A   HOA2   sing N N 222 
M7G O3A   PB     sing N N 223 
M7G "O5'" "C5'"  sing N N 224 
M7G PB    O1B    doub N N 225 
M7G PB    O2B    sing N N 226 
M7G PB    O3B    sing N N 227 
M7G O2B   HOB2   sing N N 228 
M7G O3B   HOB3   sing N N 229 
M7G "C5'" "C4'"  sing N N 230 
M7G "C5'" "H5'1" sing N N 231 
M7G "C5'" "H5'2" sing N N 232 
M7G "C4'" "O4'"  sing N N 233 
M7G "C4'" "C3'"  sing N N 234 
M7G "C4'" "H4'"  sing N N 235 
M7G "O4'" "C1'"  sing N N 236 
M7G "C3'" "O3'"  sing N N 237 
M7G "C3'" "C2'"  sing N N 238 
M7G "C3'" "H3'"  sing N N 239 
M7G "O3'" "HO3'" sing N N 240 
M7G "C2'" "O2'"  sing N N 241 
M7G "C2'" "C1'"  sing N N 242 
M7G "C2'" "H2'"  sing N N 243 
M7G "O2'" "HO2'" sing N N 244 
M7G "C1'" N9     sing N N 245 
M7G "C1'" "H1'"  sing N N 246 
M7G N9    C8     sing Y N 247 
M7G N9    C4     sing Y N 248 
M7G C8    N7     doub Y N 249 
M7G C8    H81    sing N N 250 
M7G N7    CM7    sing N N 251 
M7G N7    C5     sing Y N 252 
M7G CM7   HM71   sing N N 253 
M7G CM7   HM72   sing N N 254 
M7G CM7   HM73   sing N N 255 
M7G C5    C6     sing N N 256 
M7G C5    C4     doub Y N 257 
M7G C6    O6     doub N N 258 
M7G C6    N1     sing N N 259 
M7G N1    C2     sing N N 260 
M7G N1    HN1    sing N N 261 
M7G C2    N2     sing N N 262 
M7G C2    N3     doub N N 263 
M7G N2    HN21   sing N N 264 
M7G N2    HN22   sing N N 265 
M7G N3    C4     sing N N 266 
MET N     CA     sing N N 267 
MET N     H      sing N N 268 
MET N     H2     sing N N 269 
MET CA    C      sing N N 270 
MET CA    CB     sing N N 271 
MET CA    HA     sing N N 272 
MET C     O      doub N N 273 
MET C     OXT    sing N N 274 
MET CB    CG     sing N N 275 
MET CB    HB2    sing N N 276 
MET CB    HB3    sing N N 277 
MET CG    SD     sing N N 278 
MET CG    HG2    sing N N 279 
MET CG    HG3    sing N N 280 
MET SD    CE     sing N N 281 
MET CE    HE1    sing N N 282 
MET CE    HE2    sing N N 283 
MET CE    HE3    sing N N 284 
MET OXT   HXT    sing N N 285 
PHE N     CA     sing N N 286 
PHE N     H      sing N N 287 
PHE N     H2     sing N N 288 
PHE CA    C      sing N N 289 
PHE CA    CB     sing N N 290 
PHE CA    HA     sing N N 291 
PHE C     O      doub N N 292 
PHE C     OXT    sing N N 293 
PHE CB    CG     sing N N 294 
PHE CB    HB2    sing N N 295 
PHE CB    HB3    sing N N 296 
PHE CG    CD1    doub Y N 297 
PHE CG    CD2    sing Y N 298 
PHE CD1   CE1    sing Y N 299 
PHE CD1   HD1    sing N N 300 
PHE CD2   CE2    doub Y N 301 
PHE CD2   HD2    sing N N 302 
PHE CE1   CZ     doub Y N 303 
PHE CE1   HE1    sing N N 304 
PHE CE2   CZ     sing Y N 305 
PHE CE2   HE2    sing N N 306 
PHE CZ    HZ     sing N N 307 
PHE OXT   HXT    sing N N 308 
PRO N     CA     sing N N 309 
PRO N     CD     sing N N 310 
PRO N     H      sing N N 311 
PRO CA    C      sing N N 312 
PRO CA    CB     sing N N 313 
PRO CA    HA     sing N N 314 
PRO C     O      doub N N 315 
PRO C     OXT    sing N N 316 
PRO CB    CG     sing N N 317 
PRO CB    HB2    sing N N 318 
PRO CB    HB3    sing N N 319 
PRO CG    CD     sing N N 320 
PRO CG    HG2    sing N N 321 
PRO CG    HG3    sing N N 322 
PRO CD    HD2    sing N N 323 
PRO CD    HD3    sing N N 324 
PRO OXT   HXT    sing N N 325 
SER N     CA     sing N N 326 
SER N     H      sing N N 327 
SER N     H2     sing N N 328 
SER CA    C      sing N N 329 
SER CA    CB     sing N N 330 
SER CA    HA     sing N N 331 
SER C     O      doub N N 332 
SER C     OXT    sing N N 333 
SER CB    OG     sing N N 334 
SER CB    HB2    sing N N 335 
SER CB    HB3    sing N N 336 
SER OG    HG     sing N N 337 
SER OXT   HXT    sing N N 338 
THR N     CA     sing N N 339 
THR N     H      sing N N 340 
THR N     H2     sing N N 341 
THR CA    C      sing N N 342 
THR CA    CB     sing N N 343 
THR CA    HA     sing N N 344 
THR C     O      doub N N 345 
THR C     OXT    sing N N 346 
THR CB    OG1    sing N N 347 
THR CB    CG2    sing N N 348 
THR CB    HB     sing N N 349 
THR OG1   HG1    sing N N 350 
THR CG2   HG21   sing N N 351 
THR CG2   HG22   sing N N 352 
THR CG2   HG23   sing N N 353 
THR OXT   HXT    sing N N 354 
TRP N     CA     sing N N 355 
TRP N     H      sing N N 356 
TRP N     H2     sing N N 357 
TRP CA    C      sing N N 358 
TRP CA    CB     sing N N 359 
TRP CA    HA     sing N N 360 
TRP C     O      doub N N 361 
TRP C     OXT    sing N N 362 
TRP CB    CG     sing N N 363 
TRP CB    HB2    sing N N 364 
TRP CB    HB3    sing N N 365 
TRP CG    CD1    doub Y N 366 
TRP CG    CD2    sing Y N 367 
TRP CD1   NE1    sing Y N 368 
TRP CD1   HD1    sing N N 369 
TRP CD2   CE2    doub Y N 370 
TRP CD2   CE3    sing Y N 371 
TRP NE1   CE2    sing Y N 372 
TRP NE1   HE1    sing N N 373 
TRP CE2   CZ2    sing Y N 374 
TRP CE3   CZ3    doub Y N 375 
TRP CE3   HE3    sing N N 376 
TRP CZ2   CH2    doub Y N 377 
TRP CZ2   HZ2    sing N N 378 
TRP CZ3   CH2    sing Y N 379 
TRP CZ3   HZ3    sing N N 380 
TRP CH2   HH2    sing N N 381 
TRP OXT   HXT    sing N N 382 
TYR N     CA     sing N N 383 
TYR N     H      sing N N 384 
TYR N     H2     sing N N 385 
TYR CA    C      sing N N 386 
TYR CA    CB     sing N N 387 
TYR CA    HA     sing N N 388 
TYR C     O      doub N N 389 
TYR C     OXT    sing N N 390 
TYR CB    CG     sing N N 391 
TYR CB    HB2    sing N N 392 
TYR CB    HB3    sing N N 393 
TYR CG    CD1    doub Y N 394 
TYR CG    CD2    sing Y N 395 
TYR CD1   CE1    sing Y N 396 
TYR CD1   HD1    sing N N 397 
TYR CD2   CE2    doub Y N 398 
TYR CD2   HD2    sing N N 399 
TYR CE1   CZ     doub Y N 400 
TYR CE1   HE1    sing N N 401 
TYR CE2   CZ     sing Y N 402 
TYR CE2   HE2    sing N N 403 
TYR CZ    OH     sing N N 404 
TYR OH    HH     sing N N 405 
TYR OXT   HXT    sing N N 406 
VAL N     CA     sing N N 407 
VAL N     H      sing N N 408 
VAL N     H2     sing N N 409 
VAL CA    C      sing N N 410 
VAL CA    CB     sing N N 411 
VAL CA    HA     sing N N 412 
VAL C     O      doub N N 413 
VAL C     OXT    sing N N 414 
VAL CB    CG1    sing N N 415 
VAL CB    CG2    sing N N 416 
VAL CB    HB     sing N N 417 
VAL CG1   HG11   sing N N 418 
VAL CG1   HG12   sing N N 419 
VAL CG1   HG13   sing N N 420 
VAL CG2   HG21   sing N N 421 
VAL CG2   HG22   sing N N 422 
VAL CG2   HG23   sing N N 423 
VAL OXT   HXT    sing N N 424 
# 
_pdbx_initial_refinement_model.id               1 
_pdbx_initial_refinement_model.entity_id_list   ? 
_pdbx_initial_refinement_model.type             'experimental model' 
_pdbx_initial_refinement_model.source_name      PDB 
_pdbx_initial_refinement_model.accession_code   2V8W 
_pdbx_initial_refinement_model.details          ? 
# 
_atom_sites.entry_id                    3M93 
_atom_sites.fract_transf_matrix[1][1]   -0.00523205 
_atom_sites.fract_transf_matrix[1][2]   0.00297609 
_atom_sites.fract_transf_matrix[1][3]   -0.00742454 
_atom_sites.fract_transf_matrix[2][1]   0.00327425 
_atom_sites.fract_transf_matrix[2][2]   0.00889131 
_atom_sites.fract_transf_matrix[2][3]   0.00125668 
_atom_sites.fract_transf_matrix[3][1]   0.01616959 
_atom_sites.fract_transf_matrix[3][2]   -0.00411109 
_atom_sites.fract_transf_matrix[3][3]   -0.01304257 
_atom_sites.fract_transf_vector[1]      0.003397 
_atom_sites.fract_transf_vector[2]      -0.205822 
_atom_sites.fract_transf_vector[3]      -0.462132 
# 
loop_
_atom_type.symbol 
C 
N 
O 
P 
S 
# 
loop_
_atom_site.group_PDB 
_atom_site.id 
_atom_site.type_symbol 
_atom_site.label_atom_id 
_atom_site.label_alt_id 
_atom_site.label_comp_id 
_atom_site.label_asym_id 
_atom_site.label_entity_id 
_atom_site.label_seq_id 
_atom_site.pdbx_PDB_ins_code 
_atom_site.Cartn_x 
_atom_site.Cartn_y 
_atom_site.Cartn_z 
_atom_site.occupancy 
_atom_site.B_iso_or_equiv 
_atom_site.pdbx_formal_charge 
_atom_site.auth_seq_id 
_atom_site.auth_comp_id 
_atom_site.auth_asym_id 
_atom_site.auth_atom_id 
_atom_site.pdbx_PDB_model_num 
ATOM   1    N N     . MET A 1 1   ? -8.545  -1.723  -27.213 1.00 39.85 ? 48  MET A N     1 
ATOM   2    C CA    . MET A 1 1   ? -8.720  -2.572  -25.985 1.00 39.91 ? 48  MET A CA    1 
ATOM   3    C C     . MET A 1 1   ? -7.797  -2.118  -24.874 1.00 39.65 ? 48  MET A C     1 
ATOM   4    O O     . MET A 1 1   ? -6.573  -2.039  -25.064 1.00 39.96 ? 48  MET A O     1 
ATOM   5    C CB    . MET A 1 1   ? -8.422  -4.046  -26.301 1.00 40.16 ? 48  MET A CB    1 
ATOM   6    C CG    . MET A 1 1   ? -8.866  -5.030  -25.229 1.00 40.37 ? 48  MET A CG    1 
ATOM   7    S SD    . MET A 1 1   ? -8.117  -6.668  -25.402 1.00 42.20 ? 48  MET A SD    1 
ATOM   8    C CE    . MET A 1 1   ? -6.435  -6.389  -24.820 1.00 39.97 ? 48  MET A CE    1 
ATOM   9    N N     . ARG A 1 2   ? -8.380  -1.812  -23.721 1.00 39.14 ? 49  ARG A N     1 
ATOM   10   C CA    . ARG A 1 2   ? -7.593  -1.594  -22.510 1.00 38.91 ? 49  ARG A CA    1 
ATOM   11   C C     . ARG A 1 2   ? -7.212  -2.956  -21.919 1.00 38.80 ? 49  ARG A C     1 
ATOM   12   O O     . ARG A 1 2   ? -7.879  -3.961  -22.163 1.00 38.57 ? 49  ARG A O     1 
ATOM   13   C CB    . ARG A 1 2   ? -8.369  -0.772  -21.493 1.00 38.67 ? 49  ARG A CB    1 
ATOM   14   C CG    . ARG A 1 2   ? -8.917  0.547   -22.010 1.00 39.65 ? 49  ARG A CG    1 
ATOM   15   C CD    . ARG A 1 2   ? -10.203 0.933   -21.264 1.00 42.37 ? 49  ARG A CD    1 
ATOM   16   N NE    . ARG A 1 2   ? -11.267 -0.088  -21.381 1.00 44.31 ? 49  ARG A NE    1 
ATOM   17   C CZ    . ARG A 1 2   ? -12.178 -0.358  -20.433 1.00 45.19 ? 49  ARG A CZ    1 
ATOM   18   N NH1   . ARG A 1 2   ? -12.169 0.308   -19.276 1.00 43.95 ? 49  ARG A NH1   1 
ATOM   19   N NH2   . ARG A 1 2   ? -13.096 -1.302  -20.631 1.00 44.79 ? 49  ARG A NH2   1 
ATOM   20   N N     . HIS A 1 3   ? -6.133  -3.003  -21.152 1.00 38.87 ? 50  HIS A N     1 
ATOM   21   C CA    . HIS A 1 3   ? -5.656  -4.286  -20.627 1.00 38.82 ? 50  HIS A CA    1 
ATOM   22   C C     . HIS A 1 3   ? -6.251  -4.570  -19.254 1.00 38.38 ? 50  HIS A C     1 
ATOM   23   O O     . HIS A 1 3   ? -6.011  -3.827  -18.298 1.00 38.37 ? 50  HIS A O     1 
ATOM   24   C CB    . HIS A 1 3   ? -4.130  -4.333  -20.615 1.00 38.80 ? 50  HIS A CB    1 
ATOM   25   C CG    . HIS A 1 3   ? -3.525  -3.996  -21.937 1.00 39.78 ? 50  HIS A CG    1 
ATOM   26   N ND1   . HIS A 1 3   ? -3.673  -2.758  -22.529 1.00 41.16 ? 50  HIS A ND1   1 
ATOM   27   C CD2   . HIS A 1 3   ? -2.797  -4.742  -22.801 1.00 40.77 ? 50  HIS A CD2   1 
ATOM   28   C CE1   . HIS A 1 3   ? -3.051  -2.754  -23.695 1.00 41.98 ? 50  HIS A CE1   1 
ATOM   29   N NE2   . HIS A 1 3   ? -2.512  -3.946  -23.886 1.00 41.23 ? 50  HIS A NE2   1 
ATOM   30   N N     . PRO A 1 4   ? -7.017  -5.665  -19.153 1.00 37.95 ? 51  PRO A N     1 
ATOM   31   C CA    . PRO A 1 4   ? -7.799  -5.903  -17.952 1.00 37.58 ? 51  PRO A CA    1 
ATOM   32   C C     . PRO A 1 4   ? -6.901  -6.304  -16.792 1.00 37.61 ? 51  PRO A C     1 
ATOM   33   O O     . PRO A 1 4   ? -6.004  -7.139  -16.956 1.00 37.90 ? 51  PRO A O     1 
ATOM   34   C CB    . PRO A 1 4   ? -8.707  -7.060  -18.354 1.00 37.35 ? 51  PRO A CB    1 
ATOM   35   C CG    . PRO A 1 4   ? -7.902  -7.822  -19.376 1.00 37.47 ? 51  PRO A CG    1 
ATOM   36   C CD    . PRO A 1 4   ? -6.948  -6.858  -20.025 1.00 37.75 ? 51  PRO A CD    1 
ATOM   37   N N     . LEU A 1 5   ? -7.126  -5.695  -15.632 1.00 37.37 ? 52  LEU A N     1 
ATOM   38   C CA    . LEU A 1 5   ? -6.441  -6.106  -14.408 1.00 37.02 ? 52  LEU A CA    1 
ATOM   39   C C     . LEU A 1 5   ? -7.123  -7.345  -13.804 1.00 37.19 ? 52  LEU A C     1 
ATOM   40   O O     . LEU A 1 5   ? -8.341  -7.499  -13.909 1.00 37.33 ? 52  LEU A O     1 
ATOM   41   C CB    . LEU A 1 5   ? -6.430  -4.948  -13.411 1.00 36.64 ? 52  LEU A CB    1 
ATOM   42   C CG    . LEU A 1 5   ? -5.658  -3.699  -13.818 1.00 34.86 ? 52  LEU A CG    1 
ATOM   43   C CD1   . LEU A 1 5   ? -6.024  -2.612  -12.883 1.00 33.84 ? 52  LEU A CD1   1 
ATOM   44   C CD2   . LEU A 1 5   ? -4.162  -3.947  -13.782 1.00 33.51 ? 52  LEU A CD2   1 
ATOM   45   N N     . GLN A 1 6   ? -6.351  -8.228  -13.183 1.00 37.10 ? 53  GLN A N     1 
ATOM   46   C CA    . GLN A 1 6   ? -6.921  -9.403  -12.540 1.00 37.34 ? 53  GLN A CA    1 
ATOM   47   C C     . GLN A 1 6   ? -8.189  -9.097  -11.748 1.00 37.81 ? 53  GLN A C     1 
ATOM   48   O O     . GLN A 1 6   ? -9.136  -9.876  -11.771 1.00 37.89 ? 53  GLN A O     1 
ATOM   49   C CB    . GLN A 1 6   ? -5.890  -10.084 -11.643 1.00 37.43 ? 53  GLN A CB    1 
ATOM   50   C CG    . GLN A 1 6   ? -6.475  -11.167 -10.734 1.00 37.37 ? 53  GLN A CG    1 
ATOM   51   C CD    . GLN A 1 6   ? -5.493  -12.275 -10.385 1.00 38.20 ? 53  GLN A CD    1 
ATOM   52   O OE1   . GLN A 1 6   ? -4.278  -12.151 -10.573 1.00 38.24 ? 53  GLN A OE1   1 
ATOM   53   N NE2   . GLN A 1 6   ? -6.027  -13.382 -9.879  1.00 39.05 ? 53  GLN A NE2   1 
ATOM   54   N N     . CYS A 1 7   ? -8.218  -7.952  -11.070 1.00 38.59 ? 54  CYS A N     1 
ATOM   55   C CA    . CYS A 1 7   ? -9.353  -7.580  -10.214 1.00 39.47 ? 54  CYS A CA    1 
ATOM   56   C C     . CYS A 1 7   ? -9.562  -6.056  -10.136 1.00 39.60 ? 54  CYS A C     1 
ATOM   57   O O     . CYS A 1 7   ? -8.770  -5.289  -10.684 1.00 39.47 ? 54  CYS A O     1 
ATOM   58   C CB    . CYS A 1 7   ? -9.144  -8.150  -8.815  1.00 39.39 ? 54  CYS A CB    1 
ATOM   59   S SG    . CYS A 1 7   ? -7.641  -7.496  -8.042  1.00 41.59 ? 54  CYS A SG    1 
ATOM   60   N N     . HIS A 1 8   ? -10.619 -5.639  -9.440  1.00 39.98 ? 55  HIS A N     1 
ATOM   61   C CA    . HIS A 1 8   ? -10.998 -4.232  -9.340  1.00 40.40 ? 55  HIS A CA    1 
ATOM   62   C C     . HIS A 1 8   ? -10.426 -3.600  -8.076  1.00 40.64 ? 55  HIS A C     1 
ATOM   63   O O     . HIS A 1 8   ? -10.673 -4.076  -6.952  1.00 41.24 ? 55  HIS A O     1 
ATOM   64   C CB    . HIS A 1 8   ? -12.519 -4.103  -9.292  1.00 40.70 ? 55  HIS A CB    1 
ATOM   65   C CG    . HIS A 1 8   ? -13.225 -4.701  -10.469 1.00 42.05 ? 55  HIS A CG    1 
ATOM   66   N ND1   . HIS A 1 8   ? -14.464 -4.265  -10.884 1.00 42.98 ? 55  HIS A ND1   1 
ATOM   67   C CD2   . HIS A 1 8   ? -12.870 -5.693  -11.321 1.00 43.38 ? 55  HIS A CD2   1 
ATOM   68   C CE1   . HIS A 1 8   ? -14.849 -4.969  -11.934 1.00 43.64 ? 55  HIS A CE1   1 
ATOM   69   N NE2   . HIS A 1 8   ? -13.897 -5.837  -12.223 1.00 44.47 ? 55  HIS A NE2   1 
ATOM   70   N N     . TRP A 1 9   ? -9.681  -2.514  -8.254  1.00 40.20 ? 56  TRP A N     1 
ATOM   71   C CA    . TRP A 1 9   ? -9.135  -1.756  -7.135  1.00 39.59 ? 56  TRP A CA    1 
ATOM   72   C C     . TRP A 1 9   ? -9.846  -0.408  -6.980  1.00 39.48 ? 56  TRP A C     1 
ATOM   73   O O     . TRP A 1 9   ? -10.418 0.114   -7.932  1.00 39.59 ? 56  TRP A O     1 
ATOM   74   C CB    . TRP A 1 9   ? -7.652  -1.542  -7.347  1.00 39.40 ? 56  TRP A CB    1 
ATOM   75   C CG    . TRP A 1 9   ? -6.936  -2.799  -7.611  1.00 39.44 ? 56  TRP A CG    1 
ATOM   76   C CD1   . TRP A 1 9   ? -6.745  -3.395  -8.829  1.00 39.99 ? 56  TRP A CD1   1 
ATOM   77   C CD2   . TRP A 1 9   ? -6.291  -3.637  -6.646  1.00 39.75 ? 56  TRP A CD2   1 
ATOM   78   N NE1   . TRP A 1 9   ? -6.026  -4.561  -8.680  1.00 40.34 ? 56  TRP A NE1   1 
ATOM   79   C CE2   . TRP A 1 9   ? -5.734  -4.733  -7.349  1.00 40.31 ? 56  TRP A CE2   1 
ATOM   80   C CE3   . TRP A 1 9   ? -6.134  -3.574  -5.254  1.00 38.47 ? 56  TRP A CE3   1 
ATOM   81   C CZ2   . TRP A 1 9   ? -5.028  -5.757  -6.703  1.00 39.17 ? 56  TRP A CZ2   1 
ATOM   82   C CZ3   . TRP A 1 9   ? -5.438  -4.596  -4.617  1.00 38.39 ? 56  TRP A CZ3   1 
ATOM   83   C CH2   . TRP A 1 9   ? -4.896  -5.668  -5.342  1.00 38.70 ? 56  TRP A CH2   1 
ATOM   84   N N     . ALA A 1 10  ? -9.810  0.145   -5.776  1.00 39.06 ? 57  ALA A N     1 
ATOM   85   C CA    . ALA A 1 10  ? -10.452 1.408   -5.494  1.00 38.71 ? 57  ALA A CA    1 
ATOM   86   C C     . ALA A 1 10  ? -9.427  2.367   -4.914  1.00 38.90 ? 57  ALA A C     1 
ATOM   87   O O     . ALA A 1 10  ? -8.743  2.046   -3.938  1.00 39.18 ? 57  ALA A O     1 
ATOM   88   C CB    . ALA A 1 10  ? -11.587 1.202   -4.518  1.00 38.55 ? 57  ALA A CB    1 
ATOM   89   N N     . LEU A 1 11  ? -9.308  3.547   -5.511  1.00 38.73 ? 58  LEU A N     1 
ATOM   90   C CA    . LEU A 1 11  ? -8.504  4.590   -4.897  1.00 38.75 ? 58  LEU A CA    1 
ATOM   91   C C     . LEU A 1 11  ? -9.333  5.324   -3.831  1.00 39.31 ? 58  LEU A C     1 
ATOM   92   O O     . LEU A 1 11  ? -10.474 5.720   -4.079  1.00 39.40 ? 58  LEU A O     1 
ATOM   93   C CB    . LEU A 1 11  ? -7.964  5.566   -5.947  1.00 38.40 ? 58  LEU A CB    1 
ATOM   94   C CG    . LEU A 1 11  ? -6.779  6.410   -5.473  1.00 37.13 ? 58  LEU A CG    1 
ATOM   95   C CD1   . LEU A 1 11  ? -5.452  5.858   -5.919  1.00 34.46 ? 58  LEU A CD1   1 
ATOM   96   C CD2   . LEU A 1 11  ? -6.937  7.793   -5.987  1.00 37.39 ? 58  LEU A CD2   1 
ATOM   97   N N     . TRP A 1 12  ? -8.762  5.466   -2.637  1.00 39.80 ? 59  TRP A N     1 
ATOM   98   C CA    . TRP A 1 12  ? -9.365  6.266   -1.579  1.00 39.98 ? 59  TRP A CA    1 
ATOM   99   C C     . TRP A 1 12  ? -8.427  7.404   -1.253  1.00 39.94 ? 59  TRP A C     1 
ATOM   100  O O     . TRP A 1 12  ? -7.223  7.312   -1.458  1.00 39.16 ? 59  TRP A O     1 
ATOM   101  C CB    . TRP A 1 12  ? -9.607  5.448   -0.309  1.00 40.28 ? 59  TRP A CB    1 
ATOM   102  C CG    . TRP A 1 12  ? -10.447 4.228   -0.485  1.00 41.58 ? 59  TRP A CG    1 
ATOM   103  C CD1   . TRP A 1 12  ? -10.068 3.050   -1.063  1.00 43.23 ? 59  TRP A CD1   1 
ATOM   104  C CD2   . TRP A 1 12  ? -11.800 4.044   -0.053  1.00 43.01 ? 59  TRP A CD2   1 
ATOM   105  N NE1   . TRP A 1 12  ? -11.106 2.144   -1.028  1.00 44.61 ? 59  TRP A NE1   1 
ATOM   106  C CE2   . TRP A 1 12  ? -12.183 2.731   -0.417  1.00 43.92 ? 59  TRP A CE2   1 
ATOM   107  C CE3   . TRP A 1 12  ? -12.735 4.864   0.597   1.00 43.59 ? 59  TRP A CE3   1 
ATOM   108  C CZ2   . TRP A 1 12  ? -13.461 2.215   -0.147  1.00 44.29 ? 59  TRP A CZ2   1 
ATOM   109  C CZ3   . TRP A 1 12  ? -14.011 4.351   0.864   1.00 43.94 ? 59  TRP A CZ3   1 
ATOM   110  C CH2   . TRP A 1 12  ? -14.360 3.040   0.491   1.00 43.76 ? 59  TRP A CH2   1 
ATOM   111  N N     . TYR A 1 13  ? -9.006  8.482   -0.750  1.00 40.79 ? 60  TYR A N     1 
ATOM   112  C CA    . TYR A 1 13  ? -8.257  9.647   -0.309  1.00 41.64 ? 60  TYR A CA    1 
ATOM   113  C C     . TYR A 1 13  ? -8.838  10.105  1.014   1.00 42.17 ? 60  TYR A C     1 
ATOM   114  O O     . TYR A 1 13  ? -10.057 10.029  1.214   1.00 42.20 ? 60  TYR A O     1 
ATOM   115  C CB    . TYR A 1 13  ? -8.350  10.759  -1.349  1.00 41.63 ? 60  TYR A CB    1 
ATOM   116  C CG    . TYR A 1 13  ? -7.896  12.114  -0.868  1.00 41.95 ? 60  TYR A CG    1 
ATOM   117  C CD1   . TYR A 1 13  ? -6.559  12.354  -0.565  1.00 42.84 ? 60  TYR A CD1   1 
ATOM   118  C CD2   . TYR A 1 13  ? -8.802  13.167  -0.734  1.00 42.24 ? 60  TYR A CD2   1 
ATOM   119  C CE1   . TYR A 1 13  ? -6.133  13.612  -0.120  1.00 43.56 ? 60  TYR A CE1   1 
ATOM   120  C CE2   . TYR A 1 13  ? -8.386  14.433  -0.298  1.00 42.62 ? 60  TYR A CE2   1 
ATOM   121  C CZ    . TYR A 1 13  ? -7.051  14.643  0.010   1.00 43.07 ? 60  TYR A CZ    1 
ATOM   122  O OH    . TYR A 1 13  ? -6.629  15.876  0.445   1.00 43.67 ? 60  TYR A OH    1 
ATOM   123  N N     . LEU A 1 14  ? -7.963  10.540  1.921   1.00 42.85 ? 61  LEU A N     1 
ATOM   124  C CA    . LEU A 1 14  ? -8.382  11.117  3.194   1.00 43.86 ? 61  LEU A CA    1 
ATOM   125  C C     . LEU A 1 14  ? -7.547  12.338  3.527   1.00 45.00 ? 61  LEU A C     1 
ATOM   126  O O     . LEU A 1 14  ? -6.338  12.213  3.701   1.00 45.46 ? 61  LEU A O     1 
ATOM   127  C CB    . LEU A 1 14  ? -8.278  10.090  4.326   1.00 43.56 ? 61  LEU A CB    1 
ATOM   128  C CG    . LEU A 1 14  ? -8.761  10.512  5.721   1.00 42.74 ? 61  LEU A CG    1 
ATOM   129  C CD1   . LEU A 1 14  ? -9.488  9.379   6.413   1.00 41.26 ? 61  LEU A CD1   1 
ATOM   130  C CD2   . LEU A 1 14  ? -7.622  11.055  6.589   1.00 41.05 ? 61  LEU A CD2   1 
ATOM   131  N N     . LYS A 1 15  ? -8.192  13.508  3.598   1.00 46.21 ? 62  LYS A N     1 
ATOM   132  C CA    . LYS A 1 15  ? -7.569  14.722  4.126   1.00 47.56 ? 62  LYS A CA    1 
ATOM   133  C C     . LYS A 1 15  ? -7.960  14.895  5.585   1.00 48.71 ? 62  LYS A C     1 
ATOM   134  O O     . LYS A 1 15  ? -9.140  14.807  5.933   1.00 48.79 ? 62  LYS A O     1 
ATOM   135  C CB    . LYS A 1 15  ? -7.982  15.962  3.331   1.00 47.20 ? 62  LYS A CB    1 
ATOM   136  N N     . ALA A 1 16  ? -6.963  15.136  6.437   1.00 50.53 ? 63  ALA A N     1 
ATOM   137  C CA    . ALA A 1 16  ? -7.191  15.433  7.865   1.00 52.10 ? 63  ALA A CA    1 
ATOM   138  C C     . ALA A 1 16  ? -8.101  16.663  8.111   1.00 53.25 ? 63  ALA A C     1 
ATOM   139  O O     . ALA A 1 16  ? -7.873  17.761  7.559   1.00 53.18 ? 63  ALA A O     1 
ATOM   140  C CB    . ALA A 1 16  ? -5.861  15.580  8.612   1.00 51.75 ? 63  ALA A CB    1 
ATOM   141  N N     . ASP A 1 17  ? -9.134  16.441  8.930   1.00 54.53 ? 64  ASP A N     1 
ATOM   142  C CA    . ASP A 1 17  ? -10.090 17.461  9.350   1.00 55.62 ? 64  ASP A CA    1 
ATOM   143  C C     . ASP A 1 17  ? -10.260 17.371  10.870  1.00 56.21 ? 64  ASP A C     1 
ATOM   144  O O     . ASP A 1 17  ? -10.805 16.383  11.386  1.00 55.97 ? 64  ASP A O     1 
ATOM   145  C CB    . ASP A 1 17  ? -11.434 17.242  8.630   1.00 55.82 ? 64  ASP A CB    1 
ATOM   146  C CG    . ASP A 1 17  ? -12.535 18.207  9.091   1.00 56.55 ? 64  ASP A CG    1 
ATOM   147  O OD1   . ASP A 1 17  ? -13.722 17.885  8.854   1.00 57.01 ? 64  ASP A OD1   1 
ATOM   148  O OD2   . ASP A 1 17  ? -12.231 19.278  9.675   1.00 56.68 ? 64  ASP A OD2   1 
ATOM   149  N N     . ARG A 1 18  ? -9.782  18.407  11.569  1.00 57.18 ? 65  ARG A N     1 
ATOM   150  C CA    . ARG A 1 18  ? -9.855  18.501  13.043  1.00 58.18 ? 65  ARG A CA    1 
ATOM   151  C C     . ARG A 1 18  ? -11.268 18.228  13.620  1.00 58.85 ? 65  ARG A C     1 
ATOM   152  O O     . ARG A 1 18  ? -11.446 17.273  14.390  1.00 58.96 ? 65  ARG A O     1 
ATOM   153  C CB    . ARG A 1 18  ? -9.312  19.856  13.530  1.00 57.98 ? 65  ARG A CB    1 
ATOM   154  N N     . SER A 1 19  ? -12.253 19.045  13.217  1.00 59.48 ? 66  SER A N     1 
ATOM   155  C CA    . SER A 1 19  ? -13.646 18.988  13.725  1.00 59.92 ? 66  SER A CA    1 
ATOM   156  C C     . SER A 1 19  ? -14.418 17.701  13.402  1.00 60.29 ? 66  SER A C     1 
ATOM   157  O O     . SER A 1 19  ? -15.101 17.146  14.276  1.00 60.39 ? 66  SER A O     1 
ATOM   158  C CB    . SER A 1 19  ? -14.456 20.196  13.229  1.00 59.98 ? 66  SER A CB    1 
ATOM   159  O OG    . SER A 1 19  ? -14.700 20.123  11.830  1.00 59.96 ? 66  SER A OG    1 
ATOM   160  N N     . LYS A 1 20  ? -14.335 17.253  12.145  1.00 60.62 ? 67  LYS A N     1 
ATOM   161  C CA    . LYS A 1 20  ? -14.987 16.009  11.717  1.00 60.65 ? 67  LYS A CA    1 
ATOM   162  C C     . LYS A 1 20  ? -14.214 14.781  12.197  1.00 60.63 ? 67  LYS A C     1 
ATOM   163  O O     . LYS A 1 20  ? -12.998 14.833  12.417  1.00 60.55 ? 67  LYS A O     1 
ATOM   164  C CB    . LYS A 1 20  ? -15.182 15.964  10.196  1.00 60.54 ? 67  LYS A CB    1 
ATOM   165  N N     . ASP A 1 21  ? -14.949 13.687  12.379  1.00 60.68 ? 68  ASP A N     1 
ATOM   166  C CA    . ASP A 1 21  ? -14.385 12.397  12.768  1.00 60.69 ? 68  ASP A CA    1 
ATOM   167  C C     . ASP A 1 21  ? -13.741 11.666  11.565  1.00 60.91 ? 68  ASP A C     1 
ATOM   168  O O     . ASP A 1 21  ? -13.751 12.181  10.435  1.00 60.94 ? 68  ASP A O     1 
ATOM   169  C CB    . ASP A 1 21  ? -15.450 11.534  13.473  1.00 60.51 ? 68  ASP A CB    1 
ATOM   170  C CG    . ASP A 1 21  ? -16.817 11.581  12.788  1.00 59.83 ? 68  ASP A CG    1 
ATOM   171  O OD1   . ASP A 1 21  ? -17.087 12.491  11.967  1.00 58.79 ? 68  ASP A OD1   1 
ATOM   172  O OD2   . ASP A 1 21  ? -17.637 10.696  13.096  1.00 59.06 ? 68  ASP A OD2   1 
ATOM   173  N N     . TRP A 1 22  ? -13.180 10.480  11.808  1.00 60.76 ? 69  TRP A N     1 
ATOM   174  C CA    . TRP A 1 22  ? -12.317 9.836   10.819  1.00 60.59 ? 69  TRP A CA    1 
ATOM   175  C C     . TRP A 1 22  ? -13.041 9.344   9.553   1.00 60.47 ? 69  TRP A C     1 
ATOM   176  O O     . TRP A 1 22  ? -12.765 9.829   8.447   1.00 60.27 ? 69  TRP A O     1 
ATOM   177  C CB    . TRP A 1 22  ? -11.513 8.714   11.472  1.00 60.56 ? 69  TRP A CB    1 
ATOM   178  C CG    . TRP A 1 22  ? -10.396 8.209   10.610  1.00 60.71 ? 69  TRP A CG    1 
ATOM   179  C CD1   . TRP A 1 22  ? -9.153  8.765   10.466  1.00 60.15 ? 69  TRP A CD1   1 
ATOM   180  C CD2   . TRP A 1 22  ? -10.415 7.047   9.770   1.00 61.23 ? 69  TRP A CD2   1 
ATOM   181  N NE1   . TRP A 1 22  ? -8.395  8.017   9.598   1.00 60.40 ? 69  TRP A NE1   1 
ATOM   182  C CE2   . TRP A 1 22  ? -9.143  6.958   9.150   1.00 61.10 ? 69  TRP A CE2   1 
ATOM   183  C CE3   . TRP A 1 22  ? -11.383 6.069   9.479   1.00 61.32 ? 69  TRP A CE3   1 
ATOM   184  C CZ2   . TRP A 1 22  ? -8.812  5.929   8.257   1.00 60.83 ? 69  TRP A CZ2   1 
ATOM   185  C CZ3   . TRP A 1 22  ? -11.051 5.043   8.593   1.00 61.53 ? 69  TRP A CZ3   1 
ATOM   186  C CH2   . TRP A 1 22  ? -9.774  4.981   7.996   1.00 61.42 ? 69  TRP A CH2   1 
ATOM   187  N N     . GLU A 1 23  ? -13.964 8.398   9.734   1.00 60.24 ? 70  GLU A N     1 
ATOM   188  C CA    . GLU A 1 23  ? -14.690 7.732   8.644   1.00 60.06 ? 70  GLU A CA    1 
ATOM   189  C C     . GLU A 1 23  ? -15.316 8.632   7.569   1.00 59.82 ? 70  GLU A C     1 
ATOM   190  O O     . GLU A 1 23  ? -15.439 8.224   6.409   1.00 59.85 ? 70  GLU A O     1 
ATOM   191  C CB    . GLU A 1 23  ? -15.783 6.835   9.219   1.00 60.14 ? 70  GLU A CB    1 
ATOM   192  C CG    . GLU A 1 23  ? -15.361 5.394   9.414   1.00 61.16 ? 70  GLU A CG    1 
ATOM   193  C CD    . GLU A 1 23  ? -16.437 4.400   8.976   1.00 61.89 ? 70  GLU A CD    1 
ATOM   194  O OE1   . GLU A 1 23  ? -16.673 3.415   9.713   1.00 61.81 ? 70  GLU A OE1   1 
ATOM   195  O OE2   . GLU A 1 23  ? -17.042 4.603   7.894   1.00 62.11 ? 70  GLU A OE2   1 
ATOM   196  N N     . ASP A 1 24  ? -15.731 9.837   7.957   1.00 59.53 ? 71  ASP A N     1 
ATOM   197  C CA    . ASP A 1 24  ? -16.367 10.782  7.029   1.00 58.94 ? 71  ASP A CA    1 
ATOM   198  C C     . ASP A 1 24  ? -15.357 11.503  6.130   1.00 58.41 ? 71  ASP A C     1 
ATOM   199  O O     . ASP A 1 24  ? -15.744 12.080  5.111   1.00 58.75 ? 71  ASP A O     1 
ATOM   200  C CB    . ASP A 1 24  ? -17.230 11.808  7.779   1.00 59.10 ? 71  ASP A CB    1 
ATOM   201  C CG    . ASP A 1 24  ? -18.295 11.160  8.663   1.00 59.33 ? 71  ASP A CG    1 
ATOM   202  O OD1   . ASP A 1 24  ? -18.689 11.804  9.655   1.00 59.86 ? 71  ASP A OD1   1 
ATOM   203  O OD2   . ASP A 1 24  ? -18.734 10.020  8.379   1.00 59.06 ? 71  ASP A OD2   1 
ATOM   204  N N     . CYS A 1 25  ? -14.074 11.475  6.499   1.00 57.23 ? 72  CYS A N     1 
ATOM   205  C CA    . CYS A 1 25  ? -13.026 12.050  5.653   1.00 56.15 ? 72  CYS A CA    1 
ATOM   206  C C     . CYS A 1 25  ? -12.555 11.067  4.603   1.00 55.03 ? 72  CYS A C     1 
ATOM   207  O O     . CYS A 1 25  ? -11.820 11.446  3.694   1.00 55.02 ? 72  CYS A O     1 
ATOM   208  C CB    . CYS A 1 25  ? -11.838 12.475  6.490   1.00 56.19 ? 72  CYS A CB    1 
ATOM   209  S SG    . CYS A 1 25  ? -12.326 13.364  7.935   1.00 57.86 ? 72  CYS A SG    1 
ATOM   210  N N     . LEU A 1 26  ? -12.985 9.814   4.742   1.00 53.66 ? 73  LEU A N     1 
ATOM   211  C CA    . LEU A 1 26  ? -12.575 8.709   3.879   1.00 52.32 ? 73  LEU A CA    1 
ATOM   212  C C     . LEU A 1 26  ? -13.364 8.701   2.572   1.00 51.39 ? 73  LEU A C     1 
ATOM   213  O O     . LEU A 1 26  ? -14.497 8.226   2.533   1.00 51.54 ? 73  LEU A O     1 
ATOM   214  C CB    . LEU A 1 26  ? -12.785 7.396   4.620   1.00 52.27 ? 73  LEU A CB    1 
ATOM   215  C CG    . LEU A 1 26  ? -11.961 6.192   4.200   1.00 52.56 ? 73  LEU A CG    1 
ATOM   216  C CD1   . LEU A 1 26  ? -10.483 6.477   4.405   1.00 53.37 ? 73  LEU A CD1   1 
ATOM   217  C CD2   . LEU A 1 26  ? -12.378 4.980   5.007   1.00 52.88 ? 73  LEU A CD2   1 
ATOM   218  N N     . LYS A 1 27  ? -12.748 9.216   1.508   1.00 50.01 ? 74  LYS A N     1 
ATOM   219  C CA    . LYS A 1 27  ? -13.428 9.477   0.231   1.00 48.41 ? 74  LYS A CA    1 
ATOM   220  C C     . LYS A 1 27  ? -12.949 8.545   -0.893  1.00 47.19 ? 74  LYS A C     1 
ATOM   221  O O     . LYS A 1 27  ? -11.774 8.577   -1.283  1.00 46.91 ? 74  LYS A O     1 
ATOM   222  C CB    . LYS A 1 27  ? -13.233 10.957  -0.152  1.00 48.54 ? 74  LYS A CB    1 
ATOM   223  C CG    . LYS A 1 27  ? -13.536 11.354  -1.605  1.00 48.70 ? 74  LYS A CG    1 
ATOM   224  C CD    . LYS A 1 27  ? -13.266 12.861  -1.806  1.00 50.75 ? 74  LYS A CD    1 
ATOM   225  C CE    . LYS A 1 27  ? -13.605 13.370  -3.230  1.00 51.83 ? 74  LYS A CE    1 
ATOM   226  N NZ    . LYS A 1 27  ? -12.438 13.334  -4.181  1.00 51.37 ? 74  LYS A NZ    1 
ATOM   227  N N     . GLN A 1 28  ? -13.863 7.722   -1.408  1.00 45.50 ? 75  GLN A N     1 
ATOM   228  C CA    . GLN A 1 28  ? -13.555 6.861   -2.558  1.00 44.02 ? 75  GLN A CA    1 
ATOM   229  C C     . GLN A 1 28  ? -13.499 7.634   -3.889  1.00 42.81 ? 75  GLN A C     1 
ATOM   230  O O     . GLN A 1 28  ? -14.513 8.130   -4.373  1.00 42.86 ? 75  GLN A O     1 
ATOM   231  C CB    . GLN A 1 28  ? -14.554 5.700   -2.649  1.00 43.99 ? 75  GLN A CB    1 
ATOM   232  C CG    . GLN A 1 28  ? -14.118 4.608   -3.639  1.00 43.35 ? 75  GLN A CG    1 
ATOM   233  C CD    . GLN A 1 28  ? -15.244 3.676   -4.017  1.00 41.44 ? 75  GLN A CD    1 
ATOM   234  O OE1   . GLN A 1 28  ? -15.347 2.560   -3.498  1.00 40.38 ? 75  GLN A OE1   1 
ATOM   235  N NE2   . GLN A 1 28  ? -16.098 4.126   -4.926  1.00 39.93 ? 75  GLN A NE2   1 
ATOM   236  N N     . VAL A 1 29  ? -12.318 7.716   -4.484  1.00 41.55 ? 76  VAL A N     1 
ATOM   237  C CA    . VAL A 1 29  ? -12.099 8.589   -5.647  1.00 40.78 ? 76  VAL A CA    1 
ATOM   238  C C     . VAL A 1 29  ? -12.634 8.003   -6.960  1.00 40.47 ? 76  VAL A C     1 
ATOM   239  O O     . VAL A 1 29  ? -13.323 8.696   -7.714  1.00 40.74 ? 76  VAL A O     1 
ATOM   240  C CB    . VAL A 1 29  ? -10.597 9.015   -5.783  1.00 40.57 ? 76  VAL A CB    1 
ATOM   241  C CG1   . VAL A 1 29  ? -10.344 9.751   -7.067  1.00 39.66 ? 76  VAL A CG1   1 
ATOM   242  C CG2   . VAL A 1 29  ? -10.190 9.895   -4.624  1.00 40.45 ? 76  VAL A CG2   1 
ATOM   243  N N     . ALA A 1 30  ? -12.315 6.730   -7.211  1.00 39.77 ? 77  ALA A N     1 
ATOM   244  C CA    . ALA A 1 30  ? -12.668 6.024   -8.443  1.00 38.73 ? 77  ALA A CA    1 
ATOM   245  C C     . ALA A 1 30  ? -12.377 4.528   -8.292  1.00 38.30 ? 77  ALA A C     1 
ATOM   246  O O     . ALA A 1 30  ? -11.627 4.119   -7.404  1.00 37.81 ? 77  ALA A O     1 
ATOM   247  C CB    . ALA A 1 30  ? -11.895 6.591   -9.610  1.00 38.63 ? 77  ALA A CB    1 
ATOM   248  N N     . VAL A 1 31  ? -12.993 3.719   -9.152  1.00 37.94 ? 78  VAL A N     1 
ATOM   249  C CA    . VAL A 1 31  ? -12.787 2.271   -9.163  1.00 37.76 ? 78  VAL A CA    1 
ATOM   250  C C     . VAL A 1 31  ? -12.430 1.840   -10.572 1.00 37.64 ? 78  VAL A C     1 
ATOM   251  O O     . VAL A 1 31  ? -13.163 2.130   -11.517 1.00 38.00 ? 78  VAL A O     1 
ATOM   252  C CB    . VAL A 1 31  ? -14.047 1.479   -8.743  1.00 37.81 ? 78  VAL A CB    1 
ATOM   253  C CG1   . VAL A 1 31  ? -13.673 0.045   -8.408  1.00 38.54 ? 78  VAL A CG1   1 
ATOM   254  C CG2   . VAL A 1 31  ? -14.769 2.126   -7.559  1.00 38.47 ? 78  VAL A CG2   1 
ATOM   255  N N     . PHE A 1 32  ? -11.320 1.132   -10.720 1.00 37.39 ? 79  PHE A N     1 
ATOM   256  C CA    . PHE A 1 32  ? -10.803 0.828   -12.041 1.00 37.39 ? 79  PHE A CA    1 
ATOM   257  C C     . PHE A 1 32  ? -10.425 -0.631  -12.130 1.00 37.32 ? 79  PHE A C     1 
ATOM   258  O O     . PHE A 1 32  ? -10.276 -1.272  -11.100 1.00 38.03 ? 79  PHE A O     1 
ATOM   259  C CB    . PHE A 1 32  ? -9.593  1.706   -12.331 1.00 37.64 ? 79  PHE A CB    1 
ATOM   260  C CG    . PHE A 1 32  ? -8.419  1.446   -11.430 1.00 37.97 ? 79  PHE A CG    1 
ATOM   261  C CD1   . PHE A 1 32  ? -7.512  0.435   -11.719 1.00 38.21 ? 79  PHE A CD1   1 
ATOM   262  C CD2   . PHE A 1 32  ? -8.215  2.221   -10.309 1.00 37.98 ? 79  PHE A CD2   1 
ATOM   263  C CE1   . PHE A 1 32  ? -6.426  0.200   -10.890 1.00 38.77 ? 79  PHE A CE1   1 
ATOM   264  C CE2   . PHE A 1 32  ? -7.136  1.991   -9.483  1.00 38.89 ? 79  PHE A CE2   1 
ATOM   265  C CZ    . PHE A 1 32  ? -6.235  0.983   -9.774  1.00 38.74 ? 79  PHE A CZ    1 
ATOM   266  N N     . ASP A 1 33  ? -10.273 -1.166  -13.340 1.00 36.91 ? 80  ASP A N     1 
ATOM   267  C CA    . ASP A 1 33  ? -9.872  -2.569  -13.483 1.00 36.73 ? 80  ASP A CA    1 
ATOM   268  C C     . ASP A 1 33  ? -9.072  -2.845  -14.751 1.00 36.81 ? 80  ASP A C     1 
ATOM   269  O O     . ASP A 1 33  ? -8.990  -3.996  -15.204 1.00 37.06 ? 80  ASP A O     1 
ATOM   270  C CB    . ASP A 1 33  ? -11.079 -3.507  -13.396 1.00 36.64 ? 80  ASP A CB    1 
ATOM   271  C CG    . ASP A 1 33  ? -12.121 -3.199  -14.428 1.00 37.16 ? 80  ASP A CG    1 
ATOM   272  O OD1   . ASP A 1 33  ? -11.794 -2.470  -15.383 1.00 37.93 ? 80  ASP A OD1   1 
ATOM   273  O OD2   . ASP A 1 33  ? -13.269 -3.667  -14.282 1.00 38.03 ? 80  ASP A OD2   1 
ATOM   274  N N     . THR A 1 34  ? -8.490  -1.782  -15.313 1.00 36.47 ? 81  THR A N     1 
ATOM   275  C CA    . THR A 1 34  ? -7.607  -1.872  -16.472 1.00 35.67 ? 81  THR A CA    1 
ATOM   276  C C     . THR A 1 34  ? -6.373  -1.004  -16.239 1.00 35.93 ? 81  THR A C     1 
ATOM   277  O O     . THR A 1 34  ? -6.452  -0.011  -15.517 1.00 36.11 ? 81  THR A O     1 
ATOM   278  C CB    . THR A 1 34  ? -8.309  -1.398  -17.756 1.00 35.39 ? 81  THR A CB    1 
ATOM   279  O OG1   . THR A 1 34  ? -8.428  0.030   -17.736 1.00 34.11 ? 81  THR A OG1   1 
ATOM   280  C CG2   . THR A 1 34  ? -9.686  -2.038  -17.899 1.00 33.93 ? 81  THR A CG2   1 
ATOM   281  N N     . VAL A 1 35  ? -5.249  -1.370  -16.859 1.00 36.06 ? 82  VAL A N     1 
ATOM   282  C CA    . VAL A 1 35  ? -3.988  -0.607  -16.754 1.00 36.16 ? 82  VAL A CA    1 
ATOM   283  C C     . VAL A 1 35  ? -4.142  0.847   -17.199 1.00 36.48 ? 82  VAL A C     1 
ATOM   284  O O     . VAL A 1 35  ? -3.692  1.763   -16.517 1.00 36.78 ? 82  VAL A O     1 
ATOM   285  C CB    . VAL A 1 35  ? -2.873  -1.218  -17.621 1.00 36.13 ? 82  VAL A CB    1 
ATOM   286  C CG1   . VAL A 1 35  ? -1.561  -0.542  -17.305 1.00 35.74 ? 82  VAL A CG1   1 
ATOM   287  C CG2   . VAL A 1 35  ? -2.773  -2.737  -17.423 1.00 35.63 ? 82  VAL A CG2   1 
ATOM   288  N N     . GLU A 1 36  ? -4.779  1.038   -18.351 1.00 36.84 ? 83  GLU A N     1 
ATOM   289  C CA    . GLU A 1 36  ? -5.054  2.357   -18.942 1.00 36.77 ? 83  GLU A CA    1 
ATOM   290  C C     . GLU A 1 36  ? -5.781  3.304   -17.983 1.00 36.92 ? 83  GLU A C     1 
ATOM   291  O O     . GLU A 1 36  ? -5.427  4.486   -17.890 1.00 36.79 ? 83  GLU A O     1 
ATOM   292  C CB    . GLU A 1 36  ? -5.879  2.188   -20.228 1.00 36.56 ? 83  GLU A CB    1 
ATOM   293  C CG    . GLU A 1 36  ? -5.094  1.766   -21.485 1.00 36.58 ? 83  GLU A CG    1 
ATOM   294  C CD    . GLU A 1 36  ? -4.378  0.415   -21.374 1.00 38.16 ? 83  GLU A CD    1 
ATOM   295  O OE1   . GLU A 1 36  ? -3.171  0.394   -21.684 1.00 40.53 ? 83  GLU A OE1   1 
ATOM   296  O OE2   . GLU A 1 36  ? -4.985  -0.618  -20.990 1.00 36.85 ? 83  GLU A OE2   1 
ATOM   297  N N     . ASP A 1 37  ? -6.794  2.767   -17.288 1.00 37.22 ? 84  ASP A N     1 
ATOM   298  C CA    . ASP A 1 37  ? -7.612  3.514   -16.318 1.00 37.16 ? 84  ASP A CA    1 
ATOM   299  C C     . ASP A 1 37  ? -6.818  3.859   -15.067 1.00 37.10 ? 84  ASP A C     1 
ATOM   300  O O     . ASP A 1 37  ? -6.951  4.969   -14.537 1.00 37.37 ? 84  ASP A O     1 
ATOM   301  C CB    . ASP A 1 37  ? -8.855  2.723   -15.909 1.00 37.34 ? 84  ASP A CB    1 
ATOM   302  C CG    . ASP A 1 37  ? -9.928  2.694   -16.990 1.00 38.32 ? 84  ASP A CG    1 
ATOM   303  O OD1   . ASP A 1 37  ? -10.205 3.760   -17.589 1.00 38.97 ? 84  ASP A OD1   1 
ATOM   304  O OD2   . ASP A 1 37  ? -10.513 1.602   -17.220 1.00 38.40 ? 84  ASP A OD2   1 
ATOM   305  N N     . PHE A 1 38  ? -6.000  2.919   -14.591 1.00 36.57 ? 85  PHE A N     1 
ATOM   306  C CA    . PHE A 1 38  ? -5.143  3.187   -13.448 1.00 36.19 ? 85  PHE A CA    1 
ATOM   307  C C     . PHE A 1 38  ? -4.274  4.399   -13.723 1.00 36.31 ? 85  PHE A C     1 
ATOM   308  O O     . PHE A 1 38  ? -4.173  5.292   -12.886 1.00 36.40 ? 85  PHE A O     1 
ATOM   309  C CB    . PHE A 1 38  ? -4.269  1.982   -13.102 1.00 36.13 ? 85  PHE A CB    1 
ATOM   310  C CG    . PHE A 1 38  ? -3.018  2.335   -12.323 1.00 35.47 ? 85  PHE A CG    1 
ATOM   311  C CD1   . PHE A 1 38  ? -3.088  2.712   -10.994 1.00 34.79 ? 85  PHE A CD1   1 
ATOM   312  C CD2   . PHE A 1 38  ? -1.776  2.291   -12.930 1.00 34.92 ? 85  PHE A CD2   1 
ATOM   313  C CE1   . PHE A 1 38  ? -1.954  3.036   -10.290 1.00 34.24 ? 85  PHE A CE1   1 
ATOM   314  C CE2   . PHE A 1 38  ? -0.639  2.617   -12.230 1.00 34.61 ? 85  PHE A CE2   1 
ATOM   315  C CZ    . PHE A 1 38  ? -0.731  2.991   -10.904 1.00 35.01 ? 85  PHE A CZ    1 
ATOM   316  N N     . TRP A 1 39  ? -3.647  4.433   -14.893 1.00 36.57 ? 86  TRP A N     1 
ATOM   317  C CA    . TRP A 1 39  ? -2.742  5.529   -15.227 1.00 36.98 ? 86  TRP A CA    1 
ATOM   318  C C     . TRP A 1 39  ? -3.459  6.865   -15.352 1.00 37.25 ? 86  TRP A C     1 
ATOM   319  O O     . TRP A 1 39  ? -2.983  7.903   -14.867 1.00 36.73 ? 86  TRP A O     1 
ATOM   320  C CB    . TRP A 1 39  ? -1.976  5.209   -16.491 1.00 36.86 ? 86  TRP A CB    1 
ATOM   321  C CG    . TRP A 1 39  ? -0.859  4.284   -16.239 1.00 37.75 ? 86  TRP A CG    1 
ATOM   322  C CD1   . TRP A 1 39  ? -0.671  3.064   -16.804 1.00 38.58 ? 86  TRP A CD1   1 
ATOM   323  C CD2   . TRP A 1 39  ? 0.249   4.493   -15.351 1.00 39.57 ? 86  TRP A CD2   1 
ATOM   324  N NE1   . TRP A 1 39  ? 0.485   2.490   -16.331 1.00 38.94 ? 86  TRP A NE1   1 
ATOM   325  C CE2   . TRP A 1 39  ? 1.072   3.345   -15.437 1.00 39.65 ? 86  TRP A CE2   1 
ATOM   326  C CE3   . TRP A 1 39  ? 0.631   5.541   -14.492 1.00 39.97 ? 86  TRP A CE3   1 
ATOM   327  C CZ2   . TRP A 1 39  ? 2.254   3.206   -14.694 1.00 39.60 ? 86  TRP A CZ2   1 
ATOM   328  C CZ3   . TRP A 1 39  ? 1.804   5.400   -13.748 1.00 40.38 ? 86  TRP A CZ3   1 
ATOM   329  C CH2   . TRP A 1 39  ? 2.603   4.239   -13.858 1.00 39.56 ? 86  TRP A CH2   1 
ATOM   330  N N     . SER A 1 40  ? -4.627  6.814   -15.985 1.00 37.90 ? 87  SER A N     1 
ATOM   331  C CA    . SER A 1 40  ? -5.497  7.976   -16.128 1.00 38.51 ? 87  SER A CA    1 
ATOM   332  C C     . SER A 1 40  ? -5.781  8.684   -14.791 1.00 38.63 ? 87  SER A C     1 
ATOM   333  O O     . SER A 1 40  ? -5.653  9.909   -14.709 1.00 39.11 ? 87  SER A O     1 
ATOM   334  C CB    . SER A 1 40  ? -6.797  7.570   -16.810 1.00 38.58 ? 87  SER A CB    1 
ATOM   335  O OG    . SER A 1 40  ? -7.601  8.707   -16.997 1.00 39.55 ? 87  SER A OG    1 
ATOM   336  N N     . LEU A 1 41  ? -6.168  7.914   -13.764 1.00 38.32 ? 88  LEU A N     1 
ATOM   337  C CA    . LEU A 1 41  ? -6.206  8.390   -12.374 1.00 37.94 ? 88  LEU A CA    1 
ATOM   338  C C     . LEU A 1 41  ? -4.850  8.919   -11.888 1.00 37.87 ? 88  LEU A C     1 
ATOM   339  O O     . LEU A 1 41  ? -4.731  10.063  -11.439 1.00 37.73 ? 88  LEU A O     1 
ATOM   340  C CB    . LEU A 1 41  ? -6.624  7.260   -11.436 1.00 37.70 ? 88  LEU A CB    1 
ATOM   341  C CG    . LEU A 1 41  ? -8.083  7.067   -11.055 1.00 38.06 ? 88  LEU A CG    1 
ATOM   342  C CD1   . LEU A 1 41  ? -8.189  6.001   -9.971  1.00 37.91 ? 88  LEU A CD1   1 
ATOM   343  C CD2   . LEU A 1 41  ? -8.678  8.375   -10.575 1.00 38.29 ? 88  LEU A CD2   1 
ATOM   344  N N     . TYR A 1 42  ? -3.830  8.073   -11.987 1.00 37.78 ? 89  TYR A N     1 
ATOM   345  C CA    . TYR A 1 42  ? -2.550  8.364   -11.373 1.00 37.83 ? 89  TYR A CA    1 
ATOM   346  C C     . TYR A 1 42  ? -1.832  9.595   -11.970 1.00 37.74 ? 89  TYR A C     1 
ATOM   347  O O     . TYR A 1 42  ? -1.398  10.482  -11.230 1.00 37.56 ? 89  TYR A O     1 
ATOM   348  C CB    . TYR A 1 42  ? -1.647  7.126   -11.361 1.00 37.83 ? 89  TYR A CB    1 
ATOM   349  C CG    . TYR A 1 42  ? -0.390  7.376   -10.581 1.00 38.06 ? 89  TYR A CG    1 
ATOM   350  C CD1   . TYR A 1 42  ? -0.342  7.136   -9.204  1.00 37.78 ? 89  TYR A CD1   1 
ATOM   351  C CD2   . TYR A 1 42  ? 0.733   7.905   -11.204 1.00 37.88 ? 89  TYR A CD2   1 
ATOM   352  C CE1   . TYR A 1 42  ? 0.792   7.391   -8.480  1.00 37.99 ? 89  TYR A CE1   1 
ATOM   353  C CE2   . TYR A 1 42  ? 1.869   8.165   -10.490 1.00 39.05 ? 89  TYR A CE2   1 
ATOM   354  C CZ    . TYR A 1 42  ? 1.898   7.907   -9.127  1.00 39.34 ? 89  TYR A CZ    1 
ATOM   355  O OH    . TYR A 1 42  ? 3.057   8.175   -8.424  1.00 41.59 ? 89  TYR A OH    1 
ATOM   356  N N     . ASN A 1 43  ? -1.719  9.642   -13.295 1.00 37.71 ? 90  ASN A N     1 
ATOM   357  C CA    . ASN A 1 43  ? -1.196  10.818  -13.989 1.00 37.68 ? 90  ASN A CA    1 
ATOM   358  C C     . ASN A 1 43  ? -1.828  12.142  -13.528 1.00 37.77 ? 90  ASN A C     1 
ATOM   359  O O     . ASN A 1 43  ? -1.150  13.176  -13.460 1.00 37.72 ? 90  ASN A O     1 
ATOM   360  C CB    . ASN A 1 43  ? -1.438  10.679  -15.489 1.00 37.71 ? 90  ASN A CB    1 
ATOM   361  C CG    . ASN A 1 43  ? -0.618  9.586   -16.116 1.00 38.02 ? 90  ASN A CG    1 
ATOM   362  O OD1   . ASN A 1 43  ? 0.305   9.056   -15.498 1.00 38.95 ? 90  ASN A OD1   1 
ATOM   363  N ND2   . ASN A 1 43  ? -0.945  9.239   -17.362 1.00 37.80 ? 90  ASN A ND2   1 
ATOM   364  N N     . HIS A 1 44  ? -3.126  12.089  -13.212 1.00 37.45 ? 91  HIS A N     1 
ATOM   365  C CA    . HIS A 1 44  ? -3.927  13.288  -12.966 1.00 36.59 ? 91  HIS A CA    1 
ATOM   366  C C     . HIS A 1 44  ? -4.208  13.643  -11.509 1.00 36.19 ? 91  HIS A C     1 
ATOM   367  O O     . HIS A 1 44  ? -4.695  14.743  -11.246 1.00 35.46 ? 91  HIS A O     1 
ATOM   368  C CB    . HIS A 1 44  ? -5.225  13.226  -13.768 1.00 36.51 ? 91  HIS A CB    1 
ATOM   369  C CG    . HIS A 1 44  ? -5.022  13.408  -15.237 1.00 35.47 ? 91  HIS A CG    1 
ATOM   370  N ND1   . HIS A 1 44  ? -5.126  12.370  -16.133 1.00 35.02 ? 91  HIS A ND1   1 
ATOM   371  C CD2   . HIS A 1 44  ? -4.704  14.504  -15.964 1.00 35.02 ? 91  HIS A CD2   1 
ATOM   372  C CE1   . HIS A 1 44  ? -4.887  12.820  -17.353 1.00 35.87 ? 91  HIS A CE1   1 
ATOM   373  N NE2   . HIS A 1 44  ? -4.630  14.112  -17.278 1.00 35.52 ? 91  HIS A NE2   1 
ATOM   374  N N     . ILE A 1 45  ? -3.910  12.734  -10.576 1.00 36.23 ? 92  ILE A N     1 
ATOM   375  C CA    . ILE A 1 45  ? -3.997  13.080  -9.140  1.00 36.82 ? 92  ILE A CA    1 
ATOM   376  C C     . ILE A 1 45  ? -2.714  13.705  -8.562  1.00 37.31 ? 92  ILE A C     1 
ATOM   377  O O     . ILE A 1 45  ? -1.623  13.617  -9.160  1.00 37.65 ? 92  ILE A O     1 
ATOM   378  C CB    . ILE A 1 45  ? -4.476  11.929  -8.234  1.00 36.39 ? 92  ILE A CB    1 
ATOM   379  C CG1   . ILE A 1 45  ? -3.613  10.686  -8.455  1.00 36.55 ? 92  ILE A CG1   1 
ATOM   380  C CG2   . ILE A 1 45  ? -5.960  11.673  -8.458  1.00 36.47 ? 92  ILE A CG2   1 
ATOM   381  C CD1   . ILE A 1 45  ? -3.919  9.536   -7.507  1.00 36.18 ? 92  ILE A CD1   1 
ATOM   382  N N     . GLN A 1 46  ? -2.860  14.350  -7.406  1.00 37.41 ? 93  GLN A N     1 
ATOM   383  C CA    . GLN A 1 46  ? -1.748  15.044  -6.768  1.00 37.57 ? 93  GLN A CA    1 
ATOM   384  C C     . GLN A 1 46  ? -0.701  14.027  -6.337  1.00 37.77 ? 93  GLN A C     1 
ATOM   385  O O     . GLN A 1 46  ? -1.027  13.022  -5.696  1.00 37.52 ? 93  GLN A O     1 
ATOM   386  C CB    . GLN A 1 46  ? -2.242  15.886  -5.576  1.00 37.44 ? 93  GLN A CB    1 
ATOM   387  C CG    . GLN A 1 46  ? -1.246  16.905  -5.044  1.00 36.44 ? 93  GLN A CG    1 
ATOM   388  C CD    . GLN A 1 46  ? -1.748  17.625  -3.810  1.00 36.74 ? 93  GLN A CD    1 
ATOM   389  O OE1   . GLN A 1 46  ? -2.867  17.417  -3.357  1.00 37.71 ? 93  GLN A OE1   1 
ATOM   390  N NE2   . GLN A 1 46  ? -0.917  18.484  -3.260  1.00 37.69 ? 93  GLN A NE2   1 
ATOM   391  N N     . ALA A 1 47  ? 0.550   14.279  -6.713  1.00 38.37 ? 94  ALA A N     1 
ATOM   392  C CA    . ALA A 1 47  ? 1.669   13.435  -6.276  1.00 39.03 ? 94  ALA A CA    1 
ATOM   393  C C     . ALA A 1 47  ? 1.625   13.247  -4.752  1.00 39.35 ? 94  ALA A C     1 
ATOM   394  O O     . ALA A 1 47  ? 1.275   14.183  -4.013  1.00 39.24 ? 94  ALA A O     1 
ATOM   395  C CB    . ALA A 1 47  ? 3.024   14.025  -6.737  1.00 38.84 ? 94  ALA A CB    1 
ATOM   396  N N     . ALA A 1 48  ? 1.953   12.036  -4.294  1.00 39.73 ? 95  ALA A N     1 
ATOM   397  C CA    . ALA A 1 48  ? 1.932   11.718  -2.864  1.00 40.41 ? 95  ALA A CA    1 
ATOM   398  C C     . ALA A 1 48  ? 2.713   12.742  -2.018  1.00 41.20 ? 95  ALA A C     1 
ATOM   399  O O     . ALA A 1 48  ? 2.225   13.219  -0.992  1.00 41.05 ? 95  ALA A O     1 
ATOM   400  C CB    . ALA A 1 48  ? 2.458   10.318  -2.628  1.00 40.05 ? 95  ALA A CB    1 
ATOM   401  N N     . SER A 1 49  ? 3.921   13.076  -2.468  1.00 42.22 ? 96  SER A N     1 
ATOM   402  C CA    . SER A 1 49  ? 4.801   13.992  -1.753  1.00 43.04 ? 96  SER A CA    1 
ATOM   403  C C     . SER A 1 49  ? 4.184   15.388  -1.640  1.00 43.99 ? 96  SER A C     1 
ATOM   404  O O     . SER A 1 49  ? 4.344   16.060  -0.611  1.00 44.25 ? 96  SER A O     1 
ATOM   405  C CB    . SER A 1 49  ? 6.148   14.071  -2.459  1.00 42.81 ? 96  SER A CB    1 
ATOM   406  O OG    . SER A 1 49  ? 6.013   14.771  -3.672  1.00 42.33 ? 96  SER A OG    1 
ATOM   407  N N     . GLY A 1 50  ? 3.477   15.805  -2.695  1.00 44.81 ? 97  GLY A N     1 
ATOM   408  C CA    . GLY A 1 50  ? 2.802   17.106  -2.751  1.00 45.56 ? 97  GLY A CA    1 
ATOM   409  C C     . GLY A 1 50  ? 1.745   17.302  -1.682  1.00 46.13 ? 97  GLY A C     1 
ATOM   410  O O     . GLY A 1 50  ? 1.478   18.428  -1.275  1.00 46.11 ? 97  GLY A O     1 
ATOM   411  N N     . LEU A 1 51  ? 1.156   16.200  -1.223  1.00 46.84 ? 98  LEU A N     1 
ATOM   412  C CA    . LEU A 1 51  ? 0.079   16.212  -0.224  1.00 47.75 ? 98  LEU A CA    1 
ATOM   413  C C     . LEU A 1 51  ? 0.351   17.012  1.061   1.00 48.23 ? 98  LEU A C     1 
ATOM   414  O O     . LEU A 1 51  ? 1.498   17.129  1.519   1.00 48.35 ? 98  LEU A O     1 
ATOM   415  C CB    . LEU A 1 51  ? -0.289  14.773  0.159   1.00 47.79 ? 98  LEU A CB    1 
ATOM   416  C CG    . LEU A 1 51  ? -1.413  14.010  -0.557  1.00 48.42 ? 98  LEU A CG    1 
ATOM   417  C CD1   . LEU A 1 51  ? -2.753  14.250  0.143   1.00 48.70 ? 98  LEU A CD1   1 
ATOM   418  C CD2   . LEU A 1 51  ? -1.501  14.308  -2.069  1.00 48.24 ? 98  LEU A CD2   1 
ATOM   419  N N     . THR A 1 52  ? -0.735  17.540  1.630   1.00 48.75 ? 99  THR A N     1 
ATOM   420  C CA    . THR A 1 52  ? -0.732  18.218  2.927   1.00 49.19 ? 99  THR A CA    1 
ATOM   421  C C     . THR A 1 52  ? -0.572  17.196  4.041   1.00 49.49 ? 99  THR A C     1 
ATOM   422  O O     . THR A 1 52  ? -0.742  16.003  3.820   1.00 49.55 ? 99  THR A O     1 
ATOM   423  C CB    . THR A 1 52  ? -2.059  18.991  3.180   1.00 49.00 ? 99  THR A CB    1 
ATOM   424  O OG1   . THR A 1 52  ? -2.535  19.553  1.956   1.00 49.00 ? 99  THR A OG1   1 
ATOM   425  C CG2   . THR A 1 52  ? -1.846  20.123  4.190   1.00 49.50 ? 99  THR A CG2   1 
ATOM   426  N N     . TRP A 1 53  ? -0.274  17.685  5.242   1.00 49.99 ? 100 TRP A N     1 
ATOM   427  C CA    . TRP A 1 53  ? -0.111  16.855  6.433   1.00 50.25 ? 100 TRP A CA    1 
ATOM   428  C C     . TRP A 1 53  ? -1.379  16.191  6.914   1.00 49.21 ? 100 TRP A C     1 
ATOM   429  O O     . TRP A 1 53  ? -2.453  16.769  6.822   1.00 49.60 ? 100 TRP A O     1 
ATOM   430  C CB    . TRP A 1 53  ? 0.496   17.687  7.554   1.00 51.20 ? 100 TRP A CB    1 
ATOM   431  C CG    . TRP A 1 53  ? 1.951   17.561  7.541   1.00 55.12 ? 100 TRP A CG    1 
ATOM   432  C CD1   . TRP A 1 53  ? 2.699   16.780  8.355   1.00 57.99 ? 100 TRP A CD1   1 
ATOM   433  C CD2   . TRP A 1 53  ? 2.859   18.175  6.617   1.00 59.27 ? 100 TRP A CD2   1 
ATOM   434  N NE1   . TRP A 1 53  ? 4.029   16.883  8.017   1.00 60.25 ? 100 TRP A NE1   1 
ATOM   435  C CE2   . TRP A 1 53  ? 4.156   17.732  6.954   1.00 60.56 ? 100 TRP A CE2   1 
ATOM   436  C CE3   . TRP A 1 53  ? 2.703   19.056  5.541   1.00 61.31 ? 100 TRP A CE3   1 
ATOM   437  C CZ2   . TRP A 1 53  ? 5.294   18.135  6.260   1.00 61.99 ? 100 TRP A CZ2   1 
ATOM   438  C CZ3   . TRP A 1 53  ? 3.833   19.452  4.845   1.00 62.88 ? 100 TRP A CZ3   1 
ATOM   439  C CH2   . TRP A 1 53  ? 5.118   18.984  5.210   1.00 62.50 ? 100 TRP A CH2   1 
ATOM   440  N N     . GLY A 1 54  ? -1.238  14.974  7.430   1.00 48.20 ? 101 GLY A N     1 
ATOM   441  C CA    . GLY A 1 54  ? -2.361  14.204  7.957   1.00 47.09 ? 101 GLY A CA    1 
ATOM   442  C C     . GLY A 1 54  ? -3.200  13.497  6.901   1.00 46.40 ? 101 GLY A C     1 
ATOM   443  O O     . GLY A 1 54  ? -4.176  12.822  7.224   1.00 46.67 ? 101 GLY A O     1 
ATOM   444  N N     . SER A 1 55  ? -2.803  13.632  5.641   1.00 45.39 ? 102 SER A N     1 
ATOM   445  C CA    . SER A 1 55  ? -3.517  13.047  4.513   1.00 44.12 ? 102 SER A CA    1 
ATOM   446  C C     . SER A 1 55  ? -2.991  11.662  4.098   1.00 43.16 ? 102 SER A C     1 
ATOM   447  O O     . SER A 1 55  ? -1.803  11.361  4.293   1.00 42.84 ? 102 SER A O     1 
ATOM   448  C CB    . SER A 1 55  ? -3.434  14.018  3.341   1.00 44.35 ? 102 SER A CB    1 
ATOM   449  O OG    . SER A 1 55  ? -3.602  15.352  3.795   1.00 44.95 ? 102 SER A OG    1 
ATOM   450  N N     . ASP A 1 56  ? -3.882  10.834  3.528   1.00 42.03 ? 103 ASP A N     1 
ATOM   451  C CA    . ASP A 1 56  ? -3.545  9.482   3.001   1.00 40.77 ? 103 ASP A CA    1 
ATOM   452  C C     . ASP A 1 56  ? -4.027  9.234   1.571   1.00 39.85 ? 103 ASP A C     1 
ATOM   453  O O     . ASP A 1 56  ? -4.906  9.927   1.080   1.00 39.95 ? 103 ASP A O     1 
ATOM   454  C CB    . ASP A 1 56  ? -4.156  8.385   3.878   1.00 40.57 ? 103 ASP A CB    1 
ATOM   455  C CG    . ASP A 1 56  ? -3.954  8.637   5.348   1.00 40.84 ? 103 ASP A CG    1 
ATOM   456  O OD1   . ASP A 1 56  ? -4.956  8.637   6.112   1.00 40.31 ? 103 ASP A OD1   1 
ATOM   457  O OD2   . ASP A 1 56  ? -2.784  8.850   5.734   1.00 41.18 ? 103 ASP A OD2   1 
ATOM   458  N N     . TYR A 1 57  ? -3.429  8.250   0.908   1.00 38.77 ? 104 TYR A N     1 
ATOM   459  C CA    . TYR A 1 57  ? -4.082  7.542   -0.190  1.00 37.87 ? 104 TYR A CA    1 
ATOM   460  C C     . TYR A 1 57  ? -4.135  6.066   0.171   1.00 37.59 ? 104 TYR A C     1 
ATOM   461  O O     . TYR A 1 57  ? -3.139  5.497   0.652   1.00 37.47 ? 104 TYR A O     1 
ATOM   462  C CB    . TYR A 1 57  ? -3.292  7.595   -1.485  1.00 37.82 ? 104 TYR A CB    1 
ATOM   463  C CG    . TYR A 1 57  ? -3.257  8.875   -2.257  1.00 37.48 ? 104 TYR A CG    1 
ATOM   464  C CD1   . TYR A 1 57  ? -2.035  9.397   -2.659  1.00 37.18 ? 104 TYR A CD1   1 
ATOM   465  C CD2   . TYR A 1 57  ? -4.423  9.536   -2.639  1.00 37.52 ? 104 TYR A CD2   1 
ATOM   466  C CE1   . TYR A 1 57  ? -1.954  10.549  -3.379  1.00 36.84 ? 104 TYR A CE1   1 
ATOM   467  C CE2   . TYR A 1 57  ? -4.355  10.710  -3.372  1.00 37.00 ? 104 TYR A CE2   1 
ATOM   468  C CZ    . TYR A 1 57  ? -3.101  11.203  -3.736  1.00 37.07 ? 104 TYR A CZ    1 
ATOM   469  O OH    . TYR A 1 57  ? -2.953  12.346  -4.467  1.00 37.13 ? 104 TYR A OH    1 
ATOM   470  N N     . TYR A 1 58  ? -5.276  5.440   -0.105  1.00 36.99 ? 105 TYR A N     1 
ATOM   471  C CA    . TYR A 1 58  ? -5.409  3.999   -0.006  1.00 36.28 ? 105 TYR A CA    1 
ATOM   472  C C     . TYR A 1 58  ? -5.734  3.461   -1.374  1.00 35.80 ? 105 TYR A C     1 
ATOM   473  O O     . TYR A 1 58  ? -6.419  4.123   -2.151  1.00 35.32 ? 105 TYR A O     1 
ATOM   474  C CB    . TYR A 1 58  ? -6.521  3.609   0.954   1.00 36.11 ? 105 TYR A CB    1 
ATOM   475  C CG    . TYR A 1 58  ? -6.546  4.370   2.251   1.00 36.84 ? 105 TYR A CG    1 
ATOM   476  C CD1   . TYR A 1 58  ? -6.112  3.784   3.427   1.00 37.65 ? 105 TYR A CD1   1 
ATOM   477  C CD2   . TYR A 1 58  ? -7.036  5.679   2.310   1.00 38.38 ? 105 TYR A CD2   1 
ATOM   478  C CE1   . TYR A 1 58  ? -6.155  4.488   4.653   1.00 39.42 ? 105 TYR A CE1   1 
ATOM   479  C CE2   . TYR A 1 58  ? -7.091  6.388   3.517   1.00 38.82 ? 105 TYR A CE2   1 
ATOM   480  C CZ    . TYR A 1 58  ? -6.651  5.791   4.690   1.00 39.46 ? 105 TYR A CZ    1 
ATOM   481  O OH    . TYR A 1 58  ? -6.693  6.489   5.892   1.00 39.42 ? 105 TYR A OH    1 
ATOM   482  N N     . LEU A 1 59  ? -5.226  2.270   -1.668  1.00 35.65 ? 106 LEU A N     1 
ATOM   483  C CA    . LEU A 1 59  ? -5.616  1.557   -2.870  1.00 36.19 ? 106 LEU A CA    1 
ATOM   484  C C     . LEU A 1 59  ? -5.896  0.162   -2.426  1.00 37.04 ? 106 LEU A C     1 
ATOM   485  O O     . LEU A 1 59  ? -4.990  -0.532  -2.006  1.00 37.64 ? 106 LEU A O     1 
ATOM   486  C CB    . LEU A 1 59  ? -4.508  1.555   -3.931  1.00 35.76 ? 106 LEU A CB    1 
ATOM   487  C CG    . LEU A 1 59  ? -4.878  0.843   -5.239  1.00 34.71 ? 106 LEU A CG    1 
ATOM   488  C CD1   . LEU A 1 59  ? -5.673  1.745   -6.166  1.00 33.06 ? 106 LEU A CD1   1 
ATOM   489  C CD2   . LEU A 1 59  ? -3.656  0.297   -5.956  1.00 33.51 ? 106 LEU A CD2   1 
ATOM   490  N N     . PHE A 1 60  ? -7.150  -0.252  -2.499  1.00 38.20 ? 107 PHE A N     1 
ATOM   491  C CA    . PHE A 1 60  ? -7.561  -1.541  -1.952  1.00 39.32 ? 107 PHE A CA    1 
ATOM   492  C C     . PHE A 1 60  ? -8.447  -2.244  -2.942  1.00 40.07 ? 107 PHE A C     1 
ATOM   493  O O     . PHE A 1 60  ? -9.062  -1.595  -3.783  1.00 40.66 ? 107 PHE A O     1 
ATOM   494  C CB    . PHE A 1 60  ? -8.327  -1.320  -0.648  1.00 39.44 ? 107 PHE A CB    1 
ATOM   495  C CG    . PHE A 1 60  ? -7.437  -1.148  0.562   1.00 40.15 ? 107 PHE A CG    1 
ATOM   496  C CD1   . PHE A 1 60  ? -6.438  -0.162  0.591   1.00 40.82 ? 107 PHE A CD1   1 
ATOM   497  C CD2   . PHE A 1 60  ? -7.606  -1.962  1.673   1.00 39.13 ? 107 PHE A CD2   1 
ATOM   498  C CE1   . PHE A 1 60  ? -5.618  -0.010  1.685   1.00 40.30 ? 107 PHE A CE1   1 
ATOM   499  C CE2   . PHE A 1 60  ? -6.801  -1.817  2.765   1.00 39.30 ? 107 PHE A CE2   1 
ATOM   500  C CZ    . PHE A 1 60  ? -5.804  -0.832  2.777   1.00 40.81 ? 107 PHE A CZ    1 
ATOM   501  N N     . LYS A 1 61  ? -8.525  -3.566  -2.849  1.00 40.90 ? 108 LYS A N     1 
ATOM   502  C CA    . LYS A 1 61  ? -9.482  -4.331  -3.656  1.00 41.83 ? 108 LYS A CA    1 
ATOM   503  C C     . LYS A 1 61  ? -10.879 -3.725  -3.486  1.00 42.54 ? 108 LYS A C     1 
ATOM   504  O O     . LYS A 1 61  ? -11.169 -3.127  -2.435  1.00 42.74 ? 108 LYS A O     1 
ATOM   505  C CB    . LYS A 1 61  ? -9.493  -5.798  -3.218  1.00 41.70 ? 108 LYS A CB    1 
ATOM   506  C CG    . LYS A 1 61  ? -8.275  -6.633  -3.641  1.00 42.00 ? 108 LYS A CG    1 
ATOM   507  C CD    . LYS A 1 61  ? -8.263  -7.960  -2.872  1.00 43.37 ? 108 LYS A CD    1 
ATOM   508  C CE    . LYS A 1 61  ? -7.286  -8.989  -3.444  1.00 43.88 ? 108 LYS A CE    1 
ATOM   509  N NZ    . LYS A 1 61  ? -7.087  -10.119 -2.475  1.00 42.79 ? 108 LYS A NZ    1 
ATOM   510  N N     . GLU A 1 62  ? -11.738 -3.858  -4.499  1.00 43.25 ? 109 GLU A N     1 
ATOM   511  C CA    . GLU A 1 62  ? -13.117 -3.353  -4.376  1.00 44.20 ? 109 GLU A CA    1 
ATOM   512  C C     . GLU A 1 62  ? -13.951 -4.094  -3.311  1.00 44.68 ? 109 GLU A C     1 
ATOM   513  O O     . GLU A 1 62  ? -13.846 -5.316  -3.165  1.00 44.92 ? 109 GLU A O     1 
ATOM   514  C CB    . GLU A 1 62  ? -13.858 -3.346  -5.720  1.00 44.33 ? 109 GLU A CB    1 
ATOM   515  C CG    . GLU A 1 62  ? -15.102 -2.441  -5.679  1.00 44.50 ? 109 GLU A CG    1 
ATOM   516  C CD    . GLU A 1 62  ? -15.866 -2.372  -6.974  1.00 44.66 ? 109 GLU A CD    1 
ATOM   517  O OE1   . GLU A 1 62  ? -16.030 -3.409  -7.643  1.00 44.11 ? 109 GLU A OE1   1 
ATOM   518  O OE2   . GLU A 1 62  ? -16.328 -1.264  -7.307  1.00 45.60 ? 109 GLU A OE2   1 
ATOM   519  N N     . GLY A 1 63  ? -14.772 -3.350  -2.569  1.00 45.00 ? 110 GLY A N     1 
ATOM   520  C CA    . GLY A 1 63  ? -15.582 -3.929  -1.500  1.00 45.52 ? 110 GLY A CA    1 
ATOM   521  C C     . GLY A 1 63  ? -14.826 -4.141  -0.188  1.00 46.06 ? 110 GLY A C     1 
ATOM   522  O O     . GLY A 1 63  ? -15.390 -4.664  0.790   1.00 46.26 ? 110 GLY A O     1 
ATOM   523  N N     . ILE A 1 64  ? -13.547 -3.763  -0.163  1.00 46.10 ? 111 ILE A N     1 
ATOM   524  C CA    . ILE A 1 64  ? -12.803 -3.706  1.082   1.00 46.13 ? 111 ILE A CA    1 
ATOM   525  C C     . ILE A 1 64  ? -12.686 -2.237  1.430   1.00 46.49 ? 111 ILE A C     1 
ATOM   526  O O     . ILE A 1 64  ? -12.019 -1.485  0.713   1.00 46.90 ? 111 ILE A O     1 
ATOM   527  C CB    . ILE A 1 64  ? -11.386 -4.341  0.983   1.00 46.05 ? 111 ILE A CB    1 
ATOM   528  C CG1   . ILE A 1 64  ? -11.469 -5.801  0.536   1.00 45.72 ? 111 ILE A CG1   1 
ATOM   529  C CG2   . ILE A 1 64  ? -10.658 -4.254  2.329   1.00 45.94 ? 111 ILE A CG2   1 
ATOM   530  C CD1   . ILE A 1 64  ? -10.119 -6.495  0.392   1.00 45.16 ? 111 ILE A CD1   1 
ATOM   531  N N     . LYS A 1 65  ? -13.365 -1.826  2.504   1.00 46.71 ? 112 LYS A N     1 
ATOM   532  C CA    . LYS A 1 65  ? -13.199 -0.487  3.071   1.00 46.87 ? 112 LYS A CA    1 
ATOM   533  C C     . LYS A 1 65  ? -11.808 -0.458  3.720   1.00 47.02 ? 112 LYS A C     1 
ATOM   534  O O     . LYS A 1 65  ? -11.469 -1.369  4.459   1.00 47.21 ? 112 LYS A O     1 
ATOM   535  C CB    . LYS A 1 65  ? -14.322 -0.181  4.076   1.00 46.44 ? 112 LYS A CB    1 
ATOM   536  N N     . PRO A 1 66  ? -10.977 0.556   3.413   1.00 47.54 ? 113 PRO A N     1 
ATOM   537  C CA    . PRO A 1 66  ? -9.590  0.520   3.916   1.00 48.18 ? 113 PRO A CA    1 
ATOM   538  C C     . PRO A 1 66  ? -9.456  0.899   5.387   1.00 48.77 ? 113 PRO A C     1 
ATOM   539  O O     . PRO A 1 66  ? -8.772  1.871   5.712   1.00 48.78 ? 113 PRO A O     1 
ATOM   540  C CB    . PRO A 1 66  ? -8.861  1.537   3.032   1.00 47.98 ? 113 PRO A CB    1 
ATOM   541  C CG    . PRO A 1 66  ? -9.914  2.508   2.640   1.00 47.91 ? 113 PRO A CG    1 
ATOM   542  C CD    . PRO A 1 66  ? -11.227 1.748   2.587   1.00 47.60 ? 113 PRO A CD    1 
ATOM   543  N N     . MET A 1 67  ? -10.106 0.126   6.260   1.00 49.53 ? 114 MET A N     1 
ATOM   544  C CA    . MET A 1 67  ? -10.011 0.321   7.702   1.00 50.41 ? 114 MET A CA    1 
ATOM   545  C C     . MET A 1 67  ? -9.873  -0.999  8.448   1.00 50.74 ? 114 MET A C     1 
ATOM   546  O O     . MET A 1 67  ? -10.069 -2.071  7.869   1.00 50.66 ? 114 MET A O     1 
ATOM   547  C CB    . MET A 1 67  ? -11.191 1.135   8.227   1.00 50.66 ? 114 MET A CB    1 
ATOM   548  C CG    . MET A 1 67  ? -12.553 0.656   7.775   1.00 52.37 ? 114 MET A CG    1 
ATOM   549  S SD    . MET A 1 67  ? -13.826 1.895   8.142   1.00 57.14 ? 114 MET A SD    1 
ATOM   550  C CE    . MET A 1 67  ? -15.308 0.931   7.791   1.00 57.52 ? 114 MET A CE    1 
ATOM   551  N N     . TRP A 1 68  ? -9.516  -0.905  9.729   1.00 51.37 ? 115 TRP A N     1 
ATOM   552  C CA    . TRP A 1 68  ? -9.261  -2.073  10.571  1.00 51.91 ? 115 TRP A CA    1 
ATOM   553  C C     . TRP A 1 68  ? -10.511 -2.893  10.776  1.00 52.03 ? 115 TRP A C     1 
ATOM   554  O O     . TRP A 1 68  ? -10.478 -4.113  10.638  1.00 52.19 ? 115 TRP A O     1 
ATOM   555  C CB    . TRP A 1 68  ? -8.762  -1.656  11.950  1.00 52.13 ? 115 TRP A CB    1 
ATOM   556  C CG    . TRP A 1 68  ? -7.602  -0.718  11.948  1.00 53.79 ? 115 TRP A CG    1 
ATOM   557  C CD1   . TRP A 1 68  ? -6.497  -0.755  11.125  1.00 54.52 ? 115 TRP A CD1   1 
ATOM   558  C CD2   . TRP A 1 68  ? -7.395  0.379   12.847  1.00 54.82 ? 115 TRP A CD2   1 
ATOM   559  N NE1   . TRP A 1 68  ? -5.630  0.268   11.450  1.00 54.56 ? 115 TRP A NE1   1 
ATOM   560  C CE2   . TRP A 1 68  ? -6.155  0.979   12.501  1.00 55.01 ? 115 TRP A CE2   1 
ATOM   561  C CE3   . TRP A 1 68  ? -8.135  0.916   13.909  1.00 54.56 ? 115 TRP A CE3   1 
ATOM   562  C CZ2   . TRP A 1 68  ? -5.646  2.095   13.176  1.00 54.91 ? 115 TRP A CZ2   1 
ATOM   563  C CZ3   . TRP A 1 68  ? -7.628  2.028   14.576  1.00 55.10 ? 115 TRP A CZ3   1 
ATOM   564  C CH2   . TRP A 1 68  ? -6.392  2.603   14.207  1.00 54.77 ? 115 TRP A CH2   1 
ATOM   565  N N     . GLU A 1 69  ? -11.606 -2.209  11.112  1.00 52.18 ? 116 GLU A N     1 
ATOM   566  C CA    . GLU A 1 69  ? -12.863 -2.855  11.500  1.00 52.38 ? 116 GLU A CA    1 
ATOM   567  C C     . GLU A 1 69  ? -13.433 -3.722  10.394  1.00 52.05 ? 116 GLU A C     1 
ATOM   568  O O     . GLU A 1 69  ? -14.182 -4.653  10.671  1.00 52.33 ? 116 GLU A O     1 
ATOM   569  C CB    . GLU A 1 69  ? -13.921 -1.824  11.933  1.00 52.74 ? 116 GLU A CB    1 
ATOM   570  C CG    . GLU A 1 69  ? -13.582 -1.013  13.192  1.00 53.76 ? 116 GLU A CG    1 
ATOM   571  C CD    . GLU A 1 69  ? -12.671 0.179   12.910  1.00 55.00 ? 116 GLU A CD    1 
ATOM   572  O OE1   . GLU A 1 69  ? -12.627 0.643   11.745  1.00 55.05 ? 116 GLU A OE1   1 
ATOM   573  O OE2   . GLU A 1 69  ? -12.001 0.647   13.857  1.00 55.31 ? 116 GLU A OE2   1 
ATOM   574  N N     . ASP A 1 70  ? -13.074 -3.411  9.150   1.00 51.77 ? 117 ASP A N     1 
ATOM   575  C CA    . ASP A 1 70  ? -13.541 -4.148  7.986   1.00 51.56 ? 117 ASP A CA    1 
ATOM   576  C C     . ASP A 1 70  ? -13.225 -5.619  8.155   1.00 51.86 ? 117 ASP A C     1 
ATOM   577  O O     . ASP A 1 70  ? -12.188 -5.971  8.710   1.00 51.56 ? 117 ASP A O     1 
ATOM   578  C CB    . ASP A 1 70  ? -12.880 -3.609  6.723   1.00 51.21 ? 117 ASP A CB    1 
ATOM   579  C CG    . ASP A 1 70  ? -13.542 -4.111  5.459   1.00 50.78 ? 117 ASP A CG    1 
ATOM   580  O OD1   . ASP A 1 70  ? -14.237 -3.314  4.803   1.00 49.82 ? 117 ASP A OD1   1 
ATOM   581  O OD2   . ASP A 1 70  ? -13.373 -5.302  5.115   1.00 50.95 ? 117 ASP A OD2   1 
ATOM   582  N N     . GLU A 1 71  ? -14.128 -6.473  7.681   1.00 52.62 ? 118 GLU A N     1 
ATOM   583  C CA    . GLU A 1 71  ? -13.985 -7.920  7.872   1.00 53.34 ? 118 GLU A CA    1 
ATOM   584  C C     . GLU A 1 71  ? -12.756 -8.481  7.162   1.00 53.24 ? 118 GLU A C     1 
ATOM   585  O O     . GLU A 1 71  ? -12.113 -9.399  7.671   1.00 53.35 ? 118 GLU A O     1 
ATOM   586  C CB    . GLU A 1 71  ? -15.256 -8.674  7.452   1.00 53.61 ? 118 GLU A CB    1 
ATOM   587  C CG    . GLU A 1 71  ? -15.473 -8.767  5.939   1.00 54.76 ? 118 GLU A CG    1 
ATOM   588  C CD    . GLU A 1 71  ? -16.852 -9.291  5.568   1.00 56.12 ? 118 GLU A CD    1 
ATOM   589  O OE1   . GLU A 1 71  ? -17.233 -10.383 6.062   1.00 55.58 ? 118 GLU A OE1   1 
ATOM   590  O OE2   . GLU A 1 71  ? -17.547 -8.606  4.775   1.00 56.44 ? 118 GLU A OE2   1 
ATOM   591  N N     . ASN A 1 72  ? -12.433 -7.916  6.000   1.00 53.25 ? 119 ASN A N     1 
ATOM   592  C CA    . ASN A 1 72  ? -11.256 -8.326  5.227   1.00 53.42 ? 119 ASN A CA    1 
ATOM   593  C C     . ASN A 1 72  ? -9.941  -8.042  5.941   1.00 53.07 ? 119 ASN A C     1 
ATOM   594  O O     . ASN A 1 72  ? -8.917  -8.629  5.624   1.00 53.14 ? 119 ASN A O     1 
ATOM   595  C CB    . ASN A 1 72  ? -11.268 -7.632  3.871   1.00 53.63 ? 119 ASN A CB    1 
ATOM   596  C CG    . ASN A 1 72  ? -12.390 -8.119  2.986   1.00 54.64 ? 119 ASN A CG    1 
ATOM   597  O OD1   . ASN A 1 72  ? -12.333 -9.229  2.464   1.00 55.96 ? 119 ASN A OD1   1 
ATOM   598  N ND2   . ASN A 1 72  ? -13.422 -7.290  2.808   1.00 55.67 ? 119 ASN A ND2   1 
ATOM   599  N N     . ASN A 1 73  ? -9.999  -7.152  6.923   1.00 52.89 ? 120 ASN A N     1 
ATOM   600  C CA    . ASN A 1 73  ? -8.834  -6.714  7.680   1.00 52.70 ? 120 ASN A CA    1 
ATOM   601  C C     . ASN A 1 73  ? -8.829  -7.115  9.159   1.00 52.62 ? 120 ASN A C     1 
ATOM   602  O O     . ASN A 1 73  ? -7.760  -7.202  9.780   1.00 52.88 ? 120 ASN A O     1 
ATOM   603  C CB    . ASN A 1 73  ? -8.717  -5.197  7.591   1.00 52.60 ? 120 ASN A CB    1 
ATOM   604  C CG    . ASN A 1 73  ? -8.258  -4.742  6.254   1.00 52.05 ? 120 ASN A CG    1 
ATOM   605  O OD1   . ASN A 1 73  ? -7.101  -4.959  5.893   1.00 52.26 ? 120 ASN A OD1   1 
ATOM   606  N ND2   . ASN A 1 73  ? -9.151  -4.092  5.501   1.00 50.16 ? 120 ASN A ND2   1 
ATOM   607  N N     . VAL A 1 74  ? -10.015 -7.340  9.722   1.00 52.13 ? 121 VAL A N     1 
ATOM   608  C CA    . VAL A 1 74  ? -10.155 -7.591  11.156  1.00 51.63 ? 121 VAL A CA    1 
ATOM   609  C C     . VAL A 1 74  ? -9.077  -8.543  11.711  1.00 51.01 ? 121 VAL A C     1 
ATOM   610  O O     . VAL A 1 74  ? -8.611  -8.342  12.836  1.00 51.23 ? 121 VAL A O     1 
ATOM   611  C CB    . VAL A 1 74  ? -11.626 -8.010  11.543  1.00 51.94 ? 121 VAL A CB    1 
ATOM   612  C CG1   . VAL A 1 74  ? -11.961 -9.453  11.112  1.00 52.08 ? 121 VAL A CG1   1 
ATOM   613  C CG2   . VAL A 1 74  ? -11.902 -7.778  13.038  1.00 52.28 ? 121 VAL A CG2   1 
ATOM   614  N N     . LYS A 1 75  ? -8.658  -9.535  10.913  1.00 50.01 ? 122 LYS A N     1 
ATOM   615  C CA    . LYS A 1 75  ? -7.653  -10.533 11.343  1.00 49.03 ? 122 LYS A CA    1 
ATOM   616  C C     . LYS A 1 75  ? -6.280  -10.396 10.671  1.00 48.41 ? 122 LYS A C     1 
ATOM   617  O O     . LYS A 1 75  ? -5.472  -11.327 10.723  1.00 48.50 ? 122 LYS A O     1 
ATOM   618  C CB    . LYS A 1 75  ? -8.182  -11.963 11.143  1.00 48.87 ? 122 LYS A CB    1 
ATOM   619  N N     . GLY A 1 76  ? -6.013  -9.239  10.061  1.00 47.48 ? 123 GLY A N     1 
ATOM   620  C CA    . GLY A 1 76  ? -4.805  -9.038  9.268   1.00 46.12 ? 123 GLY A CA    1 
ATOM   621  C C     . GLY A 1 76  ? -3.749  -8.178  9.932   1.00 45.64 ? 123 GLY A C     1 
ATOM   622  O O     . GLY A 1 76  ? -3.852  -7.829  11.108  1.00 45.47 ? 123 GLY A O     1 
ATOM   623  N N     . GLY A 1 77  ? -2.714  -7.854  9.165   1.00 44.99 ? 124 GLY A N     1 
ATOM   624  C CA    . GLY A 1 77  ? -1.643  -6.990  9.622   1.00 44.22 ? 124 GLY A CA    1 
ATOM   625  C C     . GLY A 1 77  ? -1.157  -6.172  8.449   1.00 43.93 ? 124 GLY A C     1 
ATOM   626  O O     . GLY A 1 77  ? -1.829  -6.117  7.419   1.00 43.53 ? 124 GLY A O     1 
ATOM   627  N N     . ARG A 1 78  ? 0.006   -5.536  8.604   1.00 43.70 ? 125 ARG A N     1 
ATOM   628  C CA    . ARG A 1 78  ? 0.594   -4.741  7.533   1.00 43.78 ? 125 ARG A CA    1 
ATOM   629  C C     . ARG A 1 78  ? 2.121   -4.776  7.528   1.00 43.88 ? 125 ARG A C     1 
ATOM   630  O O     . ARG A 1 78  ? 2.758   -5.072  8.544   1.00 44.03 ? 125 ARG A O     1 
ATOM   631  C CB    . ARG A 1 78  ? 0.134   -3.292  7.631   1.00 43.79 ? 125 ARG A CB    1 
ATOM   632  C CG    . ARG A 1 78  ? 0.755   -2.556  8.788   1.00 43.86 ? 125 ARG A CG    1 
ATOM   633  C CD    . ARG A 1 78  ? 0.260   -1.141  8.893   1.00 44.59 ? 125 ARG A CD    1 
ATOM   634  N NE    . ARG A 1 78  ? 1.238   -0.325  9.601   1.00 45.62 ? 125 ARG A NE    1 
ATOM   635  C CZ    . ARG A 1 78  ? 0.966   0.792   10.270  1.00 46.23 ? 125 ARG A CZ    1 
ATOM   636  N NH1   . ARG A 1 78  ? 1.947   1.442   10.868  1.00 46.32 ? 125 ARG A NH1   1 
ATOM   637  N NH2   . ARG A 1 78  ? -0.273  1.262   10.358  1.00 46.36 ? 125 ARG A NH2   1 
ATOM   638  N N     . TRP A 1 79  ? 2.691   -4.454  6.370   1.00 43.74 ? 126 TRP A N     1 
ATOM   639  C CA    . TRP A 1 79  ? 4.124   -4.313  6.217   1.00 43.55 ? 126 TRP A CA    1 
ATOM   640  C C     . TRP A 1 79  ? 4.487   -2.845  6.251   1.00 43.47 ? 126 TRP A C     1 
ATOM   641  O O     . TRP A 1 79  ? 4.418   -2.174  5.230   1.00 43.42 ? 126 TRP A O     1 
ATOM   642  C CB    . TRP A 1 79  ? 4.571   -4.924  4.897   1.00 43.41 ? 126 TRP A CB    1 
ATOM   643  C CG    . TRP A 1 79  ? 4.835   -6.375  4.998   1.00 44.13 ? 126 TRP A CG    1 
ATOM   644  C CD1   . TRP A 1 79  ? 4.078   -7.387  4.485   1.00 44.40 ? 126 TRP A CD1   1 
ATOM   645  C CD2   . TRP A 1 79  ? 5.939   -6.996  5.664   1.00 44.63 ? 126 TRP A CD2   1 
ATOM   646  N NE1   . TRP A 1 79  ? 4.649   -8.601  4.785   1.00 44.29 ? 126 TRP A NE1   1 
ATOM   647  C CE2   . TRP A 1 79  ? 5.791   -8.385  5.512   1.00 44.57 ? 126 TRP A CE2   1 
ATOM   648  C CE3   . TRP A 1 79  ? 7.040   -6.509  6.379   1.00 45.15 ? 126 TRP A CE3   1 
ATOM   649  C CZ2   . TRP A 1 79  ? 6.700   -9.295  6.049   1.00 45.41 ? 126 TRP A CZ2   1 
ATOM   650  C CZ3   . TRP A 1 79  ? 7.943   -7.414  6.908   1.00 45.08 ? 126 TRP A CZ3   1 
ATOM   651  C CH2   . TRP A 1 79  ? 7.766   -8.789  6.743   1.00 45.34 ? 126 TRP A CH2   1 
ATOM   652  N N     . LEU A 1 80  ? 4.871   -2.347  7.422   1.00 43.52 ? 127 LEU A N     1 
ATOM   653  C CA    . LEU A 1 80  ? 5.200   -0.936  7.576   1.00 43.65 ? 127 LEU A CA    1 
ATOM   654  C C     . LEU A 1 80  ? 6.581   -0.606  7.046   1.00 44.03 ? 127 LEU A C     1 
ATOM   655  O O     . LEU A 1 80  ? 7.550   -1.295  7.341   1.00 44.31 ? 127 LEU A O     1 
ATOM   656  C CB    . LEU A 1 80  ? 5.091   -0.507  9.039   1.00 43.58 ? 127 LEU A CB    1 
ATOM   657  C CG    . LEU A 1 80  ? 5.325   0.974   9.383   1.00 43.83 ? 127 LEU A CG    1 
ATOM   658  C CD1   . LEU A 1 80  ? 4.377   1.910   8.618   1.00 43.95 ? 127 LEU A CD1   1 
ATOM   659  C CD2   . LEU A 1 80  ? 5.196   1.190   10.883  1.00 43.61 ? 127 LEU A CD2   1 
ATOM   660  N N     . VAL A 1 81  ? 6.664   0.446   6.245   1.00 44.58 ? 128 VAL A N     1 
ATOM   661  C CA    . VAL A 1 81  ? 7.947   0.986   5.834   1.00 45.23 ? 128 VAL A CA    1 
ATOM   662  C C     . VAL A 1 81  ? 7.909   2.495   5.992   1.00 46.07 ? 128 VAL A C     1 
ATOM   663  O O     . VAL A 1 81  ? 7.098   3.172   5.369   1.00 46.09 ? 128 VAL A O     1 
ATOM   664  C CB    . VAL A 1 81  ? 8.405   0.495   4.401   1.00 45.06 ? 128 VAL A CB    1 
ATOM   665  C CG1   . VAL A 1 81  ? 7.235   0.051   3.548   1.00 44.87 ? 128 VAL A CG1   1 
ATOM   666  C CG2   . VAL A 1 81  ? 9.278   1.522   3.668   1.00 44.18 ? 128 VAL A CG2   1 
ATOM   667  N N     . VAL A 1 82  ? 8.773   2.999   6.869   1.00 47.31 ? 129 VAL A N     1 
ATOM   668  C CA    . VAL A 1 82  ? 8.933   4.439   7.089   1.00 48.40 ? 129 VAL A CA    1 
ATOM   669  C C     . VAL A 1 82  ? 9.897   5.092   6.087   1.00 49.44 ? 129 VAL A C     1 
ATOM   670  O O     . VAL A 1 82  ? 10.970  4.555   5.788   1.00 49.27 ? 129 VAL A O     1 
ATOM   671  C CB    . VAL A 1 82  ? 9.429   4.751   8.520   1.00 48.35 ? 129 VAL A CB    1 
ATOM   672  C CG1   . VAL A 1 82  ? 8.383   4.333   9.544   1.00 48.12 ? 129 VAL A CG1   1 
ATOM   673  C CG2   . VAL A 1 82  ? 10.797  4.090   8.800   1.00 47.88 ? 129 VAL A CG2   1 
ATOM   674  N N     . VAL A 1 83  ? 9.488   6.247   5.569   1.00 50.59 ? 130 VAL A N     1 
ATOM   675  C CA    . VAL A 1 83  ? 10.364  7.090   4.777   1.00 51.73 ? 130 VAL A CA    1 
ATOM   676  C C     . VAL A 1 83  ? 10.974  8.133   5.712   1.00 53.10 ? 130 VAL A C     1 
ATOM   677  O O     . VAL A 1 83  ? 10.269  8.749   6.520   1.00 53.42 ? 130 VAL A O     1 
ATOM   678  C CB    . VAL A 1 83  ? 9.612   7.753   3.611   1.00 51.33 ? 130 VAL A CB    1 
ATOM   679  C CG1   . VAL A 1 83  ? 10.519  8.703   2.864   1.00 51.39 ? 130 VAL A CG1   1 
ATOM   680  C CG2   . VAL A 1 83  ? 9.106   6.704   2.658   1.00 51.35 ? 130 VAL A CG2   1 
ATOM   681  N N     . ASP A 1 84  ? 12.293  8.286   5.625   1.00 54.75 ? 131 ASP A N     1 
ATOM   682  C CA    . ASP A 1 84  ? 13.036  9.286   6.384   1.00 56.33 ? 131 ASP A CA    1 
ATOM   683  C C     . ASP A 1 84  ? 12.495  10.656  5.986   1.00 57.14 ? 131 ASP A C     1 
ATOM   684  O O     . ASP A 1 84  ? 12.321  10.924  4.792   1.00 57.19 ? 131 ASP A O     1 
ATOM   685  C CB    . ASP A 1 84  ? 14.538  9.162   6.043   1.00 56.77 ? 131 ASP A CB    1 
ATOM   686  C CG    . ASP A 1 84  ? 15.450  9.990   6.968   1.00 57.57 ? 131 ASP A CG    1 
ATOM   687  O OD1   . ASP A 1 84  ? 15.144  11.175  7.249   1.00 58.21 ? 131 ASP A OD1   1 
ATOM   688  O OD2   . ASP A 1 84  ? 16.497  9.448   7.396   1.00 57.45 ? 131 ASP A OD2   1 
ATOM   689  N N     . LYS A 1 85  ? 12.222  11.506  6.980   1.00 58.31 ? 132 LYS A N     1 
ATOM   690  C CA    . LYS A 1 85  ? 11.677  12.861  6.752   1.00 59.52 ? 132 LYS A CA    1 
ATOM   691  C C     . LYS A 1 85  ? 12.483  13.737  5.761   1.00 60.36 ? 132 LYS A C     1 
ATOM   692  O O     . LYS A 1 85  ? 11.904  14.606  5.088   1.00 60.64 ? 132 LYS A O     1 
ATOM   693  C CB    . LYS A 1 85  ? 11.495  13.607  8.084   1.00 59.30 ? 132 LYS A CB    1 
ATOM   694  N N     . GLN A 1 86  ? 13.800  13.500  5.671   1.00 61.04 ? 133 GLN A N     1 
ATOM   695  C CA    . GLN A 1 86  ? 14.712  14.328  4.852   1.00 61.52 ? 133 GLN A CA    1 
ATOM   696  C C     . GLN A 1 86  ? 15.078  13.740  3.477   1.00 61.25 ? 133 GLN A C     1 
ATOM   697  O O     . GLN A 1 86  ? 15.280  14.483  2.525   1.00 61.22 ? 133 GLN A O     1 
ATOM   698  C CB    . GLN A 1 86  ? 15.977  14.738  5.646   1.00 61.75 ? 133 GLN A CB    1 
ATOM   699  C CG    . GLN A 1 86  ? 16.623  13.596  6.446   1.00 63.15 ? 133 GLN A CG    1 
ATOM   700  C CD    . GLN A 1 86  ? 18.105  13.811  6.741   1.00 65.00 ? 133 GLN A CD    1 
ATOM   701  O OE1   . GLN A 1 86  ? 18.484  14.735  7.473   1.00 66.13 ? 133 GLN A OE1   1 
ATOM   702  N NE2   . GLN A 1 86  ? 18.953  12.933  6.192   1.00 64.59 ? 133 GLN A NE2   1 
ATOM   703  N N     . LYS A 1 87  ? 15.159  12.417  3.380   1.00 61.23 ? 134 LYS A N     1 
ATOM   704  C CA    . LYS A 1 87  ? 15.325  11.746  2.083   1.00 61.47 ? 134 LYS A CA    1 
ATOM   705  C C     . LYS A 1 87  ? 13.949  11.409  1.446   1.00 61.65 ? 134 LYS A C     1 
ATOM   706  O O     . LYS A 1 87  ? 13.861  10.652  0.470   1.00 61.75 ? 134 LYS A O     1 
ATOM   707  C CB    . LYS A 1 87  ? 16.195  10.487  2.233   1.00 61.35 ? 134 LYS A CB    1 
ATOM   708  N N     . ARG A 1 88  ? 12.889  11.988  2.021   1.00 61.56 ? 135 ARG A N     1 
ATOM   709  C CA    . ARG A 1 88  ? 11.501  11.865  1.554   1.00 61.17 ? 135 ARG A CA    1 
ATOM   710  C C     . ARG A 1 88  ? 11.299  12.301  0.105   1.00 60.48 ? 135 ARG A C     1 
ATOM   711  O O     . ARG A 1 88  ? 10.680  11.587  -0.685  1.00 60.40 ? 135 ARG A O     1 
ATOM   712  C CB    . ARG A 1 88  ? 10.602  12.701  2.468   1.00 61.53 ? 135 ARG A CB    1 
ATOM   713  C CG    . ARG A 1 88  ? 9.235   13.077  1.905   1.00 63.32 ? 135 ARG A CG    1 
ATOM   714  C CD    . ARG A 1 88  ? 8.618   14.195  2.747   1.00 66.62 ? 135 ARG A CD    1 
ATOM   715  N NE    . ARG A 1 88  ? 7.155   14.157  2.757   1.00 68.79 ? 135 ARG A NE    1 
ATOM   716  C CZ    . ARG A 1 88  ? 6.368   14.810  1.901   1.00 70.46 ? 135 ARG A CZ    1 
ATOM   717  N NH1   . ARG A 1 88  ? 5.047   14.703  2.012   1.00 71.43 ? 135 ARG A NH1   1 
ATOM   718  N NH2   . ARG A 1 88  ? 6.889   15.570  0.937   1.00 70.59 ? 135 ARG A NH2   1 
ATOM   719  N N     . ALA A 1 89  ? 11.815  13.480  -0.227  1.00 59.69 ? 136 ALA A N     1 
ATOM   720  C CA    . ALA A 1 89  ? 11.648  14.058  -1.550  1.00 58.99 ? 136 ALA A CA    1 
ATOM   721  C C     . ALA A 1 89  ? 11.929  13.069  -2.696  1.00 58.52 ? 136 ALA A C     1 
ATOM   722  O O     . ALA A 1 89  ? 11.098  12.910  -3.601  1.00 58.75 ? 136 ALA A O     1 
ATOM   723  C CB    . ALA A 1 89  ? 12.499  15.311  -1.683  1.00 58.88 ? 136 ALA A CB    1 
ATOM   724  N N     . GLN A 1 90  ? 13.069  12.380  -2.646  1.00 57.68 ? 137 GLN A N     1 
ATOM   725  C CA    . GLN A 1 90  ? 13.465  11.490  -3.758  1.00 56.77 ? 137 GLN A CA    1 
ATOM   726  C C     . GLN A 1 90  ? 13.076  10.004  -3.620  1.00 55.37 ? 137 GLN A C     1 
ATOM   727  O O     . GLN A 1 90  ? 13.251  9.233   -4.558  1.00 55.24 ? 137 GLN A O     1 
ATOM   728  C CB    . GLN A 1 90  ? 14.956  11.688  -4.163  1.00 57.33 ? 137 GLN A CB    1 
ATOM   729  C CG    . GLN A 1 90  ? 15.970  12.007  -3.028  1.00 58.92 ? 137 GLN A CG    1 
ATOM   730  C CD    . GLN A 1 90  ? 16.741  10.766  -2.510  1.00 60.58 ? 137 GLN A CD    1 
ATOM   731  O OE1   . GLN A 1 90  ? 16.551  9.642   -2.991  1.00 60.30 ? 137 GLN A OE1   1 
ATOM   732  N NE2   . GLN A 1 90  ? 17.615  10.983  -1.524  1.00 60.58 ? 137 GLN A NE2   1 
ATOM   733  N N     . LEU A 1 91  ? 12.515  9.614   -2.476  1.00 53.84 ? 138 LEU A N     1 
ATOM   734  C CA    . LEU A 1 91  ? 12.054  8.234   -2.280  1.00 52.23 ? 138 LEU A CA    1 
ATOM   735  C C     . LEU A 1 91  ? 10.546  8.041   -2.349  1.00 51.14 ? 138 LEU A C     1 
ATOM   736  O O     . LEU A 1 91  ? 10.072  7.136   -3.046  1.00 51.35 ? 138 LEU A O     1 
ATOM   737  C CB    . LEU A 1 91  ? 12.537  7.666   -0.948  1.00 52.26 ? 138 LEU A CB    1 
ATOM   738  C CG    . LEU A 1 91  ? 13.982  7.193   -0.859  1.00 52.37 ? 138 LEU A CG    1 
ATOM   739  C CD1   . LEU A 1 91  ? 14.247  6.705   0.558   1.00 52.57 ? 138 LEU A CD1   1 
ATOM   740  C CD2   . LEU A 1 91  ? 14.281  6.110   -1.888  1.00 51.57 ? 138 LEU A CD2   1 
ATOM   741  N N     . LEU A 1 92  ? 9.801   8.874   -1.623  1.00 49.30 ? 139 LEU A N     1 
ATOM   742  C CA    . LEU A 1 92  ? 8.381   8.611   -1.374  1.00 47.56 ? 139 LEU A CA    1 
ATOM   743  C C     . LEU A 1 92  ? 7.581   8.201   -2.614  1.00 46.57 ? 139 LEU A C     1 
ATOM   744  O O     . LEU A 1 92  ? 7.001   7.118   -2.641  1.00 46.62 ? 139 LEU A O     1 
ATOM   745  C CB    . LEU A 1 92  ? 7.703   9.782   -0.648  1.00 47.41 ? 139 LEU A CB    1 
ATOM   746  C CG    . LEU A 1 92  ? 6.299   9.486   -0.118  1.00 46.12 ? 139 LEU A CG    1 
ATOM   747  C CD1   . LEU A 1 92  ? 6.355   8.615   1.112   1.00 44.54 ? 139 LEU A CD1   1 
ATOM   748  C CD2   . LEU A 1 92  ? 5.573   10.761  0.176   1.00 45.43 ? 139 LEU A CD2   1 
ATOM   749  N N     . ASP A 1 93  ? 7.567   9.047   -3.637  1.00 45.26 ? 140 ASP A N     1 
ATOM   750  C CA    . ASP A 1 93  ? 6.733   8.802   -4.818  1.00 44.11 ? 140 ASP A CA    1 
ATOM   751  C C     . ASP A 1 93  ? 7.120   7.537   -5.600  1.00 43.46 ? 140 ASP A C     1 
ATOM   752  O O     . ASP A 1 93  ? 6.270   6.912   -6.218  1.00 43.08 ? 140 ASP A O     1 
ATOM   753  C CB    . ASP A 1 93  ? 6.703   10.038  -5.732  1.00 44.11 ? 140 ASP A CB    1 
ATOM   754  C CG    . ASP A 1 93  ? 6.184   11.286  -5.021  1.00 43.31 ? 140 ASP A CG    1 
ATOM   755  O OD1   . ASP A 1 93  ? 5.539   11.152  -3.957  1.00 43.49 ? 140 ASP A OD1   1 
ATOM   756  O OD2   . ASP A 1 93  ? 6.421   12.398  -5.531  1.00 40.69 ? 140 ASP A OD2   1 
ATOM   757  N N     . HIS A 1 94  ? 8.400   7.173   -5.558  1.00 42.93 ? 141 HIS A N     1 
ATOM   758  C CA    . HIS A 1 94  ? 8.918   5.919   -6.130  1.00 42.22 ? 141 HIS A CA    1 
ATOM   759  C C     . HIS A 1 94  ? 8.326   4.720   -5.362  1.00 41.04 ? 141 HIS A C     1 
ATOM   760  O O     . HIS A 1 94  ? 7.719   3.828   -5.947  1.00 40.44 ? 141 HIS A O     1 
ATOM   761  C CB    . HIS A 1 94  ? 10.464  5.934   -6.072  1.00 42.52 ? 141 HIS A CB    1 
ATOM   762  C CG    . HIS A 1 94  ? 11.130  4.735   -6.687  1.00 44.25 ? 141 HIS A CG    1 
ATOM   763  N ND1   . HIS A 1 94  ? 11.534  3.640   -5.943  1.00 45.88 ? 141 HIS A ND1   1 
ATOM   764  C CD2   . HIS A 1 94  ? 11.500  4.476   -7.965  1.00 44.61 ? 141 HIS A CD2   1 
ATOM   765  C CE1   . HIS A 1 94  ? 12.104  2.752   -6.741  1.00 45.71 ? 141 HIS A CE1   1 
ATOM   766  N NE2   . HIS A 1 94  ? 12.098  3.236   -7.973  1.00 45.24 ? 141 HIS A NE2   1 
ATOM   767  N N     . TYR A 1 95  ? 8.488   4.741   -4.042  1.00 39.96 ? 142 TYR A N     1 
ATOM   768  C CA    . TYR A 1 95  ? 7.997   3.690   -3.156  1.00 39.09 ? 142 TYR A CA    1 
ATOM   769  C C     . TYR A 1 95  ? 6.514   3.393   -3.332  1.00 38.60 ? 142 TYR A C     1 
ATOM   770  O O     . TYR A 1 95  ? 6.122   2.227   -3.367  1.00 38.40 ? 142 TYR A O     1 
ATOM   771  C CB    . TYR A 1 95  ? 8.267   4.074   -1.702  1.00 39.08 ? 142 TYR A CB    1 
ATOM   772  C CG    . TYR A 1 95  ? 9.665   3.779   -1.211  1.00 39.41 ? 142 TYR A CG    1 
ATOM   773  C CD1   . TYR A 1 95  ? 9.976   3.883   0.145   1.00 40.35 ? 142 TYR A CD1   1 
ATOM   774  C CD2   . TYR A 1 95  ? 10.676  3.374   -2.089  1.00 40.03 ? 142 TYR A CD2   1 
ATOM   775  C CE1   . TYR A 1 95  ? 11.270  3.607   0.615   1.00 41.14 ? 142 TYR A CE1   1 
ATOM   776  C CE2   . TYR A 1 95  ? 11.971  3.089   -1.631  1.00 40.36 ? 142 TYR A CE2   1 
ATOM   777  C CZ    . TYR A 1 95  ? 12.258  3.205   -0.280  1.00 40.57 ? 142 TYR A CZ    1 
ATOM   778  O OH    . TYR A 1 95  ? 13.520  2.923   0.181   1.00 40.07 ? 142 TYR A OH    1 
ATOM   779  N N     . TRP A 1 96  ? 5.706   4.453   -3.443  1.00 37.94 ? 143 TRP A N     1 
ATOM   780  C CA    . TRP A 1 96  ? 4.249   4.356   -3.556  1.00 37.18 ? 143 TRP A CA    1 
ATOM   781  C C     . TRP A 1 96  ? 3.817   3.846   -4.937  1.00 37.08 ? 143 TRP A C     1 
ATOM   782  O O     . TRP A 1 96  ? 3.116   2.838   -5.059  1.00 36.62 ? 143 TRP A O     1 
ATOM   783  C CB    . TRP A 1 96  ? 3.627   5.717   -3.243  1.00 36.71 ? 143 TRP A CB    1 
ATOM   784  C CG    . TRP A 1 96  ? 2.131   5.821   -3.437  1.00 36.67 ? 143 TRP A CG    1 
ATOM   785  C CD1   . TRP A 1 96  ? 1.470   6.697   -4.265  1.00 36.70 ? 143 TRP A CD1   1 
ATOM   786  C CD2   . TRP A 1 96  ? 1.109   5.044   -2.784  1.00 35.59 ? 143 TRP A CD2   1 
ATOM   787  N NE1   . TRP A 1 96  ? 0.103   6.512   -4.158  1.00 36.89 ? 143 TRP A NE1   1 
ATOM   788  C CE2   . TRP A 1 96  ? -0.140  5.503   -3.263  1.00 35.39 ? 143 TRP A CE2   1 
ATOM   789  C CE3   . TRP A 1 96  ? 1.130   4.012   -1.841  1.00 35.10 ? 143 TRP A CE3   1 
ATOM   790  C CZ2   . TRP A 1 96  ? -1.347  4.969   -2.829  1.00 35.23 ? 143 TRP A CZ2   1 
ATOM   791  C CZ3   . TRP A 1 96  ? -0.073  3.479   -1.412  1.00 35.72 ? 143 TRP A CZ3   1 
ATOM   792  C CH2   . TRP A 1 96  ? -1.295  3.961   -1.905  1.00 36.01 ? 143 TRP A CH2   1 
ATOM   793  N N     . LEU A 1 97  ? 4.248   4.544   -5.978  1.00 37.22 ? 144 LEU A N     1 
ATOM   794  C CA    . LEU A 1 97  ? 4.047   4.060   -7.339  1.00 37.34 ? 144 LEU A CA    1 
ATOM   795  C C     . LEU A 1 97  ? 4.562   2.618   -7.519  1.00 37.36 ? 144 LEU A C     1 
ATOM   796  O O     . LEU A 1 97  ? 3.780   1.739   -7.906  1.00 38.00 ? 144 LEU A O     1 
ATOM   797  C CB    . LEU A 1 97  ? 4.671   5.004   -8.379  1.00 37.04 ? 144 LEU A CB    1 
ATOM   798  C CG    . LEU A 1 97  ? 4.396   4.700   -9.853  1.00 36.89 ? 144 LEU A CG    1 
ATOM   799  C CD1   . LEU A 1 97  ? 2.892   4.676   -10.148 1.00 38.37 ? 144 LEU A CD1   1 
ATOM   800  C CD2   . LEU A 1 97  ? 5.088   5.706   -10.736 1.00 36.10 ? 144 LEU A CD2   1 
ATOM   801  N N     . GLU A 1 98  ? 5.839   2.362   -7.213  1.00 36.72 ? 145 GLU A N     1 
ATOM   802  C CA    . GLU A 1 98  ? 6.377   1.004   -7.371  1.00 36.45 ? 145 GLU A CA    1 
ATOM   803  C C     . GLU A 1 98  ? 5.527   -0.062  -6.668  1.00 36.09 ? 145 GLU A C     1 
ATOM   804  O O     . GLU A 1 98  ? 5.372   -1.171  -7.195  1.00 36.28 ? 145 GLU A O     1 
ATOM   805  C CB    . GLU A 1 98  ? 7.841   0.904   -6.943  1.00 36.60 ? 145 GLU A CB    1 
ATOM   806  C CG    . GLU A 1 98  ? 8.829   1.682   -7.828  1.00 37.12 ? 145 GLU A CG    1 
ATOM   807  C CD    . GLU A 1 98  ? 9.001   1.090   -9.219  1.00 37.75 ? 145 GLU A CD    1 
ATOM   808  O OE1   . GLU A 1 98  ? 9.159   -0.147  -9.344  1.00 40.19 ? 145 GLU A OE1   1 
ATOM   809  O OE2   . GLU A 1 98  ? 8.993   1.866   -10.191 1.00 36.31 ? 145 GLU A OE2   1 
ATOM   810  N N     . LEU A 1 99  ? 4.959   0.281   -5.509  1.00 35.44 ? 146 LEU A N     1 
ATOM   811  C CA    . LEU A 1 99  ? 4.046   -0.619  -4.802  1.00 34.83 ? 146 LEU A CA    1 
ATOM   812  C C     . LEU A 1 99  ? 2.760   -0.801  -5.604  1.00 34.82 ? 146 LEU A C     1 
ATOM   813  O O     . LEU A 1 99  ? 2.319   -1.938  -5.818  1.00 35.22 ? 146 LEU A O     1 
ATOM   814  C CB    . LEU A 1 99  ? 3.692   -0.082  -3.413  1.00 34.79 ? 146 LEU A CB    1 
ATOM   815  C CG    . LEU A 1 99  ? 3.433   -1.004  -2.205  1.00 34.62 ? 146 LEU A CG    1 
ATOM   816  C CD1   . LEU A 1 99  ? 2.829   -0.222  -1.049  1.00 33.96 ? 146 LEU A CD1   1 
ATOM   817  C CD2   . LEU A 1 99  ? 2.556   -2.182  -2.498  1.00 34.62 ? 146 LEU A CD2   1 
ATOM   818  N N     . LEU A 1 100 ? 2.146   0.300   -6.048  1.00 33.88 ? 147 LEU A N     1 
ATOM   819  C CA    . LEU A 1 100 ? 0.848   0.180   -6.708  1.00 32.92 ? 147 LEU A CA    1 
ATOM   820  C C     . LEU A 1 100 ? 0.963   -0.678  -7.949  1.00 32.67 ? 147 LEU A C     1 
ATOM   821  O O     . LEU A 1 100 ? 0.075   -1.508  -8.223  1.00 32.64 ? 147 LEU A O     1 
ATOM   822  C CB    . LEU A 1 100 ? 0.236   1.537   -7.045  1.00 32.88 ? 147 LEU A CB    1 
ATOM   823  C CG    . LEU A 1 100 ? -0.230  2.415   -5.884  1.00 32.00 ? 147 LEU A CG    1 
ATOM   824  C CD1   . LEU A 1 100 ? -1.251  3.400   -6.421  1.00 30.59 ? 147 LEU A CD1   1 
ATOM   825  C CD2   . LEU A 1 100 ? -0.794  1.612   -4.712  1.00 30.19 ? 147 LEU A CD2   1 
ATOM   826  N N     . MET A 1 101 ? 2.069   -0.493  -8.674  1.00 32.04 ? 148 MET A N     1 
ATOM   827  C CA    . MET A 1 101 ? 2.371   -1.309  -9.849  1.00 31.65 ? 148 MET A CA    1 
ATOM   828  C C     . MET A 1 101 ? 2.632   -2.761  -9.466  1.00 31.39 ? 148 MET A C     1 
ATOM   829  O O     . MET A 1 101 ? 2.157   -3.682  -10.149 1.00 31.14 ? 148 MET A O     1 
ATOM   830  C CB    . MET A 1 101 ? 3.555   -0.750  -10.626 1.00 31.54 ? 148 MET A CB    1 
ATOM   831  C CG    . MET A 1 101 ? 3.186   0.314   -11.626 1.00 31.03 ? 148 MET A CG    1 
ATOM   832  S SD    . MET A 1 101 ? 4.660   0.883   -12.480 1.00 31.34 ? 148 MET A SD    1 
ATOM   833  C CE    . MET A 1 101 ? 5.718   1.264   -11.087 1.00 30.01 ? 148 MET A CE    1 
ATOM   834  N N     . ALA A 1 102 ? 3.371   -2.963  -8.375  1.00 30.83 ? 149 ALA A N     1 
ATOM   835  C CA    . ALA A 1 102 ? 3.547   -4.312  -7.852  1.00 30.68 ? 149 ALA A CA    1 
ATOM   836  C C     . ALA A 1 102 ? 2.214   -4.984  -7.551  1.00 30.53 ? 149 ALA A C     1 
ATOM   837  O O     . ALA A 1 102 ? 2.028   -6.112  -7.963  1.00 30.29 ? 149 ALA A O     1 
ATOM   838  C CB    . ALA A 1 102 ? 4.414   -4.308  -6.628  1.00 31.07 ? 149 ALA A CB    1 
ATOM   839  N N     . ILE A 1 103 ? 1.285   -4.302  -6.866  1.00 30.41 ? 150 ILE A N     1 
ATOM   840  C CA    . ILE A 1 103 ? 0.026   -4.960  -6.471  1.00 30.56 ? 150 ILE A CA    1 
ATOM   841  C C     . ILE A 1 103 ? -0.949  -5.183  -7.635  1.00 30.78 ? 150 ILE A C     1 
ATOM   842  O O     . ILE A 1 103 ? -1.444  -6.305  -7.813  1.00 31.05 ? 150 ILE A O     1 
ATOM   843  C CB    . ILE A 1 103 ? -0.684  -4.406  -5.124  1.00 30.67 ? 150 ILE A CB    1 
ATOM   844  C CG1   . ILE A 1 103 ? -1.814  -3.388  -5.387  1.00 30.54 ? 150 ILE A CG1   1 
ATOM   845  C CG2   . ILE A 1 103 ? 0.333   -3.911  -4.077  1.00 30.62 ? 150 ILE A CG2   1 
ATOM   846  C CD1   . ILE A 1 103 ? -2.392  -2.698  -4.126  1.00 27.06 ? 150 ILE A CD1   1 
ATOM   847  N N     . ILE A 1 104 ? -1.203  -4.146  -8.441  1.00 30.68 ? 151 ILE A N     1 
ATOM   848  C CA    . ILE A 1 104 ? -2.194  -4.279  -9.521  1.00 30.48 ? 151 ILE A CA    1 
ATOM   849  C C     . ILE A 1 104 ? -1.703  -5.212  -10.622 1.00 31.03 ? 151 ILE A C     1 
ATOM   850  O O     . ILE A 1 104 ? -2.495  -5.817  -11.346 1.00 31.11 ? 151 ILE A O     1 
ATOM   851  C CB    . ILE A 1 104 ? -2.644  -2.928  -10.102 1.00 30.01 ? 151 ILE A CB    1 
ATOM   852  C CG1   . ILE A 1 104 ? -1.492  -2.199  -10.782 1.00 29.50 ? 151 ILE A CG1   1 
ATOM   853  C CG2   . ILE A 1 104 ? -3.248  -2.087  -9.022  1.00 30.29 ? 151 ILE A CG2   1 
ATOM   854  C CD1   . ILE A 1 104 ? -1.931  -1.040  -11.637 1.00 28.32 ? 151 ILE A CD1   1 
ATOM   855  N N     . GLY A 1 105 ? -0.384  -5.336  -10.721 1.00 31.87 ? 152 GLY A N     1 
ATOM   856  C CA    . GLY A 1 105 ? 0.246   -6.231  -11.683 1.00 32.59 ? 152 GLY A CA    1 
ATOM   857  C C     . GLY A 1 105 ? 0.466   -7.615  -11.113 1.00 33.27 ? 152 GLY A C     1 
ATOM   858  O O     . GLY A 1 105 ? 1.100   -8.445  -11.760 1.00 33.57 ? 152 GLY A O     1 
ATOM   859  N N     . GLU A 1 106 ? -0.045  -7.844  -9.898  1.00 33.65 ? 153 GLU A N     1 
ATOM   860  C CA    . GLU A 1 106 ? -0.098  -9.170  -9.259  1.00 34.22 ? 153 GLU A CA    1 
ATOM   861  C C     . GLU A 1 106 ? 1.268   -9.863  -9.157  1.00 34.71 ? 153 GLU A C     1 
ATOM   862  O O     . GLU A 1 106 ? 1.474   -10.967 -9.685  1.00 34.63 ? 153 GLU A O     1 
ATOM   863  C CB    . GLU A 1 106 ? -1.129  -10.064 -9.962  1.00 34.12 ? 153 GLU A CB    1 
ATOM   864  C CG    . GLU A 1 106 ? -2.511  -9.426  -10.107 1.00 33.81 ? 153 GLU A CG    1 
ATOM   865  C CD    . GLU A 1 106 ? -3.384  -9.571  -8.874  1.00 33.01 ? 153 GLU A CD    1 
ATOM   866  O OE1   . GLU A 1 106 ? -3.126  -10.476 -8.061  1.00 33.25 ? 153 GLU A OE1   1 
ATOM   867  O OE2   . GLU A 1 106 ? -4.347  -8.788  -8.726  1.00 33.71 ? 153 GLU A OE2   1 
ATOM   868  N N     . GLN A 1 107 ? 2.150   -9.262  -8.386  1.00 35.27 ? 154 GLN A N     1 
ATOM   869  C CA    . GLN A 1 107 ? 3.518   -9.680  -8.318  1.00 35.53 ? 154 GLN A CA    1 
ATOM   870  C C     . GLN A 1 107 ? 3.892   -10.449 -7.114  1.00 36.40 ? 154 GLN A C     1 
ATOM   871  O O     . GLN A 1 107 ? 5.014   -10.789 -6.966  1.00 36.72 ? 154 GLN A O     1 
ATOM   872  C CB    . GLN A 1 107 ? 4.397   -8.482  -8.382  1.00 35.21 ? 154 GLN A CB    1 
ATOM   873  C CG    . GLN A 1 107 ? 4.145   -7.702  -9.578  1.00 34.79 ? 154 GLN A CG    1 
ATOM   874  C CD    . GLN A 1 107 ? 4.592   -8.371  -10.789 1.00 32.37 ? 154 GLN A CD    1 
ATOM   875  O OE1   . GLN A 1 107 ? 5.749   -8.535  -10.997 1.00 31.65 ? 154 GLN A OE1   1 
ATOM   876  N NE2   . GLN A 1 107 ? 3.680   -8.760  -11.605 1.00 31.69 ? 154 GLN A NE2   1 
ATOM   877  N N     . PHE A 1 108 ? 2.952   -10.748 -6.257  1.00 37.53 ? 155 PHE A N     1 
ATOM   878  C CA    . PHE A 1 108 ? 3.280   -11.514 -5.102  1.00 38.44 ? 155 PHE A CA    1 
ATOM   879  C C     . PHE A 1 108 ? 2.978   -12.971 -5.241  1.00 39.57 ? 155 PHE A C     1 
ATOM   880  O O     . PHE A 1 108 ? 2.689   -13.620 -4.289  1.00 39.57 ? 155 PHE A O     1 
ATOM   881  C CB    . PHE A 1 108 ? 2.602   -10.927 -3.897  1.00 38.29 ? 155 PHE A CB    1 
ATOM   882  C CG    . PHE A 1 108 ? 2.928   -9.509  -3.681  1.00 37.80 ? 155 PHE A CG    1 
ATOM   883  C CD1   . PHE A 1 108 ? 2.208   -8.529  -4.293  1.00 37.79 ? 155 PHE A CD1   1 
ATOM   884  C CD2   . PHE A 1 108 ? 3.964   -9.154  -2.896  1.00 37.48 ? 155 PHE A CD2   1 
ATOM   885  C CE1   . PHE A 1 108 ? 2.507   -7.238  -4.114  1.00 38.02 ? 155 PHE A CE1   1 
ATOM   886  C CE2   . PHE A 1 108 ? 4.263   -7.862  -2.721  1.00 38.04 ? 155 PHE A CE2   1 
ATOM   887  C CZ    . PHE A 1 108 ? 3.533   -6.899  -3.333  1.00 38.19 ? 155 PHE A CZ    1 
ATOM   888  N N     . GLU A 1 109 ? 3.088   -13.487 -6.445  1.00 41.28 ? 156 GLU A N     1 
ATOM   889  C CA    . GLU A 1 109 ? 3.005   -14.911 -6.716  1.00 42.76 ? 156 GLU A CA    1 
ATOM   890  C C     . GLU A 1 109 ? 1.721   -15.617 -6.296  1.00 43.72 ? 156 GLU A C     1 
ATOM   891  O O     . GLU A 1 109 ? 0.640   -15.109 -6.439  1.00 43.90 ? 156 GLU A O     1 
ATOM   892  C CB    . GLU A 1 109 ? 4.237   -15.584 -6.139  1.00 42.86 ? 156 GLU A CB    1 
ATOM   893  C CG    . GLU A 1 109 ? 5.489   -14.795 -6.454  1.00 42.58 ? 156 GLU A CG    1 
ATOM   894  C CD    . GLU A 1 109 ? 6.721   -15.341 -5.856  1.00 42.78 ? 156 GLU A CD    1 
ATOM   895  O OE1   . GLU A 1 109 ? 6.637   -16.149 -4.946  1.00 42.67 ? 156 GLU A OE1   1 
ATOM   896  O OE2   . GLU A 1 109 ? 7.792   -14.950 -6.291  1.00 43.07 ? 156 GLU A OE2   1 
ATOM   897  N N     . ASP A 1 110 ? 1.832   -16.824 -5.806  1.00 45.02 ? 157 ASP A N     1 
ATOM   898  C CA    . ASP A 1 110 ? 0.662   -17.538 -5.381  1.00 46.39 ? 157 ASP A CA    1 
ATOM   899  C C     . ASP A 1 110 ? 0.104   -16.929 -4.135  1.00 46.65 ? 157 ASP A C     1 
ATOM   900  O O     . ASP A 1 110 ? -0.673  -17.536 -3.453  1.00 46.97 ? 157 ASP A O     1 
ATOM   901  C CB    . ASP A 1 110 ? 0.980   -19.005 -5.123  1.00 46.85 ? 157 ASP A CB    1 
ATOM   902  C CG    . ASP A 1 110 ? 2.462   -19.275 -4.921  1.00 49.14 ? 157 ASP A CG    1 
ATOM   903  O OD1   . ASP A 1 110 ? 2.837   -20.436 -4.764  1.00 51.38 ? 157 ASP A OD1   1 
ATOM   904  O OD2   . ASP A 1 110 ? 3.279   -18.354 -4.908  1.00 51.80 ? 157 ASP A OD2   1 
ATOM   905  N N     . ASN A 1 111 ? 0.511   -15.721 -3.823  1.00 47.41 ? 158 ASN A N     1 
ATOM   906  C CA    . ASN A 1 111 ? 0.138   -15.122 -2.535  1.00 48.27 ? 158 ASN A CA    1 
ATOM   907  C C     . ASN A 1 111 ? -0.820  -13.939 -2.664  1.00 48.52 ? 158 ASN A C     1 
ATOM   908  O O     . ASN A 1 111 ? -1.310  -13.425 -1.657  1.00 48.60 ? 158 ASN A O     1 
ATOM   909  C CB    . ASN A 1 111 ? 1.392   -14.702 -1.732  1.00 48.55 ? 158 ASN A CB    1 
ATOM   910  C CG    . ASN A 1 111 ? 2.137   -15.898 -1.103  1.00 49.28 ? 158 ASN A CG    1 
ATOM   911  O OD1   . ASN A 1 111 ? 3.369   -15.918 -1.051  1.00 49.88 ? 158 ASN A OD1   1 
ATOM   912  N ND2   . ASN A 1 111 ? 1.386   -16.887 -0.625  1.00 49.24 ? 158 ASN A ND2   1 
ATOM   913  N N     . GLY A 1 112 ? -1.080  -13.524 -3.906  1.00 48.79 ? 159 GLY A N     1 
ATOM   914  C CA    . GLY A 1 112 ? -1.937  -12.376 -4.210  1.00 48.74 ? 159 GLY A CA    1 
ATOM   915  C C     . GLY A 1 112 ? -3.226  -12.295 -3.412  1.00 48.95 ? 159 GLY A C     1 
ATOM   916  O O     . GLY A 1 112 ? -3.612  -11.214 -2.977  1.00 49.40 ? 159 GLY A O     1 
ATOM   917  N N     . GLU A 1 113 ? -3.885  -13.431 -3.201  1.00 48.69 ? 160 GLU A N     1 
ATOM   918  C CA    . GLU A 1 113 ? -5.149  -13.472 -2.451  1.00 48.60 ? 160 GLU A CA    1 
ATOM   919  C C     . GLU A 1 113 ? -5.104  -12.871 -1.031  1.00 47.54 ? 160 GLU A C     1 
ATOM   920  O O     . GLU A 1 113 ? -6.154  -12.573 -0.455  1.00 47.07 ? 160 GLU A O     1 
ATOM   921  C CB    . GLU A 1 113 ? -5.717  -14.900 -2.416  1.00 49.30 ? 160 GLU A CB    1 
ATOM   922  C CG    . GLU A 1 113 ? -4.682  -16.017 -2.693  1.00 52.05 ? 160 GLU A CG    1 
ATOM   923  C CD    . GLU A 1 113 ? -5.201  -17.423 -2.349  1.00 55.68 ? 160 GLU A CD    1 
ATOM   924  O OE1   . GLU A 1 113 ? -6.436  -17.669 -2.451  1.00 55.27 ? 160 GLU A OE1   1 
ATOM   925  O OE2   . GLU A 1 113 ? -4.355  -18.280 -1.976  1.00 57.31 ? 160 GLU A OE2   1 
ATOM   926  N N     . TYR A 1 114 ? -3.903  -12.698 -0.480  1.00 46.54 ? 161 TYR A N     1 
ATOM   927  C CA    . TYR A 1 114 ? -3.741  -12.165 0.876   1.00 46.12 ? 161 TYR A CA    1 
ATOM   928  C C     . TYR A 1 114 ? -3.539  -10.650 0.909   1.00 45.51 ? 161 TYR A C     1 
ATOM   929  O O     . TYR A 1 114 ? -3.787  -10.003 1.929   1.00 45.62 ? 161 TYR A O     1 
ATOM   930  C CB    . TYR A 1 114 ? -2.620  -12.889 1.624   1.00 46.29 ? 161 TYR A CB    1 
ATOM   931  C CG    . TYR A 1 114 ? -2.919  -14.352 1.795   1.00 48.12 ? 161 TYR A CG    1 
ATOM   932  C CD1   . TYR A 1 114 ? -3.502  -14.833 2.962   1.00 49.50 ? 161 TYR A CD1   1 
ATOM   933  C CD2   . TYR A 1 114 ? -2.656  -15.259 0.763   1.00 50.39 ? 161 TYR A CD2   1 
ATOM   934  C CE1   . TYR A 1 114 ? -3.807  -16.188 3.101   1.00 51.18 ? 161 TYR A CE1   1 
ATOM   935  C CE2   . TYR A 1 114 ? -2.954  -16.613 0.889   1.00 51.12 ? 161 TYR A CE2   1 
ATOM   936  C CZ    . TYR A 1 114 ? -3.526  -17.068 2.056   1.00 52.04 ? 161 TYR A CZ    1 
ATOM   937  O OH    . TYR A 1 114 ? -3.815  -18.406 2.174   1.00 53.56 ? 161 TYR A OH    1 
ATOM   938  N N     . ILE A 1 115 ? -3.099  -10.082 -0.205  1.00 44.46 ? 162 ILE A N     1 
ATOM   939  C CA    . ILE A 1 115 ? -3.047  -8.643  -0.340  1.00 43.56 ? 162 ILE A CA    1 
ATOM   940  C C     . ILE A 1 115 ? -4.451  -8.061  -0.152  1.00 43.31 ? 162 ILE A C     1 
ATOM   941  O O     . ILE A 1 115 ? -5.369  -8.436  -0.861  1.00 43.33 ? 162 ILE A O     1 
ATOM   942  C CB    . ILE A 1 115 ? -2.507  -8.232  -1.733  1.00 43.57 ? 162 ILE A CB    1 
ATOM   943  C CG1   . ILE A 1 115 ? -1.166  -8.924  -2.046  1.00 42.85 ? 162 ILE A CG1   1 
ATOM   944  C CG2   . ILE A 1 115 ? -2.480  -6.689  -1.899  1.00 43.06 ? 162 ILE A CG2   1 
ATOM   945  C CD1   . ILE A 1 115 ? -0.057  -8.668  -1.057  1.00 42.89 ? 162 ILE A CD1   1 
ATOM   946  N N     . CYS A 1 116 ? -4.608  -7.159  0.813   1.00 43.04 ? 163 CYS A N     1 
ATOM   947  C CA    . CYS A 1 116 ? -5.804  -6.324  0.900   1.00 42.73 ? 163 CYS A CA    1 
ATOM   948  C C     . CYS A 1 116 ? -5.634  -4.994  0.185   1.00 42.29 ? 163 CYS A C     1 
ATOM   949  O O     . CYS A 1 116 ? -6.478  -4.627  -0.622  1.00 42.77 ? 163 CYS A O     1 
ATOM   950  C CB    . CYS A 1 116 ? -6.186  -6.064  2.341   1.00 42.66 ? 163 CYS A CB    1 
ATOM   951  S SG    . CYS A 1 116 ? -6.586  -7.549  3.217   1.00 45.03 ? 163 CYS A SG    1 
ATOM   952  N N     . GLY A 1 117 ? -4.559  -4.265  0.475   1.00 41.58 ? 164 GLY A N     1 
ATOM   953  C CA    . GLY A 1 117 ? -4.376  -2.944  -0.104  1.00 40.75 ? 164 GLY A CA    1 
ATOM   954  C C     . GLY A 1 117 ? -3.035  -2.315  0.199   1.00 40.62 ? 164 GLY A C     1 
ATOM   955  O O     . GLY A 1 117 ? -2.133  -2.971  0.698   1.00 40.75 ? 164 GLY A O     1 
ATOM   956  N N     . ALA A 1 118 ? -2.917  -1.029  -0.110  1.00 40.33 ? 165 ALA A N     1 
ATOM   957  C CA    . ALA A 1 118 ? -1.696  -0.261  0.097   1.00 39.92 ? 165 ALA A CA    1 
ATOM   958  C C     . ALA A 1 118 ? -2.054  1.134   0.561   1.00 39.92 ? 165 ALA A C     1 
ATOM   959  O O     . ALA A 1 118 ? -2.964  1.767   0.026   1.00 39.94 ? 165 ALA A O     1 
ATOM   960  C CB    . ALA A 1 118 ? -0.906  -0.176  -1.174  1.00 40.00 ? 165 ALA A CB    1 
ATOM   961  N N     . VAL A 1 119 ? -1.314  1.609   1.552   1.00 39.84 ? 166 VAL A N     1 
ATOM   962  C CA    . VAL A 1 119 ? -1.588  2.875   2.206   1.00 39.54 ? 166 VAL A CA    1 
ATOM   963  C C     . VAL A 1 119 ? -0.342  3.769   2.156   1.00 40.19 ? 166 VAL A C     1 
ATOM   964  O O     . VAL A 1 119 ? 0.799   3.291   2.307   1.00 40.20 ? 166 VAL A O     1 
ATOM   965  C CB    . VAL A 1 119 ? -1.977  2.641   3.678   1.00 39.01 ? 166 VAL A CB    1 
ATOM   966  C CG1   . VAL A 1 119 ? -2.547  3.888   4.277   1.00 38.73 ? 166 VAL A CG1   1 
ATOM   967  C CG2   . VAL A 1 119 ? -2.982  1.512   3.796   1.00 38.57 ? 166 VAL A CG2   1 
ATOM   968  N N     . VAL A 1 120 ? -0.546  5.062   1.933   1.00 40.49 ? 167 VAL A N     1 
ATOM   969  C CA    . VAL A 1 120 ? 0.536   6.014   2.150   1.00 41.17 ? 167 VAL A CA    1 
ATOM   970  C C     . VAL A 1 120 ? 0.095   7.076   3.149   1.00 42.13 ? 167 VAL A C     1 
ATOM   971  O O     . VAL A 1 120 ? -0.927  7.734   2.952   1.00 42.67 ? 167 VAL A O     1 
ATOM   972  C CB    . VAL A 1 120 ? 1.062   6.627   0.826   1.00 41.06 ? 167 VAL A CB    1 
ATOM   973  C CG1   . VAL A 1 120 ? -0.055  7.301   0.030   1.00 40.59 ? 167 VAL A CG1   1 
ATOM   974  C CG2   . VAL A 1 120 ? 2.214   7.575   1.088   1.00 40.18 ? 167 VAL A CG2   1 
ATOM   975  N N     . ASN A 1 121 ? 0.840   7.215   4.240   1.00 43.08 ? 168 ASN A N     1 
ATOM   976  C CA    . ASN A 1 121 ? 0.529   8.236   5.240   1.00 44.25 ? 168 ASN A CA    1 
ATOM   977  C C     . ASN A 1 121 ? 1.499   9.407   5.136   1.00 45.07 ? 168 ASN A C     1 
ATOM   978  O O     . ASN A 1 121 ? 2.702   9.239   5.342   1.00 45.00 ? 168 ASN A O     1 
ATOM   979  C CB    . ASN A 1 121 ? 0.551   7.657   6.662   1.00 44.22 ? 168 ASN A CB    1 
ATOM   980  C CG    . ASN A 1 121 ? -0.387  6.460   6.844   1.00 44.35 ? 168 ASN A CG    1 
ATOM   981  O OD1   . ASN A 1 121 ? 0.009   5.440   7.403   1.00 44.95 ? 168 ASN A OD1   1 
ATOM   982  N ND2   . ASN A 1 121 ? -1.632  6.590   6.398   1.00 44.39 ? 168 ASN A ND2   1 
ATOM   983  N N     . VAL A 1 122 ? 0.987   10.590  4.799   1.00 46.29 ? 169 VAL A N     1 
ATOM   984  C CA    . VAL A 1 122 ? 1.840   11.773  4.751   1.00 47.35 ? 169 VAL A CA    1 
ATOM   985  C C     . VAL A 1 122 ? 1.815   12.377  6.142   1.00 48.42 ? 169 VAL A C     1 
ATOM   986  O O     . VAL A 1 122 ? 0.748   12.699  6.662   1.00 48.63 ? 169 VAL A O     1 
ATOM   987  C CB    . VAL A 1 122 ? 1.429   12.790  3.656   1.00 47.09 ? 169 VAL A CB    1 
ATOM   988  C CG1   . VAL A 1 122 ? 2.288   14.037  3.738   1.00 47.25 ? 169 VAL A CG1   1 
ATOM   989  C CG2   . VAL A 1 122 ? 1.572   12.176  2.265   1.00 46.80 ? 169 VAL A CG2   1 
ATOM   990  N N     . ARG A 1 123 ? 2.993   12.469  6.755   1.00 49.73 ? 170 ARG A N     1 
ATOM   991  C CA    . ARG A 1 123 ? 3.132   12.967  8.130   1.00 50.93 ? 170 ARG A CA    1 
ATOM   992  C C     . ARG A 1 123 ? 4.411   13.813  8.348   1.00 51.47 ? 170 ARG A C     1 
ATOM   993  O O     . ARG A 1 123 ? 5.336   13.815  7.504   1.00 51.45 ? 170 ARG A O     1 
ATOM   994  C CB    . ARG A 1 123 ? 3.056   11.810  9.141   1.00 50.95 ? 170 ARG A CB    1 
ATOM   995  C CG    . ARG A 1 123 ? 1.881   11.881  10.107  1.00 52.26 ? 170 ARG A CG    1 
ATOM   996  C CD    . ARG A 1 123 ? 0.830   10.789  9.883   1.00 53.57 ? 170 ARG A CD    1 
ATOM   997  N NE    . ARG A 1 123 ? 0.014   11.018  8.686   1.00 53.71 ? 170 ARG A NE    1 
ATOM   998  C CZ    . ARG A 1 123 ? -1.182  10.477  8.461   1.00 52.77 ? 170 ARG A CZ    1 
ATOM   999  N NH1   . ARG A 1 123 ? -1.815  10.751  7.335   1.00 53.14 ? 170 ARG A NH1   1 
ATOM   1000 N NH2   . ARG A 1 123 ? -1.748  9.672   9.351   1.00 51.54 ? 170 ARG A NH2   1 
ATOM   1001 N N     . GLN A 1 124 ? 4.442   14.526  9.481   1.00 51.84 ? 171 GLN A N     1 
ATOM   1002 C CA    . GLN A 1 124 ? 5.519   15.477  9.805   1.00 51.87 ? 171 GLN A CA    1 
ATOM   1003 C C     . GLN A 1 124 ? 6.766   14.756  10.250  1.00 51.89 ? 171 GLN A C     1 
ATOM   1004 O O     . GLN A 1 124 ? 7.826   14.899  9.634   1.00 51.93 ? 171 GLN A O     1 
ATOM   1005 C CB    . GLN A 1 124 ? 5.081   16.444  10.907  1.00 52.04 ? 171 GLN A CB    1 
ATOM   1006 N N     . LYS A 1 125 ? 6.625   14.006  11.343  1.00 51.75 ? 172 LYS A N     1 
ATOM   1007 C CA    . LYS A 1 125 ? 7.694   13.179  11.864  1.00 51.78 ? 172 LYS A CA    1 
ATOM   1008 C C     . LYS A 1 125 ? 8.222   12.331  10.710  1.00 51.71 ? 172 LYS A C     1 
ATOM   1009 O O     . LYS A 1 125 ? 9.355   12.542  10.230  1.00 52.03 ? 172 LYS A O     1 
ATOM   1010 C CB    . LYS A 1 125 ? 7.187   12.293  13.012  1.00 51.80 ? 172 LYS A CB    1 
ATOM   1011 N N     . GLY A 1 126 ? 7.387   11.408  10.237  1.00 51.07 ? 173 GLY A N     1 
ATOM   1012 C CA    . GLY A 1 126 ? 7.775   10.536  9.141   1.00 50.20 ? 173 GLY A CA    1 
ATOM   1013 C C     . GLY A 1 126 ? 6.625   10.136  8.248   1.00 49.28 ? 173 GLY A C     1 
ATOM   1014 O O     . GLY A 1 126 ? 5.501   9.939   8.715   1.00 49.37 ? 173 GLY A O     1 
ATOM   1015 N N     . ASP A 1 127 ? 6.915   10.020  6.957   1.00 48.18 ? 174 ASP A N     1 
ATOM   1016 C CA    . ASP A 1 127 ? 5.971   9.453   6.021   1.00 47.11 ? 174 ASP A CA    1 
ATOM   1017 C C     . ASP A 1 127 ? 6.042   7.940   6.148   1.00 46.64 ? 174 ASP A C     1 
ATOM   1018 O O     . ASP A 1 127 ? 7.115   7.390   6.434   1.00 47.10 ? 174 ASP A O     1 
ATOM   1019 C CB    . ASP A 1 127 ? 6.306   9.893   4.608   1.00 46.86 ? 174 ASP A CB    1 
ATOM   1020 C CG    . ASP A 1 127 ? 6.236   11.400  4.435   1.00 46.65 ? 174 ASP A CG    1 
ATOM   1021 O OD1   . ASP A 1 127 ? 5.170   12.012  4.716   1.00 45.38 ? 174 ASP A OD1   1 
ATOM   1022 O OD2   . ASP A 1 127 ? 7.264   11.964  4.013   1.00 45.27 ? 174 ASP A OD2   1 
ATOM   1023 N N     . LYS A 1 128 ? 4.901   7.274   5.968   1.00 45.42 ? 175 LYS A N     1 
ATOM   1024 C CA    . LYS A 1 128 ? 4.809   5.819   6.104   1.00 44.17 ? 175 LYS A CA    1 
ATOM   1025 C C     . LYS A 1 128 ? 4.238   5.227   4.842   1.00 43.50 ? 175 LYS A C     1 
ATOM   1026 O O     . LYS A 1 128 ? 3.392   5.839   4.217   1.00 44.13 ? 175 LYS A O     1 
ATOM   1027 C CB    . LYS A 1 128 ? 3.925   5.444   7.294   1.00 43.93 ? 175 LYS A CB    1 
ATOM   1028 C CG    . LYS A 1 128 ? 4.522   5.841   8.633   1.00 43.54 ? 175 LYS A CG    1 
ATOM   1029 C CD    . LYS A 1 128 ? 3.744   5.281   9.801   1.00 43.12 ? 175 LYS A CD    1 
ATOM   1030 C CE    . LYS A 1 128 ? 2.679   6.249   10.312  1.00 42.80 ? 175 LYS A CE    1 
ATOM   1031 N NZ    . LYS A 1 128 ? 2.154   5.829   11.648  1.00 41.78 ? 175 LYS A NZ    1 
ATOM   1032 N N     . VAL A 1 129 ? 4.700   4.044   4.456   1.00 42.59 ? 176 VAL A N     1 
ATOM   1033 C CA    . VAL A 1 129 ? 4.133   3.325   3.310   1.00 41.46 ? 176 VAL A CA    1 
ATOM   1034 C C     . VAL A 1 129 ? 3.887   1.887   3.733   1.00 40.82 ? 176 VAL A C     1 
ATOM   1035 O O     . VAL A 1 129 ? 4.835   1.176   4.016   1.00 40.73 ? 176 VAL A O     1 
ATOM   1036 C CB    . VAL A 1 129 ? 5.088   3.358   2.079   1.00 41.43 ? 176 VAL A CB    1 
ATOM   1037 C CG1   . VAL A 1 129 ? 4.643   2.366   1.014   1.00 41.20 ? 176 VAL A CG1   1 
ATOM   1038 C CG2   . VAL A 1 129 ? 5.192   4.763   1.495   1.00 40.26 ? 176 VAL A CG2   1 
ATOM   1039 N N     . SER A 1 130 ? 2.630   1.460   3.784   1.00 40.19 ? 177 SER A N     1 
ATOM   1040 C CA    . SER A 1 130 ? 2.319   0.084   4.204   1.00 40.12 ? 177 SER A CA    1 
ATOM   1041 C C     . SER A 1 130 ? 1.499   -0.787  3.227   1.00 39.69 ? 177 SER A C     1 
ATOM   1042 O O     . SER A 1 130 ? 0.696   -0.276  2.441   1.00 39.45 ? 177 SER A O     1 
ATOM   1043 C CB    . SER A 1 130 ? 1.677   0.083   5.586   1.00 40.20 ? 177 SER A CB    1 
ATOM   1044 O OG    . SER A 1 130 ? 0.964   1.286   5.796   1.00 41.74 ? 177 SER A OG    1 
ATOM   1045 N N     . LEU A 1 131 ? 1.730   -2.102  3.284   1.00 39.27 ? 178 LEU A N     1 
ATOM   1046 C CA    . LEU A 1 131 ? 0.951   -3.082  2.518   1.00 38.97 ? 178 LEU A CA    1 
ATOM   1047 C C     . LEU A 1 131 ? 0.107   -3.956  3.458   1.00 39.16 ? 178 LEU A C     1 
ATOM   1048 O O     . LEU A 1 131 ? 0.628   -4.839  4.138   1.00 39.25 ? 178 LEU A O     1 
ATOM   1049 C CB    . LEU A 1 131 ? 1.864   -3.961  1.654   1.00 38.81 ? 178 LEU A CB    1 
ATOM   1050 C CG    . LEU A 1 131 ? 1.360   -4.608  0.344   1.00 38.27 ? 178 LEU A CG    1 
ATOM   1051 C CD1   . LEU A 1 131 ? 2.276   -5.733  -0.071  1.00 37.37 ? 178 LEU A CD1   1 
ATOM   1052 C CD2   . LEU A 1 131 ? -0.052  -5.146  0.411   1.00 37.87 ? 178 LEU A CD2   1 
ATOM   1053 N N     . TRP A 1 132 ? -1.199  -3.711  3.474   1.00 39.08 ? 179 TRP A N     1 
ATOM   1054 C CA    . TRP A 1 132 ? -2.113  -4.424  4.340   1.00 39.54 ? 179 TRP A CA    1 
ATOM   1055 C C     . TRP A 1 132 ? -2.408  -5.850  3.844   1.00 40.46 ? 179 TRP A C     1 
ATOM   1056 O O     . TRP A 1 132 ? -2.726  -6.065  2.673   1.00 40.30 ? 179 TRP A O     1 
ATOM   1057 C CB    . TRP A 1 132 ? -3.418  -3.641  4.466   1.00 39.35 ? 179 TRP A CB    1 
ATOM   1058 C CG    . TRP A 1 132 ? -3.372  -2.434  5.351   1.00 38.64 ? 179 TRP A CG    1 
ATOM   1059 C CD1   . TRP A 1 132 ? -2.291  -1.637  5.621   1.00 39.20 ? 179 TRP A CD1   1 
ATOM   1060 C CD2   . TRP A 1 132 ? -4.474  -1.856  6.043   1.00 37.94 ? 179 TRP A CD2   1 
ATOM   1061 N NE1   . TRP A 1 132 ? -2.653  -0.610  6.457   1.00 38.09 ? 179 TRP A NE1   1 
ATOM   1062 C CE2   . TRP A 1 132 ? -3.987  -0.720  6.734   1.00 37.74 ? 179 TRP A CE2   1 
ATOM   1063 C CE3   . TRP A 1 132 ? -5.827  -2.193  6.162   1.00 38.24 ? 179 TRP A CE3   1 
ATOM   1064 C CZ2   . TRP A 1 132 ? -4.807  0.083   7.533   1.00 37.77 ? 179 TRP A CZ2   1 
ATOM   1065 C CZ3   . TRP A 1 132 ? -6.649  -1.392  6.967   1.00 38.49 ? 179 TRP A CZ3   1 
ATOM   1066 C CH2   . TRP A 1 132 ? -6.130  -0.266  7.639   1.00 37.89 ? 179 TRP A CH2   1 
ATOM   1067 N N     . THR A 1 133 ? -2.323  -6.808  4.763   1.00 41.69 ? 180 THR A N     1 
ATOM   1068 C CA    . THR A 1 133 ? -2.508  -8.226  4.481   1.00 42.78 ? 180 THR A CA    1 
ATOM   1069 C C     . THR A 1 133 ? -3.772  -8.742  5.155   1.00 43.88 ? 180 THR A C     1 
ATOM   1070 O O     . THR A 1 133 ? -4.293  -8.126  6.082   1.00 44.35 ? 180 THR A O     1 
ATOM   1071 C CB    . THR A 1 133 ? -1.253  -9.011  4.904   1.00 42.46 ? 180 THR A CB    1 
ATOM   1072 O OG1   . THR A 1 133 ? -0.322  -8.978  3.821   1.00 42.97 ? 180 THR A OG1   1 
ATOM   1073 C CG2   . THR A 1 133 ? -1.552  -10.464 5.229   1.00 43.02 ? 180 THR A CG2   1 
ATOM   1074 N N     . ARG A 1 134 ? -4.271  -9.871  4.676   1.00 45.17 ? 181 ARG A N     1 
ATOM   1075 C CA    . ARG A 1 134 ? -5.571  -10.359 5.090   1.00 46.76 ? 181 ARG A CA    1 
ATOM   1076 C C     . ARG A 1 134 ? -5.543  -11.088 6.421   1.00 47.49 ? 181 ARG A C     1 
ATOM   1077 O O     . ARG A 1 134 ? -6.499  -10.996 7.191   1.00 47.92 ? 181 ARG A O     1 
ATOM   1078 C CB    . ARG A 1 134 ? -6.165  -11.253 4.002   1.00 46.94 ? 181 ARG A CB    1 
ATOM   1079 C CG    . ARG A 1 134 ? -7.630  -11.552 4.183   1.00 48.54 ? 181 ARG A CG    1 
ATOM   1080 C CD    . ARG A 1 134 ? -8.113  -12.536 3.126   1.00 51.72 ? 181 ARG A CD    1 
ATOM   1081 N NE    . ARG A 1 134 ? -8.379  -11.907 1.832   1.00 52.45 ? 181 ARG A NE    1 
ATOM   1082 C CZ    . ARG A 1 134 ? -9.395  -11.080 1.594   1.00 53.55 ? 181 ARG A CZ    1 
ATOM   1083 N NH1   . ARG A 1 134 ? -10.234 -10.744 2.571   1.00 53.55 ? 181 ARG A NH1   1 
ATOM   1084 N NH2   . ARG A 1 134 ? -9.560  -10.570 0.380   1.00 54.62 ? 181 ARG A NH2   1 
ATOM   1085 N N     . ASP A 1 135 ? -4.461  -11.813 6.680   1.00 48.31 ? 182 ASP A N     1 
ATOM   1086 C CA    . ASP A 1 135 ? -4.372  -12.683 7.847   1.00 49.36 ? 182 ASP A CA    1 
ATOM   1087 C C     . ASP A 1 135 ? -2.964  -12.660 8.428   1.00 49.80 ? 182 ASP A C     1 
ATOM   1088 O O     . ASP A 1 135 ? -2.013  -13.196 7.840   1.00 50.11 ? 182 ASP A O     1 
ATOM   1089 C CB    . ASP A 1 135 ? -4.803  -14.109 7.480   1.00 49.78 ? 182 ASP A CB    1 
ATOM   1090 C CG    . ASP A 1 135 ? -4.436  -15.145 8.547   1.00 51.28 ? 182 ASP A CG    1 
ATOM   1091 O OD1   . ASP A 1 135 ? -4.350  -14.802 9.761   1.00 51.99 ? 182 ASP A OD1   1 
ATOM   1092 O OD2   . ASP A 1 135 ? -4.241  -16.321 8.145   1.00 52.61 ? 182 ASP A OD2   1 
ATOM   1093 N N     . SER A 1 136 ? -2.859  -12.047 9.603   1.00 50.19 ? 183 SER A N     1 
ATOM   1094 C CA    . SER A 1 136 ? -1.587  -11.772 10.267  1.00 50.43 ? 183 SER A CA    1 
ATOM   1095 C C     . SER A 1 136 ? -0.890  -12.999 10.870  1.00 50.71 ? 183 SER A C     1 
ATOM   1096 O O     . SER A 1 136 ? 0.115   -12.857 11.572  1.00 50.83 ? 183 SER A O     1 
ATOM   1097 C CB    . SER A 1 136 ? -1.803  -10.717 11.354  1.00 50.45 ? 183 SER A CB    1 
ATOM   1098 O OG    . SER A 1 136 ? -2.967  -11.012 12.121  1.00 50.48 ? 183 SER A OG    1 
ATOM   1099 N N     . LEU A 1 137 ? -1.332  -14.183 10.519  1.00 50.89 ? 184 LEU A N     1 
ATOM   1100 C CA    . LEU A 1 137 ? -0.696  -15.351 11.065  1.00 51.21 ? 184 LEU A CA    1 
ATOM   1101 C C     . LEU A 1 137 ? -0.006  -16.269 10.051  1.00 51.53 ? 184 LEU A C     1 
ATOM   1102 O O     . LEU A 1 137 ? 0.656   -17.187 10.431  1.00 51.43 ? 184 LEU A O     1 
ATOM   1103 C CB    . LEU A 1 137 ? -1.726  -16.134 11.849  1.00 51.19 ? 184 LEU A CB    1 
ATOM   1104 C CG    . LEU A 1 137 ? -2.080  -15.821 13.296  1.00 51.03 ? 184 LEU A CG    1 
ATOM   1105 C CD1   . LEU A 1 137 ? -2.347  -17.148 13.861  1.00 50.46 ? 184 LEU A CD1   1 
ATOM   1106 C CD2   . LEU A 1 137 ? -1.031  -15.075 14.108  1.00 48.29 ? 184 LEU A CD2   1 
ATOM   1107 N N     . LYS A 1 138 ? -0.195  -16.049 8.767   1.00 51.93 ? 185 LYS A N     1 
ATOM   1108 C CA    . LYS A 1 138 ? 0.406   -16.895 7.771   1.00 52.05 ? 185 LYS A CA    1 
ATOM   1109 C C     . LYS A 1 138 ? 1.738   -16.328 7.469   1.00 52.25 ? 185 LYS A C     1 
ATOM   1110 O O     . LYS A 1 138 ? 1.873   -15.552 6.571   1.00 52.26 ? 185 LYS A O     1 
ATOM   1111 C CB    . LYS A 1 138 ? -0.431  -16.890 6.513   1.00 51.96 ? 185 LYS A CB    1 
ATOM   1112 N N     . ASP A 1 139 ? 2.731   -16.727 8.234   1.00 52.41 ? 186 ASP A N     1 
ATOM   1113 C CA    . ASP A 1 139 ? 3.993   -16.042 8.313   1.00 52.50 ? 186 ASP A CA    1 
ATOM   1114 C C     . ASP A 1 139 ? 4.762   -16.499 7.144   1.00 52.11 ? 186 ASP A C     1 
ATOM   1115 O O     . ASP A 1 139 ? 5.635   -15.802 6.705   1.00 51.92 ? 186 ASP A O     1 
ATOM   1116 C CB    . ASP A 1 139 ? 4.184   -17.001 9.467   1.00 52.83 ? 186 ASP A CB    1 
ATOM   1117 C CG    . ASP A 1 139 ? 4.101   -16.319 10.809  1.00 53.85 ? 186 ASP A CG    1 
ATOM   1118 O OD1   . ASP A 1 139 ? 4.265   -17.001 11.814  1.00 54.47 ? 186 ASP A OD1   1 
ATOM   1119 O OD2   . ASP A 1 139 ? 3.846   -15.116 10.877  1.00 54.54 ? 186 ASP A OD2   1 
ATOM   1120 N N     . ASP A 1 140 ? 4.461   -17.666 6.603   1.00 51.84 ? 187 ASP A N     1 
ATOM   1121 C CA    . ASP A 1 140 ? 5.107   -17.932 5.320   1.00 51.60 ? 187 ASP A CA    1 
ATOM   1122 C C     . ASP A 1 140 ? 4.701   -16.844 4.321   1.00 51.05 ? 187 ASP A C     1 
ATOM   1123 O O     . ASP A 1 140 ? 5.556   -16.121 3.784   1.00 50.84 ? 187 ASP A O     1 
ATOM   1124 C CB    . ASP A 1 140 ? 4.705   -19.316 4.780   1.00 51.97 ? 187 ASP A CB    1 
ATOM   1125 C CG    . ASP A 1 140 ? 4.996   -20.455 5.766   1.00 53.19 ? 187 ASP A CG    1 
ATOM   1126 O OD1   . ASP A 1 140 ? 5.957   -20.322 6.573   1.00 53.82 ? 187 ASP A OD1   1 
ATOM   1127 O OD2   . ASP A 1 140 ? 4.263   -21.488 5.716   1.00 52.70 ? 187 ASP A OD2   1 
ATOM   1128 N N     . VAL A 1 141 ? 3.386   -16.731 4.111   1.00 50.40 ? 188 VAL A N     1 
ATOM   1129 C CA    . VAL A 1 141 ? 2.783   -15.790 3.154   1.00 49.77 ? 188 VAL A CA    1 
ATOM   1130 C C     . VAL A 1 141 ? 3.183   -14.329 3.419   1.00 49.28 ? 188 VAL A C     1 
ATOM   1131 O O     . VAL A 1 141 ? 3.507   -13.585 2.481   1.00 49.41 ? 188 VAL A O     1 
ATOM   1132 C CB    . VAL A 1 141 ? 1.236   -15.943 3.108   1.00 49.81 ? 188 VAL A CB    1 
ATOM   1133 C CG1   . VAL A 1 141 ? 0.634   -15.021 2.069   1.00 49.49 ? 188 VAL A CG1   1 
ATOM   1134 C CG2   . VAL A 1 141 ? 0.851   -17.394 2.809   1.00 49.51 ? 188 VAL A CG2   1 
ATOM   1135 N N     . ASN A 1 142 ? 3.179   -13.934 4.689   1.00 48.29 ? 189 ASN A N     1 
ATOM   1136 C CA    . ASN A 1 142 ? 3.660   -12.608 5.074   1.00 47.54 ? 189 ASN A CA    1 
ATOM   1137 C C     . ASN A 1 142 ? 5.165   -12.382 4.777   1.00 46.74 ? 189 ASN A C     1 
ATOM   1138 O O     . ASN A 1 142 ? 5.513   -11.416 4.109   1.00 46.56 ? 189 ASN A O     1 
ATOM   1139 C CB    . ASN A 1 142 ? 3.309   -12.299 6.542   1.00 47.71 ? 189 ASN A CB    1 
ATOM   1140 C CG    . ASN A 1 142 ? 1.809   -12.064 6.764   1.00 47.97 ? 189 ASN A CG    1 
ATOM   1141 O OD1   . ASN A 1 142 ? 1.133   -11.400 5.967   1.00 48.54 ? 189 ASN A OD1   1 
ATOM   1142 N ND2   . ASN A 1 142 ? 1.286   -12.608 7.857   1.00 47.87 ? 189 ASN A ND2   1 
ATOM   1143 N N     . LEU A 1 143 ? 6.038   -13.274 5.252   1.00 45.83 ? 190 LEU A N     1 
ATOM   1144 C CA    . LEU A 1 143 ? 7.474   -13.184 4.973   1.00 44.99 ? 190 LEU A CA    1 
ATOM   1145 C C     . LEU A 1 143 ? 7.748   -13.063 3.475   1.00 44.62 ? 190 LEU A C     1 
ATOM   1146 O O     . LEU A 1 143 ? 8.540   -12.216 3.052   1.00 44.44 ? 190 LEU A O     1 
ATOM   1147 C CB    . LEU A 1 143 ? 8.222   -14.407 5.518   1.00 45.03 ? 190 LEU A CB    1 
ATOM   1148 C CG    . LEU A 1 143 ? 9.750   -14.439 5.810   1.00 44.86 ? 190 LEU A CG    1 
ATOM   1149 C CD1   . LEU A 1 143 ? 10.404  -15.635 5.127   1.00 43.53 ? 190 LEU A CD1   1 
ATOM   1150 C CD2   . LEU A 1 143 ? 10.544  -13.173 5.458   1.00 45.01 ? 190 LEU A CD2   1 
ATOM   1151 N N     . ARG A 1 144 ? 7.094   -13.909 2.678   1.00 44.12 ? 191 ARG A N     1 
ATOM   1152 C CA    . ARG A 1 144 ? 7.314   -13.905 1.235   1.00 43.45 ? 191 ARG A CA    1 
ATOM   1153 C C     . ARG A 1 144 ? 6.935   -12.561 0.611   1.00 43.38 ? 191 ARG A C     1 
ATOM   1154 O O     . ARG A 1 144 ? 7.709   -11.991 -0.178  1.00 43.19 ? 191 ARG A O     1 
ATOM   1155 C CB    . ARG A 1 144 ? 6.581   -15.060 0.548   1.00 43.15 ? 191 ARG A CB    1 
ATOM   1156 C CG    . ARG A 1 144 ? 7.004   -15.269 -0.913  1.00 42.41 ? 191 ARG A CG    1 
ATOM   1157 C CD    . ARG A 1 144 ? 8.527   -15.192 -1.086  1.00 41.14 ? 191 ARG A CD    1 
ATOM   1158 N NE    . ARG A 1 144 ? 8.944   -15.186 -2.488  1.00 40.70 ? 191 ARG A NE    1 
ATOM   1159 C CZ    . ARG A 1 144 ? 10.038  -14.580 -2.950  1.00 40.33 ? 191 ARG A CZ    1 
ATOM   1160 N NH1   . ARG A 1 144 ? 10.836  -13.907 -2.134  1.00 39.04 ? 191 ARG A NH1   1 
ATOM   1161 N NH2   . ARG A 1 144 ? 10.332  -14.636 -4.240  1.00 41.02 ? 191 ARG A NH2   1 
ATOM   1162 N N     . ILE A 1 145 ? 5.756   -12.053 0.979   1.00 43.00 ? 192 ILE A N     1 
ATOM   1163 C CA    . ILE A 1 145 ? 5.335   -10.701 0.573   1.00 42.35 ? 192 ILE A CA    1 
ATOM   1164 C C     . ILE A 1 145 ? 6.400   -9.634  0.901   1.00 42.08 ? 192 ILE A C     1 
ATOM   1165 O O     . ILE A 1 145 ? 6.773   -8.835  0.037   1.00 42.03 ? 192 ILE A O     1 
ATOM   1166 C CB    . ILE A 1 145 ? 3.976   -10.319 1.191   1.00 42.16 ? 192 ILE A CB    1 
ATOM   1167 C CG1   . ILE A 1 145 ? 2.862   -11.186 0.587   1.00 42.07 ? 192 ILE A CG1   1 
ATOM   1168 C CG2   . ILE A 1 145 ? 3.698   -8.832  0.992   1.00 41.57 ? 192 ILE A CG2   1 
ATOM   1169 C CD1   . ILE A 1 145 ? 1.541   -11.148 1.358   1.00 41.93 ? 192 ILE A CD1   1 
ATOM   1170 N N     . GLY A 1 146 ? 6.897   -9.651  2.138   1.00 41.74 ? 193 GLY A N     1 
ATOM   1171 C CA    . GLY A 1 146 ? 7.860   -8.666  2.614   1.00 41.20 ? 193 GLY A CA    1 
ATOM   1172 C C     . GLY A 1 146 ? 9.151   -8.717  1.830   1.00 41.00 ? 193 GLY A C     1 
ATOM   1173 O O     . GLY A 1 146 ? 9.748   -7.682  1.531   1.00 40.84 ? 193 GLY A O     1 
ATOM   1174 N N     . GLN A 1 147 ? 9.586   -9.924  1.493   1.00 41.01 ? 194 GLN A N     1 
ATOM   1175 C CA    . GLN A 1 147 ? 10.783  -10.093 0.667   1.00 41.15 ? 194 GLN A CA    1 
ATOM   1176 C C     . GLN A 1 147 ? 10.605  -9.414  -0.695  1.00 41.01 ? 194 GLN A C     1 
ATOM   1177 O O     . GLN A 1 147 ? 11.507  -8.717  -1.177  1.00 41.07 ? 194 GLN A O     1 
ATOM   1178 C CB    . GLN A 1 147 ? 11.136  -11.574 0.516   1.00 41.07 ? 194 GLN A CB    1 
ATOM   1179 C CG    . GLN A 1 147 ? 11.613  -12.206 1.820   1.00 42.05 ? 194 GLN A CG    1 
ATOM   1180 C CD    . GLN A 1 147 ? 11.765  -13.716 1.735   1.00 43.16 ? 194 GLN A CD    1 
ATOM   1181 O OE1   . GLN A 1 147 ? 11.145  -14.378 0.893   1.00 43.18 ? 194 GLN A OE1   1 
ATOM   1182 N NE2   . GLN A 1 147 ? 12.589  -14.273 2.625   1.00 42.94 ? 194 GLN A NE2   1 
ATOM   1183 N N     . ILE A 1 148 ? 9.422   -9.602  -1.283  1.00 40.81 ? 195 ILE A N     1 
ATOM   1184 C CA    . ILE A 1 148 ? 9.051   -8.984  -2.551  1.00 40.28 ? 195 ILE A CA    1 
ATOM   1185 C C     . ILE A 1 148 ? 8.889   -7.453  -2.409  1.00 40.34 ? 195 ILE A C     1 
ATOM   1186 O O     . ILE A 1 148 ? 9.403   -6.695  -3.244  1.00 40.44 ? 195 ILE A O     1 
ATOM   1187 C CB    . ILE A 1 148 ? 7.804   -9.688  -3.168  1.00 40.09 ? 195 ILE A CB    1 
ATOM   1188 C CG1   . ILE A 1 148 ? 8.186   -11.103 -3.624  1.00 39.54 ? 195 ILE A CG1   1 
ATOM   1189 C CG2   . ILE A 1 148 ? 7.199   -8.868  -4.326  1.00 39.29 ? 195 ILE A CG2   1 
ATOM   1190 C CD1   . ILE A 1 148 ? 7.010   -12.022 -3.972  1.00 38.92 ? 195 ILE A CD1   1 
ATOM   1191 N N     . LEU A 1 149 ? 8.205   -7.004  -1.354  1.00 40.09 ? 196 LEU A N     1 
ATOM   1192 C CA    . LEU A 1 149 ? 8.082   -5.565  -1.063  1.00 39.94 ? 196 LEU A CA    1 
ATOM   1193 C C     . LEU A 1 149 ? 9.465   -4.915  -1.019  1.00 40.34 ? 196 LEU A C     1 
ATOM   1194 O O     . LEU A 1 149 ? 9.677   -3.873  -1.627  1.00 40.40 ? 196 LEU A O     1 
ATOM   1195 C CB    . LEU A 1 149 ? 7.385   -5.329  0.277   1.00 39.62 ? 196 LEU A CB    1 
ATOM   1196 C CG    . LEU A 1 149 ? 6.376   -4.192  0.456   1.00 38.57 ? 196 LEU A CG    1 
ATOM   1197 C CD1   . LEU A 1 149 ? 6.439   -3.668  1.855   1.00 38.01 ? 196 LEU A CD1   1 
ATOM   1198 C CD2   . LEU A 1 149 ? 6.609   -3.075  -0.497  1.00 37.91 ? 196 LEU A CD2   1 
ATOM   1199 N N     . LYS A 1 150 ? 10.395  -5.546  -0.295  1.00 40.77 ? 197 LYS A N     1 
ATOM   1200 C CA    . LYS A 1 150 ? 11.785  -5.089  -0.186  1.00 40.96 ? 197 LYS A CA    1 
ATOM   1201 C C     . LYS A 1 150 ? 12.496  -5.044  -1.548  1.00 41.16 ? 197 LYS A C     1 
ATOM   1202 O O     . LYS A 1 150 ? 13.210  -4.081  -1.848  1.00 41.04 ? 197 LYS A O     1 
ATOM   1203 C CB    . LYS A 1 150 ? 12.559  -5.972  0.799   1.00 41.04 ? 197 LYS A CB    1 
ATOM   1204 C CG    . LYS A 1 150 ? 13.918  -5.413  1.199   1.00 41.01 ? 197 LYS A CG    1 
ATOM   1205 C CD    . LYS A 1 150 ? 14.684  -6.371  2.101   1.00 41.09 ? 197 LYS A CD    1 
ATOM   1206 C CE    . LYS A 1 150 ? 16.128  -5.910  2.295   1.00 41.74 ? 197 LYS A CE    1 
ATOM   1207 N NZ    . LYS A 1 150 ? 16.257  -4.654  3.104   1.00 42.35 ? 197 LYS A NZ    1 
ATOM   1208 N N     . ALA A 1 151 ? 12.300  -6.087  -2.359  1.00 41.28 ? 198 ALA A N     1 
ATOM   1209 C CA    . ALA A 1 151 ? 12.829  -6.124  -3.718  1.00 41.52 ? 198 ALA A CA    1 
ATOM   1210 C C     . ALA A 1 151 ? 12.204  -5.007  -4.556  1.00 42.06 ? 198 ALA A C     1 
ATOM   1211 O O     . ALA A 1 151 ? 12.912  -4.118  -5.061  1.00 42.32 ? 198 ALA A O     1 
ATOM   1212 C CB    . ALA A 1 151 ? 12.581  -7.480  -4.358  1.00 41.28 ? 198 ALA A CB    1 
ATOM   1213 N N     . LYS A 1 152 ? 10.879  -5.031  -4.685  1.00 42.25 ? 199 LYS A N     1 
ATOM   1214 C CA    . LYS A 1 152 ? 10.197  -4.043  -5.508  1.00 42.42 ? 199 LYS A CA    1 
ATOM   1215 C C     . LYS A 1 152 ? 10.620  -2.619  -5.147  1.00 42.67 ? 199 LYS A C     1 
ATOM   1216 O O     . LYS A 1 152 ? 10.972  -1.831  -6.022  1.00 42.93 ? 199 LYS A O     1 
ATOM   1217 C CB    . LYS A 1 152 ? 8.675   -4.213  -5.450  1.00 42.27 ? 199 LYS A CB    1 
ATOM   1218 C CG    . LYS A 1 152 ? 8.146   -5.476  -6.157  1.00 42.04 ? 199 LYS A CG    1 
ATOM   1219 C CD    . LYS A 1 152 ? 8.362   -5.489  -7.678  1.00 40.05 ? 199 LYS A CD    1 
ATOM   1220 C CE    . LYS A 1 152 ? 8.081   -6.881  -8.237  1.00 39.72 ? 199 LYS A CE    1 
ATOM   1221 N NZ    . LYS A 1 152 ? 7.852   -6.898  -9.710  1.00 40.12 ? 199 LYS A NZ    1 
ATOM   1222 N N     . LEU A 1 153 ? 10.631  -2.299  -3.861  1.00 43.03 ? 200 LEU A N     1 
ATOM   1223 C CA    . LEU A 1 153 ? 10.949  -0.936  -3.452  1.00 43.27 ? 200 LEU A CA    1 
ATOM   1224 C C     . LEU A 1 153 ? 12.443  -0.702  -3.275  1.00 44.09 ? 200 LEU A C     1 
ATOM   1225 O O     . LEU A 1 153 ? 12.855  0.423   -2.978  1.00 44.65 ? 200 LEU A O     1 
ATOM   1226 C CB    . LEU A 1 153 ? 10.187  -0.534  -2.185  1.00 42.65 ? 200 LEU A CB    1 
ATOM   1227 C CG    . LEU A 1 153 ? 8.668   -0.640  -2.130  1.00 41.12 ? 200 LEU A CG    1 
ATOM   1228 C CD1   . LEU A 1 153 ? 8.166   0.420   -1.197  1.00 40.72 ? 200 LEU A CD1   1 
ATOM   1229 C CD2   . LEU A 1 153 ? 7.994   -0.515  -3.481  1.00 39.40 ? 200 LEU A CD2   1 
ATOM   1230 N N     . GLU A 1 154 ? 13.254  -1.747  -3.464  1.00 44.78 ? 201 GLU A N     1 
ATOM   1231 C CA    . GLU A 1 154 ? 14.718  -1.657  -3.298  1.00 45.42 ? 201 GLU A CA    1 
ATOM   1232 C C     . GLU A 1 154 ? 15.101  -1.040  -1.955  1.00 45.49 ? 201 GLU A C     1 
ATOM   1233 O O     . GLU A 1 154 ? 15.980  -0.196  -1.891  1.00 45.14 ? 201 GLU A O     1 
ATOM   1234 C CB    . GLU A 1 154 ? 15.382  -0.864  -4.439  1.00 45.40 ? 201 GLU A CB    1 
ATOM   1235 C CG    . GLU A 1 154 ? 14.991  -1.300  -5.845  1.00 47.32 ? 201 GLU A CG    1 
ATOM   1236 C CD    . GLU A 1 154 ? 15.746  -0.547  -6.953  1.00 49.93 ? 201 GLU A CD    1 
ATOM   1237 O OE1   . GLU A 1 154 ? 16.981  -0.357  -6.836  1.00 50.07 ? 201 GLU A OE1   1 
ATOM   1238 O OE2   . GLU A 1 154 ? 15.102  -0.162  -7.959  1.00 51.40 ? 201 GLU A OE2   1 
ATOM   1239 N N     . ILE A 1 155 ? 14.431  -1.459  -0.889  1.00 46.22 ? 202 ILE A N     1 
ATOM   1240 C CA    . ILE A 1 155 ? 14.757  -0.992  0.447   0.50 47.18 ? 202 ILE A CA    1 
ATOM   1241 C C     . ILE A 1 155 ? 16.024  -1.731  0.904   1.00 48.50 ? 202 ILE A C     1 
ATOM   1242 O O     . ILE A 1 155 ? 16.040  -2.965  0.911   1.00 48.45 ? 202 ILE A O     1 
ATOM   1243 C CB    . ILE A 1 155 ? 13.570  -1.202  1.417   0.50 46.80 ? 202 ILE A CB    1 
ATOM   1244 C CG1   . ILE A 1 155 ? 12.269  -0.765  0.743   0.50 46.39 ? 202 ILE A CG1   1 
ATOM   1245 C CG2   . ILE A 1 155 ? 13.765  -0.407  2.687   0.50 46.07 ? 202 ILE A CG2   1 
ATOM   1246 C CD1   . ILE A 1 155 ? 11.022  -1.133  1.485   0.50 45.62 ? 202 ILE A CD1   1 
ATOM   1247 N N     . PRO A 1 156 ? 17.103  -0.975  1.247   1.00 49.90 ? 203 PRO A N     1 
ATOM   1248 C CA    . PRO A 1 156 ? 18.380  -1.575  1.699   1.00 50.83 ? 203 PRO A CA    1 
ATOM   1249 C C     . PRO A 1 156 ? 18.278  -2.224  3.084   1.00 51.68 ? 203 PRO A C     1 
ATOM   1250 O O     . PRO A 1 156 ? 17.314  -1.959  3.815   1.00 51.60 ? 203 PRO A O     1 
ATOM   1251 C CB    . PRO A 1 156 ? 19.344  -0.379  1.741   1.00 50.87 ? 203 PRO A CB    1 
ATOM   1252 C CG    . PRO A 1 156 ? 18.650  0.725   0.962   1.00 50.53 ? 203 PRO A CG    1 
ATOM   1253 C CD    . PRO A 1 156 ? 17.198  0.499   1.197   1.00 49.80 ? 203 PRO A CD    1 
ATOM   1254 N N     . ASP A 1 157 ? 19.264  -3.061  3.424   1.00 52.51 ? 204 ASP A N     1 
ATOM   1255 C CA    . ASP A 1 157 ? 19.245  -3.864  4.656   1.00 53.32 ? 204 ASP A CA    1 
ATOM   1256 C C     . ASP A 1 157 ? 19.411  -3.054  5.932   1.00 53.76 ? 204 ASP A C     1 
ATOM   1257 O O     . ASP A 1 157 ? 19.123  -3.541  7.035   1.00 53.84 ? 204 ASP A O     1 
ATOM   1258 C CB    . ASP A 1 157 ? 20.322  -4.939  4.600   1.00 53.44 ? 204 ASP A CB    1 
ATOM   1259 C CG    . ASP A 1 157 ? 19.898  -6.132  3.788   1.00 55.06 ? 204 ASP A CG    1 
ATOM   1260 O OD1   . ASP A 1 157 ? 18.683  -6.444  3.792   1.00 57.13 ? 204 ASP A OD1   1 
ATOM   1261 O OD2   . ASP A 1 157 ? 20.769  -6.756  3.142   1.00 55.99 ? 204 ASP A OD2   1 
ATOM   1262 N N     . THR A 1 158 ? 19.876  -1.817  5.776   1.00 54.13 ? 205 THR A N     1 
ATOM   1263 C CA    . THR A 1 158 ? 20.100  -0.930  6.911   1.00 54.58 ? 205 THR A CA    1 
ATOM   1264 C C     . THR A 1 158 ? 18.837  -0.130  7.324   1.00 54.54 ? 205 THR A C     1 
ATOM   1265 O O     . THR A 1 158 ? 18.796  0.457   8.409   1.00 54.58 ? 205 THR A O     1 
ATOM   1266 C CB    . THR A 1 158 ? 21.355  -0.040  6.683   1.00 54.81 ? 205 THR A CB    1 
ATOM   1267 O OG1   . THR A 1 158 ? 21.343  0.485   5.345   1.00 55.38 ? 205 THR A OG1   1 
ATOM   1268 C CG2   . THR A 1 158 ? 22.624  -0.884  6.874   1.00 54.78 ? 205 THR A CG2   1 
ATOM   1269 N N     . GLU A 1 159 ? 17.816  -0.119  6.464   1.00 54.32 ? 206 GLU A N     1 
ATOM   1270 C CA    . GLU A 1 159 ? 16.488  0.380   6.832   1.00 54.00 ? 206 GLU A CA    1 
ATOM   1271 C C     . GLU A 1 159 ? 15.491  -0.801  6.921   1.00 53.96 ? 206 GLU A C     1 
ATOM   1272 O O     . GLU A 1 159 ? 14.874  -1.185  5.927   1.00 54.03 ? 206 GLU A O     1 
ATOM   1273 C CB    . GLU A 1 159 ? 16.012  1.468   5.859   1.00 53.66 ? 206 GLU A CB    1 
ATOM   1274 N N     . PRO A 1 160 ? 15.329  -1.380  8.126   1.00 53.83 ? 207 PRO A N     1 
ATOM   1275 C CA    . PRO A 1 160 ? 14.543  -2.600  8.259   1.00 53.56 ? 207 PRO A CA    1 
ATOM   1276 C C     . PRO A 1 160 ? 13.047  -2.350  8.155   1.00 53.18 ? 207 PRO A C     1 
ATOM   1277 O O     . PRO A 1 160 ? 12.533  -1.454  8.827   1.00 53.37 ? 207 PRO A O     1 
ATOM   1278 C CB    . PRO A 1 160 ? 14.875  -3.068  9.680   1.00 53.55 ? 207 PRO A CB    1 
ATOM   1279 C CG    . PRO A 1 160 ? 15.076  -1.799  10.434  1.00 53.83 ? 207 PRO A CG    1 
ATOM   1280 C CD    . PRO A 1 160 ? 15.714  -0.834  9.443   1.00 54.00 ? 207 PRO A CD    1 
ATOM   1281 N N     . ILE A 1 161 ? 12.363  -3.147  7.329   1.00 52.65 ? 208 ILE A N     1 
ATOM   1282 C CA    . ILE A 1 161 ? 10.889  -3.178  7.295   1.00 51.69 ? 208 ILE A CA    1 
ATOM   1283 C C     . ILE A 1 161 ? 10.313  -4.240  8.231   1.00 51.40 ? 208 ILE A C     1 
ATOM   1284 O O     . ILE A 1 161 ? 10.949  -5.269  8.522   1.00 51.00 ? 208 ILE A O     1 
ATOM   1285 C CB    . ILE A 1 161 ? 10.310  -3.339  5.874   1.00 51.56 ? 208 ILE A CB    1 
ATOM   1286 C CG1   . ILE A 1 161 ? 10.713  -4.690  5.272   1.00 51.00 ? 208 ILE A CG1   1 
ATOM   1287 C CG2   . ILE A 1 161 ? 10.738  -2.159  5.008   1.00 51.74 ? 208 ILE A CG2   1 
ATOM   1288 C CD1   . ILE A 1 161 ? 9.836   -5.160  4.160   1.00 50.37 ? 208 ILE A CD1   1 
ATOM   1289 N N     . ARG A 1 162 ? 9.103   -3.966  8.701   1.00 51.00 ? 209 ARG A N     1 
ATOM   1290 C CA    . ARG A 1 162 ? 8.478   -4.793  9.702   1.00 50.87 ? 209 ARG A CA    1 
ATOM   1291 C C     . ARG A 1 162 ? 7.018   -5.063  9.419   1.00 50.39 ? 209 ARG A C     1 
ATOM   1292 O O     . ARG A 1 162 ? 6.295   -4.222  8.904   1.00 50.14 ? 209 ARG A O     1 
ATOM   1293 C CB    . ARG A 1 162 ? 8.661   -4.204  11.109  1.00 51.34 ? 209 ARG A CB    1 
ATOM   1294 C CG    . ARG A 1 162 ? 9.044   -2.724  11.187  1.00 52.95 ? 209 ARG A CG    1 
ATOM   1295 C CD    . ARG A 1 162 ? 9.174   -2.296  12.636  1.00 55.82 ? 209 ARG A CD    1 
ATOM   1296 N NE    . ARG A 1 162 ? 7.879   -1.905  13.202  1.00 59.44 ? 209 ARG A NE    1 
ATOM   1297 C CZ    . ARG A 1 162 ? 7.549   -0.657  13.566  1.00 61.36 ? 209 ARG A CZ    1 
ATOM   1298 N NH1   . ARG A 1 162 ? 8.420   0.347   13.435  1.00 61.53 ? 209 ARG A NH1   1 
ATOM   1299 N NH2   . ARG A 1 162 ? 6.341   -0.404  14.070  1.00 61.17 ? 209 ARG A NH2   1 
ATOM   1300 N N     . TYR A 1 163 ? 6.607   -6.274  9.743   1.00 50.40 ? 210 TYR A N     1 
ATOM   1301 C CA    . TYR A 1 163 ? 5.217   -6.648  9.705   1.00 50.53 ? 210 TYR A CA    1 
ATOM   1302 C C     . TYR A 1 163 ? 4.718   -6.545  11.135  1.00 50.49 ? 210 TYR A C     1 
ATOM   1303 O O     . TYR A 1 163 ? 5.478   -6.809  12.064  1.00 50.35 ? 210 TYR A O     1 
ATOM   1304 C CB    . TYR A 1 163 ? 5.061   -8.080  9.173   1.00 50.38 ? 210 TYR A CB    1 
ATOM   1305 C CG    . TYR A 1 163 ? 3.615   -8.490  8.953   1.00 50.85 ? 210 TYR A CG    1 
ATOM   1306 C CD1   . TYR A 1 163 ? 2.974   -8.231  7.739   1.00 50.86 ? 210 TYR A CD1   1 
ATOM   1307 C CD2   . TYR A 1 163 ? 2.883   -9.123  9.960   1.00 50.26 ? 210 TYR A CD2   1 
ATOM   1308 C CE1   . TYR A 1 163 ? 1.656   -8.590  7.539   1.00 50.00 ? 210 TYR A CE1   1 
ATOM   1309 C CE2   . TYR A 1 163 ? 1.565   -9.483  9.764   1.00 49.81 ? 210 TYR A CE2   1 
ATOM   1310 C CZ    . TYR A 1 163 ? 0.965   -9.214  8.552   1.00 50.18 ? 210 TYR A CZ    1 
ATOM   1311 O OH    . TYR A 1 163 ? -0.339  -9.574  8.347   1.00 51.33 ? 210 TYR A OH    1 
ATOM   1312 N N     . GLU A 1 164 ? 3.463   -6.137  11.313  1.00 50.61 ? 211 GLU A N     1 
ATOM   1313 C CA    . GLU A 1 164 ? 2.847   -6.068  12.644  1.00 50.93 ? 211 GLU A CA    1 
ATOM   1314 C C     . GLU A 1 164 ? 1.357   -6.268  12.542  1.00 51.30 ? 211 GLU A C     1 
ATOM   1315 O O     . GLU A 1 164 ? 0.773   -6.033  11.488  1.00 51.31 ? 211 GLU A O     1 
ATOM   1316 C CB    . GLU A 1 164 ? 3.129   -4.731  13.322  1.00 50.57 ? 211 GLU A CB    1 
ATOM   1317 C CG    . GLU A 1 164 ? 2.927   -3.565  12.403  1.00 51.03 ? 211 GLU A CG    1 
ATOM   1318 C CD    . GLU A 1 164 ? 3.297   -2.266  13.037  1.00 50.81 ? 211 GLU A CD    1 
ATOM   1319 O OE1   . GLU A 1 164 ? 2.562   -1.875  13.962  1.00 51.31 ? 211 GLU A OE1   1 
ATOM   1320 O OE2   . GLU A 1 164 ? 4.297   -1.640  12.604  1.00 49.38 ? 211 GLU A OE2   1 
ATOM   1321 N N     . VAL A 1 165 ? 0.751   -6.688  13.652  1.00 52.01 ? 212 VAL A N     1 
ATOM   1322 C CA    . VAL A 1 165 ? -0.694  -6.968  13.724  1.00 52.62 ? 212 VAL A CA    1 
ATOM   1323 C C     . VAL A 1 165 ? -1.522  -5.665  13.671  1.00 52.81 ? 212 VAL A C     1 
ATOM   1324 O O     . VAL A 1 165 ? -0.966  -4.574  13.814  1.00 52.96 ? 212 VAL A O     1 
ATOM   1325 C CB    . VAL A 1 165 ? -1.030  -7.815  14.990  1.00 52.61 ? 212 VAL A CB    1 
ATOM   1326 C CG1   . VAL A 1 165 ? -2.332  -8.583  14.802  1.00 52.74 ? 212 VAL A CG1   1 
ATOM   1327 C CG2   . VAL A 1 165 ? 0.097   -8.801  15.299  1.00 52.71 ? 212 VAL A CG2   1 
ATOM   1328 N N     . HIS A 1 166 ? -2.831  -5.764  13.436  1.00 53.05 ? 213 HIS A N     1 
ATOM   1329 C CA    . HIS A 1 166 ? -3.672  -4.566  13.449  1.00 53.55 ? 213 HIS A CA    1 
ATOM   1330 C C     . HIS A 1 166 ? -4.157  -4.247  14.868  1.00 53.74 ? 213 HIS A C     1 
ATOM   1331 O O     . HIS A 1 166 ? -3.833  -3.190  15.432  1.00 53.88 ? 213 HIS A O     1 
ATOM   1332 C CB    . HIS A 1 166 ? -4.859  -4.673  12.468  1.00 53.75 ? 213 HIS A CB    1 
ATOM   1333 C CG    . HIS A 1 166 ? -4.515  -4.336  11.040  1.00 54.41 ? 213 HIS A CG    1 
ATOM   1334 N ND1   . HIS A 1 166 ? -5.037  -5.029  9.963   1.00 54.72 ? 213 HIS A ND1   1 
ATOM   1335 C CD2   . HIS A 1 166 ? -3.705  -3.385  10.512  1.00 54.39 ? 213 HIS A CD2   1 
ATOM   1336 C CE1   . HIS A 1 166 ? -4.563  -4.523  8.839   1.00 54.28 ? 213 HIS A CE1   1 
ATOM   1337 N NE2   . HIS A 1 166 ? -3.750  -3.526  9.143   1.00 54.17 ? 213 HIS A NE2   1 
ATOM   1338 N N     . THR A 1 173 ? -4.477  -1.798  25.912  1.00 63.92 ? 220 THR A N     1 
ATOM   1339 C CA    . THR A 1 173 ? -3.660  -2.786  25.227  1.00 63.95 ? 220 THR A CA    1 
ATOM   1340 C C     . THR A 1 173 ? -2.902  -3.681  26.202  1.00 63.81 ? 220 THR A C     1 
ATOM   1341 O O     . THR A 1 173 ? -2.890  -4.900  26.051  1.00 63.89 ? 220 THR A O     1 
ATOM   1342 C CB    . THR A 1 173 ? -2.708  -2.104  24.302  1.00 63.93 ? 220 THR A CB    1 
ATOM   1343 N N     . GLY A 1 174 ? -2.263  -3.061  27.190  1.00 63.40 ? 221 GLY A N     1 
ATOM   1344 C CA    . GLY A 1 174 ? -1.542  -3.768  28.234  1.00 62.43 ? 221 GLY A CA    1 
ATOM   1345 C C     . GLY A 1 174 ? -0.048  -3.607  28.132  1.00 61.74 ? 221 GLY A C     1 
ATOM   1346 O O     . GLY A 1 174 ? 0.631   -3.251  29.069  1.00 61.41 ? 221 GLY A O     1 
ATOM   1347 N N     . SER A 1 175 ? 0.448   -3.884  26.946  1.00 61.14 ? 222 SER A N     1 
ATOM   1348 C CA    . SER A 1 175 ? 1.854   -3.787  26.624  1.00 60.23 ? 222 SER A CA    1 
ATOM   1349 C C     . SER A 1 175 ? 2.008   -3.220  25.233  1.00 59.54 ? 222 SER A C     1 
ATOM   1350 O O     . SER A 1 175 ? 1.103   -3.267  24.430  1.00 59.70 ? 222 SER A O     1 
ATOM   1351 C CB    . SER A 1 175 ? 2.452   -5.168  26.635  1.00 60.07 ? 222 SER A CB    1 
ATOM   1352 O OG    . SER A 1 175 ? 3.817   -5.114  26.885  1.00 59.63 ? 222 SER A OG    1 
ATOM   1353 N N     . MET A 1 176 ? 3.165   -2.675  24.944  1.00 58.40 ? 223 MET A N     1 
ATOM   1354 C CA    . MET A 1 176 ? 3.505   -2.305  23.565  1.00 57.25 ? 223 MET A CA    1 
ATOM   1355 C C     . MET A 1 176 ? 3.681   -3.594  22.774  1.00 56.54 ? 223 MET A C     1 
ATOM   1356 O O     . MET A 1 176 ? 4.491   -4.459  23.148  1.00 56.46 ? 223 MET A O     1 
ATOM   1357 C CB    . MET A 1 176 ? 4.788   -1.466  23.500  1.00 57.24 ? 223 MET A CB    1 
ATOM   1358 C CG    . MET A 1 176 ? 4.991   -0.738  22.174  1.00 56.42 ? 223 MET A CG    1 
ATOM   1359 S SD    . MET A 1 176 ? 6.723   -0.408  21.818  1.00 55.82 ? 223 MET A SD    1 
ATOM   1360 C CE    . MET A 1 176 ? 6.614   0.650   20.373  1.00 54.80 ? 223 MET A CE    1 
ATOM   1361 N N     . VAL A 1 177 ? 2.909   -3.729  21.698  1.00 55.44 ? 224 VAL A N     1 
ATOM   1362 C CA    . VAL A 1 177 ? 2.932   -4.961  20.902  1.00 54.52 ? 224 VAL A CA    1 
ATOM   1363 C C     . VAL A 1 177 ? 4.070   -4.974  19.874  1.00 53.58 ? 224 VAL A C     1 
ATOM   1364 O O     . VAL A 1 177 ? 4.067   -4.202  18.902  1.00 53.37 ? 224 VAL A O     1 
ATOM   1365 C CB    . VAL A 1 177 ? 1.564   -5.249  20.225  1.00 54.61 ? 224 VAL A CB    1 
ATOM   1366 N N     . LYS A 1 178 ? 5.039   -5.856  20.109  1.00 52.37 ? 225 LYS A N     1 
ATOM   1367 C CA    . LYS A 1 178 ? 6.195   -5.983  19.242  1.00 51.61 ? 225 LYS A CA    1 
ATOM   1368 C C     . LYS A 1 178 ? 5.792   -6.611  17.889  1.00 51.16 ? 225 LYS A C     1 
ATOM   1369 O O     . LYS A 1 178 ? 4.802   -7.362  17.816  1.00 50.84 ? 225 LYS A O     1 
ATOM   1370 C CB    . LYS A 1 178 ? 7.299   -6.786  19.945  1.00 51.60 ? 225 LYS A CB    1 
ATOM   1371 N N     . PRO A 1 179 ? 6.548   -6.297  16.812  1.00 50.57 ? 226 PRO A N     1 
ATOM   1372 C CA    . PRO A 1 179 ? 6.243   -6.817  15.482  1.00 50.05 ? 226 PRO A CA    1 
ATOM   1373 C C     . PRO A 1 179 ? 6.407   -8.338  15.388  1.00 49.76 ? 226 PRO A C     1 
ATOM   1374 O O     . PRO A 1 179 ? 7.234   -8.917  16.085  1.00 49.47 ? 226 PRO A O     1 
ATOM   1375 C CB    . PRO A 1 179 ? 7.272   -6.109  14.595  1.00 50.03 ? 226 PRO A CB    1 
ATOM   1376 C CG    . PRO A 1 179 ? 8.425   -5.836  15.505  1.00 50.13 ? 226 PRO A CG    1 
ATOM   1377 C CD    . PRO A 1 179 ? 7.767   -5.462  16.798  1.00 50.50 ? 226 PRO A CD    1 
ATOM   1378 N N     . ARG A 1 180 ? 5.617   -8.956  14.516  1.00 49.79 ? 227 ARG A N     1 
ATOM   1379 C CA    . ARG A 1 180 ? 5.610   -10.405 14.295  1.00 50.15 ? 227 ARG A CA    1 
ATOM   1380 C C     . ARG A 1 180 ? 6.759   -10.888 13.376  1.00 49.85 ? 227 ARG A C     1 
ATOM   1381 O O     . ARG A 1 180 ? 7.284   -11.998 13.546  1.00 49.90 ? 227 ARG A O     1 
ATOM   1382 C CB    . ARG A 1 180 ? 4.237   -10.816 13.730  1.00 50.51 ? 227 ARG A CB    1 
ATOM   1383 C CG    . ARG A 1 180 ? 3.781   -12.260 13.976  1.00 52.82 ? 227 ARG A CG    1 
ATOM   1384 C CD    . ARG A 1 180 ? 3.554   -12.568 15.483  1.00 57.65 ? 227 ARG A CD    1 
ATOM   1385 N NE    . ARG A 1 180 ? 2.659   -13.706 15.751  1.00 59.75 ? 227 ARG A NE    1 
ATOM   1386 C CZ    . ARG A 1 180 ? 2.832   -14.948 15.290  1.00 61.23 ? 227 ARG A CZ    1 
ATOM   1387 N NH1   . ARG A 1 180 ? 3.859   -15.239 14.498  1.00 61.72 ? 227 ARG A NH1   1 
ATOM   1388 N NH2   . ARG A 1 180 ? 1.961   -15.902 15.603  1.00 61.98 ? 227 ARG A NH2   1 
ATOM   1389 N N     . ILE A 1 181 ? 7.144   -10.050 12.410  1.00 49.37 ? 228 ILE A N     1 
ATOM   1390 C CA    . ILE A 1 181 ? 8.205   -10.363 11.441  1.00 48.89 ? 228 ILE A CA    1 
ATOM   1391 C C     . ILE A 1 181 ? 9.051   -9.097  11.236  1.00 48.85 ? 228 ILE A C     1 
ATOM   1392 O O     . ILE A 1 181 ? 8.510   -7.999  11.311  1.00 48.70 ? 228 ILE A O     1 
ATOM   1393 C CB    . ILE A 1 181 ? 7.610   -10.841 10.073  1.00 48.62 ? 228 ILE A CB    1 
ATOM   1394 C CG1   . ILE A 1 181 ? 6.679   -12.034 10.273  1.00 48.40 ? 228 ILE A CG1   1 
ATOM   1395 C CG2   . ILE A 1 181 ? 8.704   -11.232 9.094   1.00 48.17 ? 228 ILE A CG2   1 
ATOM   1396 C CD1   . ILE A 1 181 ? 5.735   -12.294 9.124   1.00 48.86 ? 228 ILE A CD1   1 
ATOM   1397 N N     . VAL A 1 182 ? 10.360  -9.251  11.004  1.00 48.93 ? 229 VAL A N     1 
ATOM   1398 C CA    . VAL A 1 182 ? 11.247  -8.130  10.649  1.00 49.13 ? 229 VAL A CA    1 
ATOM   1399 C C     . VAL A 1 182 ? 12.264  -8.598  9.597   1.00 49.66 ? 229 VAL A C     1 
ATOM   1400 O O     . VAL A 1 182 ? 12.689  -9.744  9.618   1.00 49.46 ? 229 VAL A O     1 
ATOM   1401 C CB    . VAL A 1 182 ? 11.996  -7.535  11.885  1.00 49.01 ? 229 VAL A CB    1 
ATOM   1402 C CG1   . VAL A 1 182 ? 12.752  -6.262  11.510  1.00 49.23 ? 229 VAL A CG1   1 
ATOM   1403 C CG2   . VAL A 1 182 ? 11.045  -7.229  13.042  1.00 48.38 ? 229 VAL A CG2   1 
ATOM   1404 N N     . ILE A 1 183 ? 12.637  -7.705  8.675   1.00 50.53 ? 230 ILE A N     1 
ATOM   1405 C CA    . ILE A 1 183 ? 13.577  -8.004  7.571   1.00 51.01 ? 230 ILE A CA    1 
ATOM   1406 C C     . ILE A 1 183 ? 14.553  -6.820  7.389   1.00 51.67 ? 230 ILE A C     1 
ATOM   1407 O O     . ILE A 1 183 ? 14.105  -5.694  7.166   1.00 51.24 ? 230 ILE A O     1 
ATOM   1408 C CB    . ILE A 1 183 ? 12.835  -8.252  6.212   1.00 50.72 ? 230 ILE A CB    1 
ATOM   1409 C CG1   . ILE A 1 183 ? 11.861  -9.430  6.299   1.00 50.73 ? 230 ILE A CG1   1 
ATOM   1410 C CG2   . ILE A 1 183 ? 13.823  -8.472  5.070   1.00 50.76 ? 230 ILE A CG2   1 
ATOM   1411 C CD1   . ILE A 1 183 ? 10.811  -9.440  5.194   1.00 50.30 ? 230 ILE A CD1   1 
ATOM   1412 N N     . PRO A 1 184 ? 15.885  -7.065  7.492   1.00 52.61 ? 231 PRO A N     1 
ATOM   1413 C CA    . PRO A 1 184 ? 16.559  -8.317  7.868   1.00 53.30 ? 231 PRO A CA    1 
ATOM   1414 C C     . PRO A 1 184 ? 16.293  -8.661  9.324   1.00 54.20 ? 231 PRO A C     1 
ATOM   1415 O O     . PRO A 1 184 ? 15.916  -7.770  10.107  1.00 54.46 ? 231 PRO A O     1 
ATOM   1416 C CB    . PRO A 1 184 ? 18.042  -7.981  7.695   1.00 53.40 ? 231 PRO A CB    1 
ATOM   1417 C CG    . PRO A 1 184 ? 18.116  -6.485  7.826   1.00 52.83 ? 231 PRO A CG    1 
ATOM   1418 C CD    . PRO A 1 184 ? 16.864  -6.006  7.172   1.00 52.67 ? 231 PRO A CD    1 
ATOM   1419 N N     . SER A 1 185 ? 16.445  -9.905  9.702   1.00 54.91 ? 232 SER A N     1 
ATOM   1420 C CA    . SER A 1 185 ? 16.082  -10.252 11.039  1.00 55.59 ? 232 SER A CA    1 
ATOM   1421 C C     . SER A 1 185 ? 17.137  -9.756  11.950  1.00 56.09 ? 232 SER A C     1 
ATOM   1422 O O     . SER A 1 185 ? 18.181  -9.288  11.516  1.00 56.14 ? 232 SER A O     1 
ATOM   1423 C CB    . SER A 1 185 ? 15.929  -11.738 11.165  1.00 55.50 ? 232 SER A CB    1 
ATOM   1424 O OG    . SER A 1 185 ? 15.783  -12.273 9.883   1.00 55.88 ? 232 SER A OG    1 
ATOM   1425 N N     . LYS A 1 186 ? 16.846  -9.861  13.231  1.00 56.45 ? 233 LYS A N     1 
ATOM   1426 C CA    . LYS A 1 186 ? 17.763  -9.444  14.249  1.00 56.69 ? 233 LYS A CA    1 
ATOM   1427 C C     . LYS A 1 186 ? 18.222  -10.696 14.954  1.00 56.69 ? 233 LYS A C     1 
ATOM   1428 O O     . LYS A 1 186 ? 18.316  -11.744 14.334  1.00 56.57 ? 233 LYS A O     1 
ATOM   1429 C CB    . LYS A 1 186 ? 17.058  -8.499  15.207  1.00 56.72 ? 233 LYS A CB    1 
ATOM   1430 N N     . ARG B 2 1   ? -6.065  -15.522 -13.617 1.00 43.60 ? 1   ARG C N     1 
ATOM   1431 C CA    . ARG B 2 1   ? -4.849  -14.834 -13.086 1.00 43.99 ? 1   ARG C CA    1 
ATOM   1432 C C     . ARG B 2 1   ? -4.163  -14.077 -14.196 1.00 43.92 ? 1   ARG C C     1 
ATOM   1433 O O     . ARG B 2 1   ? -3.749  -14.696 -15.186 1.00 44.34 ? 1   ARG C O     1 
ATOM   1434 C CB    . ARG B 2 1   ? -3.863  -15.849 -12.526 1.00 44.03 ? 1   ARG C CB    1 
ATOM   1435 C CG    . ARG B 2 1   ? -4.093  -16.217 -11.069 1.00 45.76 ? 1   ARG C CG    1 
ATOM   1436 C CD    . ARG B 2 1   ? -3.082  -15.540 -10.138 1.00 47.48 ? 1   ARG C CD    1 
ATOM   1437 N NE    . ARG B 2 1   ? -1.784  -16.215 -10.149 1.00 47.73 ? 1   ARG C NE    1 
ATOM   1438 C CZ    . ARG B 2 1   ? -1.471  -17.252 -9.379  1.00 48.22 ? 1   ARG C CZ    1 
ATOM   1439 N NH1   . ARG B 2 1   ? -2.358  -17.741 -8.522  1.00 48.94 ? 1   ARG C NH1   1 
ATOM   1440 N NH2   . ARG B 2 1   ? -0.264  -17.800 -9.459  1.00 48.87 ? 1   ARG C NH2   1 
ATOM   1441 N N     . ILE B 2 2   ? -4.036  -12.754 -14.037 1.00 43.37 ? 2   ILE C N     1 
ATOM   1442 C CA    . ILE B 2 2   ? -3.393  -11.898 -15.050 1.00 42.66 ? 2   ILE C CA    1 
ATOM   1443 C C     . ILE B 2 2   ? -2.199  -11.140 -14.462 1.00 42.45 ? 2   ILE C C     1 
ATOM   1444 O O     . ILE B 2 2   ? -2.353  -10.381 -13.506 1.00 42.56 ? 2   ILE C O     1 
ATOM   1445 C CB    . ILE B 2 2   ? -4.382  -10.894 -15.699 1.00 42.43 ? 2   ILE C CB    1 
ATOM   1446 C CG1   . ILE B 2 2   ? -5.773  -11.504 -15.876 1.00 42.50 ? 2   ILE C CG1   1 
ATOM   1447 C CG2   . ILE B 2 2   ? -3.865  -10.446 -17.045 1.00 42.44 ? 2   ILE C CG2   1 
ATOM   1448 C CD1   . ILE B 2 2   ? -6.890  -10.481 -16.203 1.00 42.44 ? 2   ILE C CD1   1 
ATOM   1449 N N     . ILE B 2 3   ? -1.022  -11.341 -15.053 1.00 42.10 ? 3   ILE C N     1 
ATOM   1450 C CA    . ILE B 2 3   ? 0.245   -10.840 -14.502 1.00 41.95 ? 3   ILE C CA    1 
ATOM   1451 C C     . ILE B 2 3   ? 0.974   -9.852  -15.432 1.00 42.16 ? 3   ILE C C     1 
ATOM   1452 O O     . ILE B 2 3   ? 1.288   -10.175 -16.581 1.00 42.47 ? 3   ILE C O     1 
ATOM   1453 C CB    . ILE B 2 3   ? 1.171   -12.026 -14.127 1.00 41.79 ? 3   ILE C CB    1 
ATOM   1454 C CG1   . ILE B 2 3   ? 0.633   -12.721 -12.881 1.00 41.60 ? 3   ILE C CG1   1 
ATOM   1455 C CG2   . ILE B 2 3   ? 2.608   -11.577 -13.907 1.00 41.41 ? 3   ILE C CG2   1 
ATOM   1456 C CD1   . ILE B 2 3   ? 1.106   -14.143 -12.719 1.00 42.95 ? 3   ILE C CD1   1 
ATOM   1457 N N     . TYR B 2 4   ? 1.240   -8.655  -14.914 1.00 42.05 ? 4   TYR C N     1 
ATOM   1458 C CA    . TYR B 2 4   ? 1.873   -7.579  -15.662 1.00 41.99 ? 4   TYR C CA    1 
ATOM   1459 C C     . TYR B 2 4   ? 3.037   -7.106  -14.837 1.00 42.65 ? 4   TYR C C     1 
ATOM   1460 O O     . TYR B 2 4   ? 2.855   -6.753  -13.664 1.00 42.98 ? 4   TYR C O     1 
ATOM   1461 C CB    . TYR B 2 4   ? 0.928   -6.379  -15.794 1.00 41.67 ? 4   TYR C CB    1 
ATOM   1462 C CG    . TYR B 2 4   ? -0.338  -6.587  -16.592 1.00 40.48 ? 4   TYR C CG    1 
ATOM   1463 C CD1   . TYR B 2 4   ? -0.280  -6.960  -17.919 1.00 40.10 ? 4   TYR C CD1   1 
ATOM   1464 C CD2   . TYR B 2 4   ? -1.594  -6.362  -16.028 1.00 39.47 ? 4   TYR C CD2   1 
ATOM   1465 C CE1   . TYR B 2 4   ? -1.429  -7.129  -18.670 1.00 40.12 ? 4   TYR C CE1   1 
ATOM   1466 C CE2   . TYR B 2 4   ? -2.757  -6.527  -16.774 1.00 39.07 ? 4   TYR C CE2   1 
ATOM   1467 C CZ    . TYR B 2 4   ? -2.658  -6.914  -18.101 1.00 39.17 ? 4   TYR C CZ    1 
ATOM   1468 O OH    . TYR B 2 4   ? -3.763  -7.092  -18.893 1.00 39.06 ? 4   TYR C OH    1 
ATOM   1469 N N     . ASP B 2 5   ? 4.227   -7.070  -15.426 1.00 43.19 ? 5   ASP C N     1 
ATOM   1470 C CA    . ASP B 2 5   ? 5.380   -6.510  -14.715 1.00 43.88 ? 5   ASP C CA    1 
ATOM   1471 C C     . ASP B 2 5   ? 5.463   -4.973  -14.841 1.00 44.21 ? 5   ASP C C     1 
ATOM   1472 O O     . ASP B 2 5   ? 4.744   -4.378  -15.652 1.00 44.38 ? 5   ASP C O     1 
ATOM   1473 C CB    . ASP B 2 5   ? 6.680   -7.207  -15.144 1.00 44.07 ? 5   ASP C CB    1 
ATOM   1474 C CG    . ASP B 2 5   ? 6.817   -7.355  -16.658 1.00 45.37 ? 5   ASP C CG    1 
ATOM   1475 O OD1   . ASP B 2 5   ? 7.785   -8.022  -17.097 1.00 47.16 ? 5   ASP C OD1   1 
ATOM   1476 O OD2   . ASP B 2 5   ? 5.980   -6.816  -17.412 1.00 46.71 ? 5   ASP C OD2   1 
ATOM   1477 N N     . ARG B 2 6   ? 6.327   -4.332  -14.045 1.00 44.55 ? 6   ARG C N     1 
ATOM   1478 C CA    . ARG B 2 6   ? 6.549   -2.877  -14.168 1.00 44.82 ? 6   ARG C CA    1 
ATOM   1479 C C     . ARG B 2 6   ? 7.037   -2.438  -15.553 1.00 44.97 ? 6   ARG C C     1 
ATOM   1480 O O     . ARG B 2 6   ? 6.596   -1.406  -16.065 1.00 45.26 ? 6   ARG C O     1 
ATOM   1481 C CB    . ARG B 2 6   ? 7.463   -2.323  -13.064 1.00 44.71 ? 6   ARG C CB    1 
ATOM   1482 C CG    . ARG B 2 6   ? 8.947   -2.658  -13.180 1.00 45.99 ? 6   ARG C CG    1 
ATOM   1483 C CD    . ARG B 2 6   ? 9.764   -1.969  -12.075 1.00 48.20 ? 6   ARG C CD    1 
ATOM   1484 N NE    . ARG B 2 6   ? 9.656   -0.500  -12.119 1.00 50.39 ? 6   ARG C NE    1 
ATOM   1485 C CZ    . ARG B 2 6   ? 10.469  0.315   -12.802 1.00 51.26 ? 6   ARG C CZ    1 
ATOM   1486 N NH1   . ARG B 2 6   ? 11.477  -0.174  -13.520 1.00 51.39 ? 6   ARG C NH1   1 
ATOM   1487 N NH2   . ARG B 2 6   ? 10.280  1.630   -12.769 1.00 51.02 ? 6   ARG C NH2   1 
ATOM   1488 N N     . LYS B 2 7   ? 7.929   -3.211  -16.172 1.00 45.04 ? 7   LYS C N     1 
ATOM   1489 C CA    . LYS B 2 7   ? 8.375   -2.868  -17.520 1.00 45.21 ? 7   LYS C CA    1 
ATOM   1490 C C     . LYS B 2 7   ? 7.159   -2.652  -18.423 1.00 45.09 ? 7   LYS C C     1 
ATOM   1491 O O     . LYS B 2 7   ? 7.012   -1.599  -19.051 1.00 44.44 ? 7   LYS C O     1 
ATOM   1492 C CB    . LYS B 2 7   ? 9.316   -3.938  -18.097 1.00 45.41 ? 7   LYS C CB    1 
ATOM   1493 N N     . PHE B 2 8   ? 6.276   -3.646  -18.437 1.00 45.35 ? 8   PHE C N     1 
ATOM   1494 C CA    . PHE B 2 8   ? 5.076   -3.603  -19.265 1.00 45.79 ? 8   PHE C CA    1 
ATOM   1495 C C     . PHE B 2 8   ? 4.172   -2.427  -18.924 1.00 46.20 ? 8   PHE C C     1 
ATOM   1496 O O     . PHE B 2 8   ? 3.786   -1.652  -19.809 1.00 46.26 ? 8   PHE C O     1 
ATOM   1497 C CB    . PHE B 2 8   ? 4.282   -4.905  -19.145 1.00 45.56 ? 8   PHE C CB    1 
ATOM   1498 C CG    . PHE B 2 8   ? 3.020   -4.914  -19.954 1.00 44.64 ? 8   PHE C CG    1 
ATOM   1499 C CD1   . PHE B 2 8   ? 1.799   -4.641  -19.354 1.00 44.01 ? 8   PHE C CD1   1 
ATOM   1500 C CD2   . PHE B 2 8   ? 3.060   -5.182  -21.320 1.00 43.59 ? 8   PHE C CD2   1 
ATOM   1501 C CE1   . PHE B 2 8   ? 0.630   -4.642  -20.097 1.00 44.45 ? 8   PHE C CE1   1 
ATOM   1502 C CE2   . PHE B 2 8   ? 1.911   -5.184  -22.073 1.00 43.87 ? 8   PHE C CE2   1 
ATOM   1503 C CZ    . PHE B 2 8   ? 0.682   -4.918  -21.459 1.00 45.19 ? 8   PHE C CZ    1 
ATOM   1504 N N     . LEU B 2 9   ? 3.832   -2.315  -17.640 1.00 46.51 ? 9   LEU C N     1 
ATOM   1505 C CA    . LEU B 2 9   ? 2.947   -1.261  -17.168 1.00 46.89 ? 9   LEU C CA    1 
ATOM   1506 C C     . LEU B 2 9   ? 3.383   0.139   -17.633 1.00 47.64 ? 9   LEU C C     1 
ATOM   1507 O O     . LEU B 2 9   ? 2.562   0.918   -18.104 1.00 47.57 ? 9   LEU C O     1 
ATOM   1508 C CB    . LEU B 2 9   ? 2.768   -1.349  -15.646 1.00 46.36 ? 9   LEU C CB    1 
ATOM   1509 C CG    . LEU B 2 9   ? 1.989   -2.578  -15.147 1.00 45.13 ? 9   LEU C CG    1 
ATOM   1510 C CD1   . LEU B 2 9   ? 1.909   -2.626  -13.616 1.00 43.81 ? 9   LEU C CD1   1 
ATOM   1511 C CD2   . LEU B 2 9   ? 0.604   -2.674  -15.765 1.00 42.64 ? 9   LEU C CD2   1 
ATOM   1512 N N     . MET B 2 10  ? 4.675   0.435   -17.543 1.00 48.62 ? 10  MET C N     1 
ATOM   1513 C CA    . MET B 2 10  ? 5.206   1.698   -18.050 1.00 49.90 ? 10  MET C CA    1 
ATOM   1514 C C     . MET B 2 10  ? 5.095   1.925   -19.577 1.00 50.59 ? 10  MET C C     1 
ATOM   1515 O O     . MET B 2 10  ? 4.961   3.071   -20.034 1.00 50.78 ? 10  MET C O     1 
ATOM   1516 C CB    . MET B 2 10  ? 6.632   1.881   -17.569 1.00 49.91 ? 10  MET C CB    1 
ATOM   1517 C CG    . MET B 2 10  ? 6.691   2.650   -16.284 1.00 50.88 ? 10  MET C CG    1 
ATOM   1518 S SD    . MET B 2 10  ? 7.764   1.876   -15.070 1.00 52.94 ? 10  MET C SD    1 
ATOM   1519 C CE    . MET B 2 10  ? 7.872   3.239   -13.903 1.00 53.91 ? 10  MET C CE    1 
ATOM   1520 N N     . GLU B 2 11  ? 5.138   0.843   -20.359 1.00 51.28 ? 11  GLU C N     1 
ATOM   1521 C CA    . GLU B 2 11  ? 4.849   0.921   -21.799 1.00 51.78 ? 11  GLU C CA    1 
ATOM   1522 C C     . GLU B 2 11  ? 3.354   1.194   -22.071 1.00 52.10 ? 11  GLU C C     1 
ATOM   1523 O O     . GLU B 2 11  ? 2.965   1.492   -23.202 1.00 52.27 ? 11  GLU C O     1 
ATOM   1524 C CB    . GLU B 2 11  ? 5.316   -0.344  -22.534 1.00 51.61 ? 11  GLU C CB    1 
ATOM   1525 N N     . CYS B 2 12  ? 2.524   1.096   -21.037 1.00 52.32 ? 12  CYS C N     1 
ATOM   1526 C CA    . CYS B 2 12  ? 1.104   1.435   -21.153 1.00 52.62 ? 12  CYS C CA    1 
ATOM   1527 C C     . CYS B 2 12  ? 0.803   2.917   -20.828 1.00 52.65 ? 12  CYS C C     1 
ATOM   1528 O O     . CYS B 2 12  ? -0.365  3.328   -20.809 1.00 52.77 ? 12  CYS C O     1 
ATOM   1529 C CB    . CYS B 2 12  ? 0.259   0.524   -20.250 1.00 52.62 ? 12  CYS C CB    1 
ATOM   1530 S SG    . CYS B 2 12  ? 0.053   -1.183  -20.811 1.00 53.47 ? 12  CYS C SG    1 
ATOM   1531 N N     . ARG B 2 13  ? 1.841   3.710   -20.567 1.00 52.48 ? 13  ARG C N     1 
ATOM   1532 C CA    . ARG B 2 13  ? 1.643   5.093   -20.149 1.00 52.43 ? 13  ARG C CA    1 
ATOM   1533 C C     . ARG B 2 13  ? 1.782   6.072   -21.340 1.00 53.03 ? 13  ARG C C     1 
ATOM   1534 O O     . ARG B 2 13  ? 1.875   5.650   -22.501 1.00 53.25 ? 13  ARG C O     1 
ATOM   1535 C CB    . ARG B 2 13  ? 2.608   5.424   -19.012 1.00 52.04 ? 13  ARG C CB    1 
ATOM   1536 C CG    . ARG B 2 13  ? 2.140   6.519   -18.084 1.00 50.79 ? 13  ARG C CG    1 
ATOM   1537 C CD    . ARG B 2 13  ? 3.135   6.734   -16.936 1.00 48.50 ? 13  ARG C CD    1 
ATOM   1538 N NE    . ARG B 2 13  ? 2.709   7.793   -16.014 1.00 46.09 ? 13  ARG C NE    1 
ATOM   1539 C CZ    . ARG B 2 13  ? 3.326   8.108   -14.880 1.00 43.93 ? 13  ARG C CZ    1 
ATOM   1540 N NH1   . ARG B 2 13  ? 4.400   7.442   -14.506 1.00 43.64 ? 13  ARG C NH1   1 
ATOM   1541 N NH2   . ARG B 2 13  ? 2.866   9.082   -14.114 1.00 42.88 ? 13  ARG C NH2   1 
HETATM 1542 P PA    . M7G C 3 .   ? -3.140  7.133   11.423  1.00 78.26 ? 1   M7G A PA    1 
HETATM 1543 O O1A   . M7G C 3 .   ? -3.618  7.479   10.030  1.00 77.20 ? 1   M7G A O1A   1 
HETATM 1544 O O2A   . M7G C 3 .   ? -3.146  5.677   11.834  1.00 78.37 ? 1   M7G A O2A   1 
HETATM 1545 O O3A   . M7G C 3 .   ? -1.629  7.701   11.672  1.00 78.95 ? 1   M7G A O3A   1 
HETATM 1546 O "O5'" . M7G C 3 .   ? -4.031  8.029   12.437  1.00 79.10 ? 1   M7G A "O5'" 1 
HETATM 1547 P PB    . M7G C 3 .   ? -1.064  8.607   12.916  1.00 80.09 ? 1   M7G A PB    1 
HETATM 1548 O O1B   . M7G C 3 .   ? -1.993  9.753   13.276  1.00 78.78 ? 1   M7G A O1B   1 
HETATM 1549 O O2B   . M7G C 3 .   ? 0.359   8.975   12.550  1.00 79.94 ? 1   M7G A O2B   1 
HETATM 1550 O O3B   . M7G C 3 .   ? -1.006  7.591   14.175  1.00 78.87 ? 1   M7G A O3B   1 
HETATM 1551 C "C5'" . M7G C 3 .   ? -4.689  7.548   13.614  1.00 78.72 ? 1   M7G A "C5'" 1 
HETATM 1552 C "C4'" . M7G C 3 .   ? -6.023  8.280   13.661  1.00 78.80 ? 1   M7G A "C4'" 1 
HETATM 1553 O "O4'" . M7G C 3 .   ? -6.794  7.864   12.536  1.00 78.12 ? 1   M7G A "O4'" 1 
HETATM 1554 C "C3'" . M7G C 3 .   ? -6.857  7.974   14.894  1.00 79.60 ? 1   M7G A "C3'" 1 
HETATM 1555 O "O3'" . M7G C 3 .   ? -7.519  9.185   15.301  1.00 80.26 ? 1   M7G A "O3'" 1 
HETATM 1556 C "C2'" . M7G C 3 .   ? -7.862  6.919   14.451  1.00 79.10 ? 1   M7G A "C2'" 1 
HETATM 1557 O "O2'" . M7G C 3 .   ? -9.167  7.110   15.027  1.00 78.97 ? 1   M7G A "O2'" 1 
HETATM 1558 C "C1'" . M7G C 3 .   ? -7.921  7.085   12.940  1.00 77.82 ? 1   M7G A "C1'" 1 
HETATM 1559 N N9    . M7G C 3 .   ? -7.922  5.821   12.163  1.00 76.53 ? 1   M7G A N9    1 
HETATM 1560 C C8    . M7G C 3 .   ? -6.993  5.462   11.260  1.00 76.30 ? 1   M7G A C8    1 
HETATM 1561 N N7    . M7G C 3 .   ? -7.313  4.276   10.721  1.00 75.94 ? 1   M7G A N7    1 
HETATM 1562 C CM7   . M7G C 3 .   ? -6.511  3.562   9.693   1.00 76.21 ? 1   M7G A CM7   1 
HETATM 1563 C C5    . M7G C 3 .   ? -8.461  3.905   11.294  1.00 75.75 ? 1   M7G A C5    1 
HETATM 1564 C C6    . M7G C 3 .   ? -9.223  2.759   11.090  1.00 75.83 ? 1   M7G A C6    1 
HETATM 1565 O O6    . M7G C 3 .   ? -8.877  1.872   10.277  1.00 75.12 ? 1   M7G A O6    1 
HETATM 1566 N N1    . M7G C 3 .   ? -10.361 2.628   11.821  1.00 75.58 ? 1   M7G A N1    1 
HETATM 1567 C C2    . M7G C 3 .   ? -10.739 3.584   12.710  1.00 74.62 ? 1   M7G A C2    1 
HETATM 1568 N N2    . M7G C 3 .   ? -11.878 3.419   13.413  1.00 74.20 ? 1   M7G A N2    1 
HETATM 1569 N N3    . M7G C 3 .   ? -10.000 4.700   12.906  1.00 74.61 ? 1   M7G A N3    1 
HETATM 1570 C C4    . M7G C 3 .   ? -8.856  4.870   12.201  1.00 75.64 ? 1   M7G A C4    1 
HETATM 1571 O O     . HOH D 4 .   ? -4.268  10.113  -19.462 1.00 21.67 ? 2   HOH A O     1 
HETATM 1572 O O     . HOH D 4 .   ? -12.256 -1.529  -24.142 1.00 13.74 ? 237 HOH A O     1 
# 
